data_9FGD
#
_entry.id   9FGD
#
_cell.length_a   1.00
_cell.length_b   1.00
_cell.length_c   1.00
_cell.angle_alpha   90.00
_cell.angle_beta   90.00
_cell.angle_gamma   90.00
#
_symmetry.space_group_name_H-M   'P 1'
#
loop_
_entity.id
_entity.type
_entity.pdbx_description
1 polymer 'Gamma-aminobutyric acid receptor subunit alpha-1'
2 polymer 'Gamma-aminobutyric acid receptor subunit beta-3'
3 polymer 'Gamma-aminobutyric acid receptor subunit gamma-2'
4 polymer 'Megabody-38,Outer membrane protein'
5 branched alpha-D-mannopyranose-(1-2)-alpha-D-mannopyranose-(1-2)-alpha-D-mannopyranose-(1-3)-[alpha-D-mannopyranose-(1-2)-alpha-D-mannopyranose-(1-6)-[alpha-D-mannopyranose-(1-3)]alpha-D-mannopyranose-(1-6)]beta-D-mannopyranose-(1-4)-2-acetamido-2-deoxy-beta-D-glucopyranose-(1-4)-2-acetamido-2-deoxy-beta-D-glucopyranose
6 branched 2-acetamido-2-deoxy-beta-D-glucopyranose-(1-4)-2-acetamido-2-deoxy-beta-D-glucopyranose
7 branched alpha-D-mannopyranose-(1-3)-alpha-D-mannopyranose-(1-6)-[alpha-D-mannopyranose-(1-3)]beta-D-mannopyranose-(1-4)-2-acetamido-2-deoxy-beta-D-glucopyranose-(1-4)-2-acetamido-2-deoxy-beta-D-glucopyranose
8 branched alpha-D-mannopyranose-(1-3)-[alpha-D-mannopyranose-(1-6)]beta-D-mannopyranose-(1-4)-2-acetamido-2-deoxy-beta-D-glucopyranose-(1-4)-2-acetamido-2-deoxy-beta-D-glucopyranose
9 non-polymer 2-acetamido-2-deoxy-beta-D-glucopyranose
10 non-polymer DECANE
#
loop_
_entity_poly.entity_id
_entity_poly.type
_entity_poly.pdbx_seq_one_letter_code
_entity_poly.pdbx_strand_id
1 'polypeptide(L)'
;MKKSPGLSDYLWAWTLFLSTLTGRSYGDYKDDDDKQPSLQDELKDNTTVFTRILDRLLDGYDNRLRPGLGERVTEVKTDI
FVTSFGPVSDHDMEYTIDVFFRQSWKDERLKFKGPMTVLRLNNLMASKIWTPDTFFHNGKKSVAHNMTMPNKLLRITEDG
TLLYTMRLTVRAECPMHLEDFPMDAHACPLKFGSYAYTRAEVVYEWTREPARSVVVAEDGSRLNQYDLLGQTVDSGIVQS
STGEYVVMTTHFHLKRKIGYFVIQTYLPCIMTVILSQVSFWLNRESVPARTVFGVTTVLTMTTLSISARNSLPKVAYATA
MDWFIAVCYAFVFSALIEFATVNYFTKRGYAWDGKSVVPEKPKKVKDPLIKKNNTYAPTATSYTPNLARGDPGLATIAKS
ATIEPKEVKPETKPPEPKKTFNSVSKIDRLSRIAFPLLFGIFNLVYWATYLNREPQLKAPTPHQ
;
A,D
2 'polypeptide(L)'
;MCSGLLELLLPIWLSWTLGTRGSEPRSVNDPGNMSFVKETVDKLLKGYDIRLRPDFGGPPVCVGMNIDIASIDMVSEVNM
DYTLTMYFQQYWRDKRLAYSGIPLNLTLDNRVADQLWVPDTYFLNDKKSFVHGVTVKNRMIRLHPDGTVLYGLRITTTAA
CMMDLRRYPLDEQNCTLEIESYGYTTDDIEFYWRGGDKAVTGVERIELPQFSIVEHRLVSRNVVFATGAYPRLSLSFRLK
RNIGYFILQTYMPSILITILSWVSFWINYDASAARVALGITTVLTMTTINTHLRETLPKIPYVKAIDMYLMGCFVFVFLA
LLEYAFVNYIFFGRGPQRQKKLAEKTAKAKNDRSKSESNRVDAHGNILLTSLEVHNEMNEVSGGIGDTRNSAISFDNSGI
QYRKQSMPREGHGRFLGDRSLPHKKTHLRRRSSQLKIKIPDLTDVNAIDRWSRIVFPFTFSLFNLVYWLYYVN
;
B,E
3 'polypeptide(L)'
;MSSPNIWSTGSSVYSTPVFSQKMTVWILLLLSLYPGFTSQKSDDDYEDYASNKTWVLTPKVPEGDVTVILNNLLEGYDNK
LRPDIGVKPTLIHTDMYVNSIGPVNAINMEYTIDIFFAQTWYDRRLKFNSTIKVLRLNSNMVGKIWIPDTFFRNSKKADA
HWITTPNRMLRIWNDGRVLYTLRLTIDAECQLQLHNFPMDEHSCPLEFSSYGYPREEIVYQWKRSSVEVGDTRSWRLYQF
SFVGLRNTTEVVKTTSGDYVVMSVYFDLSRRMGYFTIQTYIPCTLIVVLSWVSFWINKDAVPARTSLGITTVLTMTTLST
IARKSLPKVSYVTAMDLFVSVCFIFVFSALVEYGTLHYFVSNRKPSKDKDKKKKNPLLRMFSFKAPTIDIRPRSATIQMN
NATHLQERDEEYGYECLDGKDCASFFCCFEDCRTGAWRHGRIHIRIAKMDSYARIFFPTAFCLFNLVYWVSYLYLGGSGG
SGGSGKTETSQVAPA
;
C
4 'polypeptide(L)'
;QVQLQESGGGLVQTKTTTSVIDTTNDAQNLLTQAQTIVNTLKDYCPILIAKSSSSNGGTNNANTPSWQTAGGGKNSCATF
GAEFSAASDMINNAQKIVQETQQLSANQPKNITQPHNLNLNSPSSLTALAQKMLKNAQSQAEILKLANQVESDFNKLSSG
HLKDYIGKCDASAISSANMTMQNQKNNWGNGCAGVEETQSLLKTSAADFNNQTPQINQAQNLANTLIQELGNNPFRASGG
GSGGGGSGKLSDTYEQLSRLLTNDNGTNSKTSAQAINQAVNNLNERAKTLAGGTTNSPAYQATLLALRSVLGLWNSMGYA
VICGGYTKSPGENNQKDFHYTDENGNGTTINCGGSTNSNGTHSYNGTNTLKADKNVSLSIEQYEKIHEAYQILSKALKQA
GLAPLNSKGEKLEAHVTTSKYGSLRVSCAASGRTFTTYIMAWFRQAPGKEREFLAAMDQGRIQYYGDSVRGRFTISRDYA
KNSVDLQLDGLRPEDTAVYYCAAGAGFWGLRTASSYHYWGQGTQVTVSSHHHHHHEPEA
;
F
#
loop_
_chem_comp.id
_chem_comp.type
_chem_comp.name
_chem_comp.formula
BMA D-saccharide, beta linking beta-D-mannopyranose 'C6 H12 O6'
D10 non-polymer DECANE 'C10 H22'
MAN D-saccharide, alpha linking alpha-D-mannopyranose 'C6 H12 O6'
NAG D-saccharide, beta linking 2-acetamido-2-deoxy-beta-D-glucopyranose 'C8 H15 N O6'
#
# COMPACT_ATOMS: atom_id res chain seq x y z
N THR A 47 24.65 19.38 44.60
CA THR A 47 24.30 18.10 43.98
C THR A 47 22.90 17.67 44.41
N THR A 48 22.75 17.32 45.68
CA THR A 48 21.46 16.89 46.19
C THR A 48 20.44 18.02 46.22
N VAL A 49 20.89 19.27 46.11
CA VAL A 49 19.96 20.40 46.10
C VAL A 49 19.02 20.31 44.91
N PHE A 50 19.56 19.98 43.74
CA PHE A 50 18.72 19.83 42.55
C PHE A 50 17.71 18.71 42.72
N THR A 51 18.12 17.60 43.35
CA THR A 51 17.19 16.49 43.57
C THR A 51 16.03 16.90 44.46
N ARG A 52 16.31 17.68 45.51
CA ARG A 52 15.25 18.11 46.42
C ARG A 52 14.24 19.01 45.72
N ILE A 53 14.72 19.86 44.80
CA ILE A 53 13.82 20.80 44.12
C ILE A 53 12.79 20.03 43.30
N LEU A 54 13.22 18.98 42.59
CA LEU A 54 12.31 18.23 41.75
C LEU A 54 11.23 17.54 42.57
N ASP A 55 11.61 16.96 43.72
CA ASP A 55 10.65 16.21 44.52
C ASP A 55 9.54 17.10 45.04
N ARG A 56 9.86 18.32 45.46
CA ARG A 56 8.86 19.20 46.03
C ARG A 56 7.84 19.66 44.99
N LEU A 57 8.21 19.66 43.72
CA LEU A 57 7.31 20.18 42.69
C LEU A 57 6.04 19.35 42.60
N LEU A 58 6.17 18.02 42.65
CA LEU A 58 5.01 17.16 42.48
C LEU A 58 4.21 17.00 43.75
N ASP A 59 4.71 17.47 44.89
CA ASP A 59 3.98 17.34 46.16
C ASP A 59 2.74 18.23 46.11
N GLY A 60 1.56 17.61 46.04
CA GLY A 60 0.32 18.32 45.96
C GLY A 60 -0.10 18.71 44.56
N TYR A 61 0.76 18.57 43.57
CA TYR A 61 0.40 18.87 42.20
C TYR A 61 -0.53 17.80 41.66
N ASP A 62 -1.59 18.24 40.98
CA ASP A 62 -2.59 17.34 40.42
C ASP A 62 -2.53 17.42 38.90
N ASN A 63 -2.35 16.27 38.26
CA ASN A 63 -2.21 16.20 36.81
C ASN A 63 -3.53 16.03 36.10
N ARG A 64 -4.65 16.03 36.82
CA ARG A 64 -5.96 15.93 36.18
C ARG A 64 -6.63 17.28 35.99
N LEU A 65 -6.07 18.36 36.51
CA LEU A 65 -6.68 19.67 36.44
C LEU A 65 -5.75 20.63 35.71
N ARG A 66 -6.28 21.31 34.70
CA ARG A 66 -5.48 22.30 33.99
C ARG A 66 -5.14 23.46 34.93
N PRO A 67 -4.06 24.17 34.67
CA PRO A 67 -3.71 25.31 35.52
C PRO A 67 -4.82 26.34 35.54
N GLY A 68 -5.05 26.91 36.72
CA GLY A 68 -6.10 27.91 36.86
C GLY A 68 -7.48 27.38 36.54
N LEU A 69 -7.82 26.20 37.04
CA LEU A 69 -9.13 25.62 36.79
C LEU A 69 -10.20 26.42 37.52
N GLY A 70 -11.25 26.80 36.79
CA GLY A 70 -12.35 27.54 37.38
C GLY A 70 -11.95 28.94 37.84
N GLU A 71 -10.79 29.40 37.40
CA GLU A 71 -10.28 30.71 37.77
C GLU A 71 -10.02 31.62 36.59
N ARG A 72 -9.48 31.08 35.51
CA ARG A 72 -9.14 31.87 34.33
C ARG A 72 -9.08 30.92 33.13
N VAL A 73 -8.60 31.43 32.00
CA VAL A 73 -8.46 30.64 30.78
C VAL A 73 -7.00 30.30 30.61
N THR A 74 -6.69 29.01 30.53
CA THR A 74 -5.32 28.61 30.25
C THR A 74 -4.95 28.96 28.82
N GLU A 75 -3.81 29.62 28.65
CA GLU A 75 -3.40 30.16 27.36
C GLU A 75 -2.14 29.44 26.91
N VAL A 76 -2.20 28.82 25.74
CA VAL A 76 -1.11 28.02 25.21
C VAL A 76 -0.56 28.75 23.99
N LYS A 77 0.71 29.14 24.04
CA LYS A 77 1.37 29.79 22.93
C LYS A 77 2.25 28.77 22.22
N THR A 78 2.05 28.61 20.92
CA THR A 78 2.66 27.54 20.17
C THR A 78 3.28 28.05 18.89
N ASP A 79 4.23 27.28 18.37
CA ASP A 79 4.82 27.52 17.06
C ASP A 79 5.36 26.20 16.53
N ILE A 80 5.51 26.13 15.21
CA ILE A 80 5.88 24.90 14.54
C ILE A 80 7.11 25.15 13.68
N PHE A 81 8.07 24.24 13.74
CA PHE A 81 9.23 24.24 12.85
C PHE A 81 9.13 22.99 11.98
N VAL A 82 9.15 23.18 10.67
CA VAL A 82 8.95 22.10 9.71
C VAL A 82 10.31 21.65 9.22
N THR A 83 10.74 20.45 9.62
CA THR A 83 12.02 19.95 9.16
C THR A 83 11.95 19.49 7.71
N SER A 84 10.87 18.83 7.32
CA SER A 84 10.77 18.34 5.95
C SER A 84 9.30 18.14 5.61
N PHE A 85 8.79 18.95 4.70
CA PHE A 85 7.45 18.75 4.16
C PHE A 85 7.44 17.46 3.37
N GLY A 86 6.80 16.41 3.91
CA GLY A 86 6.91 15.10 3.36
C GLY A 86 6.21 14.96 2.02
N PRO A 87 6.29 13.77 1.45
CA PRO A 87 5.69 13.53 0.14
C PRO A 87 4.18 13.64 0.18
N VAL A 88 3.61 14.06 -0.94
CA VAL A 88 2.16 14.20 -1.11
C VAL A 88 1.68 13.07 -2.00
N SER A 89 0.69 12.31 -1.53
CA SER A 89 0.16 11.16 -2.24
C SER A 89 -1.20 11.52 -2.81
N ASP A 90 -1.35 11.38 -4.13
CA ASP A 90 -2.63 11.66 -4.77
C ASP A 90 -3.61 10.52 -4.58
N HIS A 91 -3.13 9.28 -4.52
CA HIS A 91 -4.03 8.14 -4.38
C HIS A 91 -4.74 8.17 -3.04
N ASP A 92 -4.02 8.44 -1.96
CA ASP A 92 -4.62 8.54 -0.63
C ASP A 92 -5.04 9.96 -0.29
N MET A 93 -4.67 10.94 -1.12
CA MET A 93 -5.01 12.35 -0.88
C MET A 93 -4.53 12.81 0.49
N GLU A 94 -3.35 12.36 0.89
CA GLU A 94 -2.76 12.69 2.18
C GLU A 94 -1.30 13.06 1.98
N TYR A 95 -0.81 13.96 2.82
CA TYR A 95 0.58 14.41 2.76
C TYR A 95 1.23 14.23 4.12
N THR A 96 2.47 13.78 4.11
CA THR A 96 3.26 13.62 5.31
C THR A 96 3.96 14.93 5.65
N ILE A 97 4.36 15.07 6.92
CA ILE A 97 5.12 16.24 7.34
C ILE A 97 5.78 15.91 8.67
N ASP A 98 7.02 16.36 8.83
CA ASP A 98 7.76 16.25 10.08
C ASP A 98 7.89 17.63 10.71
N VAL A 99 7.56 17.73 11.99
CA VAL A 99 7.52 19.03 12.67
C VAL A 99 8.28 18.94 13.98
N PHE A 100 8.67 20.11 14.47
CA PHE A 100 9.19 20.28 15.82
C PHE A 100 8.15 21.12 16.57
N PHE A 101 7.16 20.43 17.12
CA PHE A 101 5.97 21.10 17.63
C PHE A 101 6.26 21.67 19.02
N ARG A 102 6.29 22.99 19.13
CA ARG A 102 6.56 23.67 20.38
CA ARG A 102 6.56 23.67 20.38
C ARG A 102 5.26 24.13 21.02
N GLN A 103 5.28 24.25 22.35
CA GLN A 103 4.10 24.68 23.09
C GLN A 103 4.53 25.33 24.39
N SER A 104 4.00 26.51 24.67
CA SER A 104 4.33 27.24 25.89
C SER A 104 3.06 27.68 26.60
N TRP A 105 3.06 27.57 27.92
CA TRP A 105 1.94 28.01 28.74
C TRP A 105 2.46 28.29 30.14
N LYS A 106 1.65 28.97 30.93
CA LYS A 106 2.02 29.35 32.29
C LYS A 106 1.24 28.52 33.29
N ASP A 107 1.96 27.91 34.24
CA ASP A 107 1.36 27.16 35.32
C ASP A 107 1.87 27.72 36.64
N GLU A 108 0.96 28.14 37.50
CA GLU A 108 1.34 28.76 38.76
C GLU A 108 1.72 27.75 39.83
N ARG A 109 1.46 26.47 39.61
CA ARG A 109 1.72 25.44 40.62
C ARG A 109 3.13 24.89 40.55
N LEU A 110 3.95 25.33 39.60
CA LEU A 110 5.29 24.81 39.43
C LEU A 110 6.34 25.88 39.68
N LYS A 111 6.02 26.90 40.45
CA LYS A 111 7.00 27.91 40.80
C LYS A 111 8.03 27.33 41.78
N PHE A 112 9.29 27.71 41.59
CA PHE A 112 10.35 27.21 42.44
C PHE A 112 11.46 28.25 42.49
N LYS A 113 12.26 28.19 43.56
CA LYS A 113 13.40 29.08 43.75
C LYS A 113 14.63 28.27 44.09
N GLY A 114 15.75 28.63 43.49
CA GLY A 114 17.00 27.94 43.70
C GLY A 114 18.12 28.53 42.87
N PRO A 115 19.32 27.98 43.00
CA PRO A 115 20.44 28.50 42.20
C PRO A 115 20.21 28.43 40.70
N MET A 116 19.53 27.38 40.23
CA MET A 116 19.19 27.29 38.82
C MET A 116 17.92 28.09 38.53
N THR A 117 17.63 28.25 37.24
CA THR A 117 16.46 29.01 36.83
C THR A 117 15.57 28.19 35.91
N VAL A 118 16.18 27.35 35.06
CA VAL A 118 15.45 26.56 34.10
C VAL A 118 15.84 25.10 34.29
N LEU A 119 14.84 24.21 34.32
CA LEU A 119 15.05 22.79 34.51
C LEU A 119 14.81 22.04 33.21
N ARG A 120 15.23 20.77 33.19
CA ARG A 120 15.01 19.88 32.05
C ARG A 120 14.58 18.53 32.62
N LEU A 121 13.28 18.34 32.74
CA LEU A 121 12.76 17.17 33.42
C LEU A 121 12.96 15.90 32.60
N ASN A 122 13.04 14.78 33.31
CA ASN A 122 13.01 13.48 32.67
C ASN A 122 11.62 13.21 32.09
N ASN A 123 11.57 12.39 31.04
CA ASN A 123 10.29 12.07 30.43
C ASN A 123 9.38 11.36 31.42
N LEU A 124 9.94 10.63 32.39
CA LEU A 124 9.11 10.03 33.43
C LEU A 124 8.39 11.09 34.24
N MET A 125 9.10 12.17 34.58
CA MET A 125 8.47 13.26 35.32
C MET A 125 7.56 14.11 34.42
N ALA A 126 7.86 14.16 33.12
CA ALA A 126 7.04 14.93 32.20
C ALA A 126 5.64 14.36 32.05
N SER A 127 5.43 13.09 32.43
CA SER A 127 4.11 12.50 32.33
C SER A 127 3.22 12.84 33.53
N LYS A 128 3.80 13.35 34.61
CA LYS A 128 3.04 13.70 35.79
C LYS A 128 2.63 15.16 35.82
N ILE A 129 2.88 15.90 34.75
CA ILE A 129 2.56 17.32 34.66
C ILE A 129 1.48 17.49 33.61
N TRP A 130 0.44 18.25 33.95
CA TRP A 130 -0.62 18.51 32.99
C TRP A 130 -0.06 19.17 31.74
N THR A 131 -0.41 18.62 30.59
CA THR A 131 -0.02 19.18 29.31
C THR A 131 -1.23 19.24 28.40
N PRO A 132 -1.30 20.22 27.51
CA PRO A 132 -2.47 20.33 26.63
C PRO A 132 -2.63 19.09 25.77
N ASP A 133 -3.88 18.72 25.51
CA ASP A 133 -4.18 17.55 24.70
C ASP A 133 -4.32 17.92 23.23
N THR A 134 -3.32 18.63 22.71
CA THR A 134 -3.36 19.07 21.33
C THR A 134 -3.40 17.88 20.38
N PHE A 135 -4.35 17.89 19.47
CA PHE A 135 -4.49 16.85 18.48
C PHE A 135 -4.74 17.49 17.12
N PHE A 136 -4.42 16.74 16.07
CA PHE A 136 -4.54 17.25 14.72
C PHE A 136 -5.90 16.85 14.14
N HIS A 137 -6.66 17.83 13.67
CA HIS A 137 -8.03 17.57 13.23
C HIS A 137 -8.07 16.69 11.99
N ASN A 138 -7.00 16.65 11.21
CA ASN A 138 -6.98 15.86 9.99
C ASN A 138 -5.79 14.91 9.93
N GLY A 139 -5.12 14.67 11.05
CA GLY A 139 -4.04 13.72 11.08
C GLY A 139 -4.56 12.30 10.99
N LYS A 140 -4.37 11.65 9.85
CA LYS A 140 -4.89 10.30 9.67
C LYS A 140 -4.15 9.30 10.54
N LYS A 141 -2.82 9.36 10.56
CA LYS A 141 -2.03 8.45 11.37
C LYS A 141 -0.70 9.14 11.66
N SER A 142 -0.57 9.70 12.86
CA SER A 142 0.62 10.44 13.23
C SER A 142 1.50 9.62 14.15
N VAL A 143 2.79 9.89 14.12
CA VAL A 143 3.79 9.14 14.88
C VAL A 143 4.60 10.12 15.71
N ALA A 144 4.76 9.81 17.00
CA ALA A 144 5.64 10.56 17.89
C ALA A 144 6.89 9.72 18.10
N HIS A 145 7.99 10.13 17.47
CA HIS A 145 9.21 9.34 17.52
C HIS A 145 9.76 9.27 18.93
N ASN A 146 10.30 8.10 19.30
CA ASN A 146 10.96 7.95 20.58
C ASN A 146 12.25 7.15 20.45
N MET A 147 12.89 7.23 19.29
CA MET A 147 14.16 6.57 19.03
C MET A 147 15.29 7.59 19.16
N THR A 148 16.26 7.30 20.01
CA THR A 148 16.30 6.09 20.81
C THR A 148 15.67 6.31 22.18
N MET A 149 15.32 7.56 22.44
CA MET A 149 14.65 7.98 23.66
C MET A 149 13.45 8.83 23.26
N PRO A 150 12.45 8.94 24.13
CA PRO A 150 11.29 9.78 23.80
C PRO A 150 11.68 11.17 23.35
N ASN A 151 11.34 11.52 22.11
CA ASN A 151 11.70 12.82 21.55
C ASN A 151 10.78 13.89 22.15
N LYS A 152 11.00 14.14 23.44
CA LYS A 152 10.26 15.17 24.15
C LYS A 152 11.23 15.98 24.98
N LEU A 153 10.83 17.20 25.31
CA LEU A 153 11.68 18.10 26.08
C LEU A 153 10.78 19.03 26.87
N LEU A 154 10.82 18.94 28.19
CA LEU A 154 10.00 19.75 29.07
C LEU A 154 10.92 20.66 29.88
N ARG A 155 10.85 21.96 29.62
CA ARG A 155 11.66 22.94 30.31
C ARG A 155 10.77 23.81 31.19
N ILE A 156 11.16 23.96 32.46
CA ILE A 156 10.37 24.69 33.44
C ILE A 156 11.24 25.82 33.99
N THR A 157 10.69 27.02 33.98
CA THR A 157 11.39 28.18 34.52
C THR A 157 10.90 28.47 35.93
N GLU A 158 11.70 29.23 36.69
CA GLU A 158 11.31 29.59 38.04
C GLU A 158 10.02 30.41 38.05
N ASP A 159 9.74 31.12 36.95
CA ASP A 159 8.45 31.79 36.82
C ASP A 159 7.31 30.78 36.73
N GLY A 160 7.59 29.59 36.22
CA GLY A 160 6.57 28.61 35.95
C GLY A 160 6.12 28.54 34.51
N THR A 161 6.81 29.23 33.60
CA THR A 161 6.43 29.26 32.20
C THR A 161 6.99 28.02 31.51
N LEU A 162 6.17 26.98 31.45
CA LEU A 162 6.63 25.73 30.84
C LEU A 162 6.85 25.88 29.35
N LEU A 163 7.95 25.30 28.86
CA LEU A 163 8.21 25.17 27.44
C LEU A 163 8.27 23.69 27.11
N TYR A 164 7.59 23.29 26.04
CA TYR A 164 7.36 21.88 25.76
C TYR A 164 7.46 21.68 24.25
N THR A 165 8.48 20.96 23.81
CA THR A 165 8.70 20.70 22.40
C THR A 165 8.76 19.20 22.16
N MET A 166 8.37 18.79 20.96
CA MET A 166 8.39 17.39 20.58
C MET A 166 8.54 17.28 19.07
N ARG A 167 8.92 16.10 18.63
CA ARG A 167 9.16 15.83 17.22
C ARG A 167 8.13 14.86 16.70
N LEU A 168 7.43 15.24 15.64
CA LEU A 168 6.28 14.49 15.16
C LEU A 168 6.41 14.21 13.66
N THR A 169 5.75 13.14 13.23
CA THR A 169 5.51 12.87 11.82
C THR A 169 4.02 12.70 11.64
N VAL A 170 3.42 13.50 10.76
CA VAL A 170 1.98 13.59 10.66
C VAL A 170 1.55 13.32 9.22
N ARG A 171 0.59 12.41 9.05
CA ARG A 171 -0.04 12.20 7.74
C ARG A 171 -1.38 12.92 7.71
N ALA A 172 -1.32 14.24 7.59
CA ALA A 172 -2.53 15.03 7.53
C ALA A 172 -3.26 14.77 6.22
N GLU A 173 -4.58 14.65 6.30
CA GLU A 173 -5.37 14.47 5.10
C GLU A 173 -5.50 15.80 4.35
N CYS A 174 -5.75 15.70 3.05
CA CYS A 174 -5.81 16.87 2.18
C CYS A 174 -6.79 16.59 1.05
N PRO A 175 -8.02 17.08 1.15
CA PRO A 175 -8.95 16.95 0.03
C PRO A 175 -8.45 17.70 -1.19
N MET A 176 -8.67 17.13 -2.36
CA MET A 176 -8.19 17.69 -3.61
C MET A 176 -9.30 17.70 -4.65
N HIS A 177 -9.29 18.71 -5.51
CA HIS A 177 -10.19 18.79 -6.65
C HIS A 177 -9.34 18.65 -7.90
N LEU A 178 -9.32 17.44 -8.46
CA LEU A 178 -8.45 17.11 -9.58
C LEU A 178 -9.14 17.31 -10.93
N GLU A 179 -10.07 18.25 -11.02
CA GLU A 179 -10.70 18.52 -12.31
C GLU A 179 -9.70 19.05 -13.32
N ASP A 180 -8.79 19.93 -12.90
CA ASP A 180 -7.83 20.56 -13.80
C ASP A 180 -6.53 19.77 -13.90
N PHE A 181 -6.58 18.46 -13.72
CA PHE A 181 -5.36 17.67 -13.77
C PHE A 181 -4.74 17.76 -15.16
N PRO A 182 -3.43 17.96 -15.25
CA PRO A 182 -2.46 18.14 -14.17
C PRO A 182 -2.11 19.60 -13.93
N MET A 183 -2.96 20.54 -14.32
CA MET A 183 -2.66 21.96 -14.18
C MET A 183 -3.33 22.59 -12.97
N ASP A 184 -3.47 21.84 -11.89
CA ASP A 184 -4.18 22.29 -10.70
C ASP A 184 -3.19 22.85 -9.67
N ALA A 185 -3.75 23.28 -8.54
CA ALA A 185 -2.94 23.80 -7.44
C ALA A 185 -3.78 23.74 -6.17
N HIS A 186 -3.36 22.93 -5.21
CA HIS A 186 -4.11 22.73 -3.98
C HIS A 186 -3.51 23.54 -2.84
N ALA A 187 -4.25 23.60 -1.74
CA ALA A 187 -3.78 24.21 -0.50
C ALA A 187 -4.03 23.18 0.61
N CYS A 188 -3.07 22.29 0.81
CA CYS A 188 -3.23 21.25 1.82
C CYS A 188 -3.15 21.87 3.21
N PRO A 189 -4.15 21.70 4.05
CA PRO A 189 -4.17 22.37 5.35
C PRO A 189 -3.56 21.52 6.45
N LEU A 190 -3.42 22.14 7.61
CA LEU A 190 -2.95 21.46 8.82
C LEU A 190 -3.64 22.13 9.99
N LYS A 191 -4.52 21.40 10.68
CA LYS A 191 -5.33 21.96 11.74
C LYS A 191 -5.07 21.20 13.03
N PHE A 192 -4.71 21.91 14.09
CA PHE A 192 -4.49 21.32 15.39
C PHE A 192 -5.14 22.18 16.46
N GLY A 193 -5.80 21.53 17.40
CA GLY A 193 -6.44 22.23 18.49
C GLY A 193 -6.63 21.29 19.66
N SER A 194 -7.21 21.82 20.73
CA SER A 194 -7.48 20.98 21.88
C SER A 194 -8.60 19.99 21.56
N TYR A 195 -8.60 18.88 22.29
CA TYR A 195 -9.62 17.86 22.10
C TYR A 195 -10.67 17.85 23.20
N ALA A 196 -10.25 17.96 24.46
CA ALA A 196 -11.17 17.89 25.58
C ALA A 196 -11.64 19.25 26.07
N TYR A 197 -10.77 20.25 26.06
CA TYR A 197 -11.08 21.54 26.65
C TYR A 197 -11.69 22.46 25.60
N THR A 198 -12.78 23.12 25.96
CA THR A 198 -13.50 23.98 25.04
C THR A 198 -12.79 25.33 24.93
N ARG A 199 -13.45 26.28 24.26
CA ARG A 199 -12.86 27.61 24.11
C ARG A 199 -12.72 28.31 25.44
N ALA A 200 -13.70 28.16 26.33
CA ALA A 200 -13.68 28.86 27.60
C ALA A 200 -12.64 28.33 28.58
N GLU A 201 -11.87 27.33 28.19
CA GLU A 201 -10.86 26.76 29.09
C GLU A 201 -9.45 26.85 28.53
N VAL A 202 -9.24 26.50 27.27
CA VAL A 202 -7.92 26.53 26.66
C VAL A 202 -7.99 27.29 25.35
N VAL A 203 -7.13 28.30 25.21
CA VAL A 203 -7.06 29.11 24.00
C VAL A 203 -5.66 29.02 23.44
N TYR A 204 -5.56 28.78 22.14
CA TYR A 204 -4.28 28.63 21.46
C TYR A 204 -3.94 29.91 20.73
N GLU A 205 -2.69 30.35 20.88
CA GLU A 205 -2.19 31.52 20.18
C GLU A 205 -0.81 31.20 19.62
N TRP A 206 -0.44 31.91 18.57
CA TRP A 206 0.91 31.78 18.03
C TRP A 206 1.88 32.64 18.82
N THR A 207 3.11 32.13 18.98
CA THR A 207 4.08 32.81 19.82
C THR A 207 4.42 34.19 19.27
N ARG A 208 4.60 34.29 17.96
CA ARG A 208 4.96 35.51 17.26
C ARG A 208 3.84 35.86 16.29
N GLU A 209 4.10 36.81 15.40
CA GLU A 209 3.15 37.08 14.34
C GLU A 209 2.87 35.77 13.60
N PRO A 210 1.61 35.53 13.19
CA PRO A 210 1.27 34.23 12.60
C PRO A 210 2.12 33.88 11.39
N ALA A 211 2.54 34.87 10.61
CA ALA A 211 3.35 34.57 9.43
C ALA A 211 4.69 33.95 9.81
N ARG A 212 5.33 34.47 10.85
CA ARG A 212 6.64 33.99 11.26
C ARG A 212 6.58 32.89 12.30
N SER A 213 5.40 32.42 12.66
CA SER A 213 5.26 31.39 13.68
C SER A 213 5.34 29.98 13.12
N VAL A 214 5.41 29.83 11.79
CA VAL A 214 5.67 28.54 11.16
C VAL A 214 6.87 28.71 10.23
N VAL A 215 7.96 28.02 10.55
CA VAL A 215 9.21 28.14 9.82
C VAL A 215 9.44 26.85 9.05
N VAL A 216 9.80 26.97 7.77
CA VAL A 216 10.07 25.83 6.92
C VAL A 216 11.55 25.79 6.60
N ALA A 217 12.19 24.66 6.85
CA ALA A 217 13.58 24.49 6.49
C ALA A 217 13.76 24.54 4.98
N GLU A 218 14.87 25.11 4.54
CA GLU A 218 15.13 25.23 3.11
C GLU A 218 15.20 23.87 2.43
N ASP A 219 15.58 22.83 3.17
CA ASP A 219 15.58 21.47 2.67
C ASP A 219 14.24 20.77 2.90
N GLY A 220 13.24 21.50 3.37
CA GLY A 220 12.00 20.87 3.78
C GLY A 220 11.25 20.19 2.64
N SER A 221 11.30 20.78 1.45
CA SER A 221 10.49 20.29 0.35
C SER A 221 10.99 18.92 -0.09
N ARG A 222 10.22 17.88 0.24
CA ARG A 222 10.45 16.53 -0.26
C ARG A 222 9.48 16.18 -1.37
N LEU A 223 9.14 17.15 -2.22
CA LEU A 223 8.10 17.00 -3.20
C LEU A 223 8.71 16.73 -4.57
N ASN A 224 8.28 15.64 -5.20
CA ASN A 224 8.74 15.35 -6.56
C ASN A 224 7.88 16.06 -7.60
N GLN A 225 6.57 16.07 -7.41
CA GLN A 225 5.63 16.55 -8.41
C GLN A 225 5.06 17.92 -8.10
N TYR A 226 4.97 18.30 -6.83
CA TYR A 226 4.44 19.60 -6.45
C TYR A 226 5.58 20.57 -6.15
N ASP A 227 5.22 21.81 -5.88
CA ASP A 227 6.21 22.85 -5.57
C ASP A 227 5.62 23.76 -4.50
N LEU A 228 6.20 23.72 -3.30
CA LEU A 228 5.66 24.47 -2.16
C LEU A 228 5.87 25.96 -2.39
N LEU A 229 4.80 26.67 -2.75
CA LEU A 229 4.91 28.10 -2.98
C LEU A 229 5.03 28.89 -1.69
N GLY A 230 4.24 28.54 -0.68
CA GLY A 230 4.27 29.25 0.59
C GLY A 230 3.21 28.68 1.51
N GLN A 231 3.22 29.19 2.74
CA GLN A 231 2.26 28.73 3.74
C GLN A 231 1.49 29.91 4.31
N THR A 232 0.23 29.65 4.64
CA THR A 232 -0.66 30.64 5.25
C THR A 232 -1.05 30.16 6.63
N VAL A 233 -0.96 31.05 7.62
CA VAL A 233 -1.20 30.72 9.01
C VAL A 233 -2.35 31.56 9.54
N ASP A 234 -3.33 30.90 10.14
CA ASP A 234 -4.50 31.59 10.66
C ASP A 234 -5.13 30.73 11.75
N SER A 235 -6.01 31.34 12.53
CA SER A 235 -6.71 30.67 13.60
C SER A 235 -8.20 30.95 13.52
N GLY A 236 -9.00 29.98 13.95
CA GLY A 236 -10.44 30.10 13.85
C GLY A 236 -11.15 29.38 14.98
N ILE A 237 -12.47 29.40 14.92
CA ILE A 237 -13.34 28.85 15.95
C ILE A 237 -14.26 27.81 15.31
N VAL A 238 -14.40 26.66 15.95
CA VAL A 238 -15.26 25.59 15.45
C VAL A 238 -16.25 25.19 16.53
N GLN A 239 -17.47 24.88 16.11
CA GLN A 239 -18.50 24.38 17.02
C GLN A 239 -18.85 22.95 16.65
N SER A 240 -19.05 22.11 17.66
CA SER A 240 -19.31 20.70 17.46
C SER A 240 -20.37 20.25 18.45
N SER A 241 -20.53 18.94 18.57
CA SER A 241 -21.54 18.38 19.47
C SER A 241 -21.22 18.67 20.93
N THR A 242 -19.96 18.94 21.26
CA THR A 242 -19.55 19.13 22.64
C THR A 242 -19.37 20.58 23.05
N GLY A 243 -19.09 21.46 22.12
CA GLY A 243 -18.93 22.87 22.43
C GLY A 243 -17.98 23.53 21.45
N GLU A 244 -17.70 24.80 21.72
CA GLU A 244 -16.79 25.56 20.89
C GLU A 244 -15.35 25.11 21.13
N TYR A 245 -14.49 25.40 20.16
CA TYR A 245 -13.08 25.11 20.29
C TYR A 245 -12.28 26.14 19.51
N VAL A 246 -11.00 26.24 19.84
CA VAL A 246 -10.08 27.12 19.13
C VAL A 246 -9.19 26.23 18.27
N VAL A 247 -9.17 26.51 16.97
CA VAL A 247 -8.43 25.71 16.01
C VAL A 247 -7.38 26.59 15.35
N MET A 248 -6.14 26.12 15.35
CA MET A 248 -5.04 26.80 14.69
C MET A 248 -4.78 26.12 13.36
N THR A 249 -4.94 26.85 12.27
CA THR A 249 -4.87 26.28 10.94
C THR A 249 -3.62 26.77 10.23
N THR A 250 -3.03 25.89 9.44
CA THR A 250 -1.91 26.24 8.56
C THR A 250 -2.15 25.58 7.22
N HIS A 251 -2.07 26.37 6.16
CA HIS A 251 -2.25 25.86 4.80
C HIS A 251 -0.93 25.94 4.06
N PHE A 252 -0.53 24.82 3.47
CA PHE A 252 0.67 24.76 2.64
C PHE A 252 0.24 24.72 1.18
N HIS A 253 0.46 25.82 0.46
CA HIS A 253 0.05 25.90 -0.93
C HIS A 253 0.95 25.03 -1.79
N LEU A 254 0.34 24.25 -2.67
CA LEU A 254 1.07 23.36 -3.56
C LEU A 254 0.61 23.57 -4.98
N LYS A 255 1.56 23.56 -5.91
CA LYS A 255 1.26 23.62 -7.34
C LYS A 255 1.95 22.46 -8.03
N ARG A 256 1.23 21.79 -8.92
CA ARG A 256 1.73 20.59 -9.56
C ARG A 256 2.61 20.95 -10.75
N LYS A 257 3.78 20.31 -10.83
CA LYS A 257 4.62 20.46 -12.00
C LYS A 257 3.98 19.81 -13.21
N ILE A 258 4.17 20.41 -14.38
CA ILE A 258 3.51 19.95 -15.60
C ILE A 258 4.49 19.38 -16.61
N GLY A 259 5.79 19.56 -16.42
CA GLY A 259 6.74 19.16 -17.44
C GLY A 259 6.70 17.68 -17.75
N TYR A 260 6.44 16.85 -16.73
CA TYR A 260 6.43 15.41 -16.95
C TYR A 260 5.33 14.99 -17.91
N PHE A 261 4.14 15.58 -17.78
CA PHE A 261 3.00 15.14 -18.57
C PHE A 261 3.13 15.57 -20.03
N VAL A 262 3.73 16.73 -20.28
CA VAL A 262 3.87 17.20 -21.65
C VAL A 262 4.67 16.21 -22.48
N ILE A 263 5.80 15.76 -21.94
CA ILE A 263 6.63 14.80 -22.65
C ILE A 263 5.97 13.43 -22.68
N GLN A 264 5.39 13.00 -21.55
CA GLN A 264 4.88 11.65 -21.47
C GLN A 264 3.58 11.48 -22.24
N THR A 265 2.66 12.43 -22.13
CA THR A 265 1.33 12.23 -22.68
C THR A 265 0.95 13.26 -23.73
N TYR A 266 1.12 14.54 -23.44
CA TYR A 266 0.62 15.55 -24.37
C TYR A 266 1.36 15.53 -25.70
N LEU A 267 2.69 15.42 -25.67
CA LEU A 267 3.43 15.37 -26.92
C LEU A 267 3.14 14.10 -27.73
N PRO A 268 3.19 12.90 -27.16
CA PRO A 268 2.84 11.72 -27.98
C PRO A 268 1.42 11.78 -28.52
N CYS A 269 0.47 12.28 -27.74
CA CYS A 269 -0.90 12.38 -28.23
C CYS A 269 -1.00 13.40 -29.36
N ILE A 270 -0.34 14.56 -29.21
CA ILE A 270 -0.37 15.55 -30.27
C ILE A 270 0.32 14.99 -31.53
N MET A 271 1.47 14.36 -31.35
CA MET A 271 2.19 13.84 -32.51
C MET A 271 1.43 12.70 -33.16
N THR A 272 0.80 11.83 -32.37
CA THR A 272 0.05 10.72 -32.94
C THR A 272 -1.12 11.21 -33.77
N VAL A 273 -1.82 12.25 -33.31
CA VAL A 273 -2.90 12.81 -34.09
C VAL A 273 -2.37 13.39 -35.39
N ILE A 274 -1.25 14.10 -35.32
CA ILE A 274 -0.62 14.61 -36.54
C ILE A 274 -0.23 13.46 -37.43
N LEU A 275 0.22 12.36 -36.85
CA LEU A 275 0.60 11.20 -37.64
C LEU A 275 -0.58 10.67 -38.44
N SER A 276 -1.75 10.56 -37.81
CA SER A 276 -2.92 10.10 -38.53
C SER A 276 -3.34 11.09 -39.60
N GLN A 277 -3.34 12.37 -39.27
CA GLN A 277 -3.74 13.40 -40.22
C GLN A 277 -2.79 13.52 -41.40
N VAL A 278 -1.61 12.92 -41.31
CA VAL A 278 -0.68 13.01 -42.43
C VAL A 278 -1.08 12.06 -43.55
N SER A 279 -1.92 11.07 -43.26
CA SER A 279 -2.31 10.10 -44.28
C SER A 279 -3.15 10.72 -45.39
N PHE A 280 -3.64 11.94 -45.21
CA PHE A 280 -4.42 12.57 -46.27
C PHE A 280 -3.59 12.94 -47.48
N TRP A 281 -2.27 12.94 -47.36
CA TRP A 281 -1.40 13.23 -48.50
C TRP A 281 -1.05 11.99 -49.30
N LEU A 282 -1.39 10.80 -48.82
CA LEU A 282 -1.23 9.60 -49.63
C LEU A 282 -2.28 9.56 -50.73
N ASN A 283 -1.90 9.01 -51.87
CA ASN A 283 -2.83 8.89 -52.98
C ASN A 283 -4.00 8.00 -52.59
N ARG A 284 -5.17 8.33 -53.12
CA ARG A 284 -6.39 7.64 -52.74
C ARG A 284 -6.41 6.18 -53.15
N GLU A 285 -5.50 5.76 -54.03
CA GLU A 285 -5.50 4.40 -54.55
C GLU A 285 -4.73 3.42 -53.68
N SER A 286 -4.03 3.90 -52.66
CA SER A 286 -3.29 3.02 -51.75
C SER A 286 -4.22 2.54 -50.64
N VAL A 287 -5.19 1.71 -51.04
CA VAL A 287 -6.17 1.20 -50.08
C VAL A 287 -5.52 0.37 -48.98
N PRO A 288 -4.66 -0.60 -49.28
CA PRO A 288 -4.02 -1.37 -48.18
C PRO A 288 -3.14 -0.52 -47.29
N ALA A 289 -2.64 0.62 -47.79
CA ALA A 289 -1.71 1.41 -47.00
C ALA A 289 -2.43 2.30 -46.01
N ARG A 290 -3.35 3.15 -46.50
CA ARG A 290 -4.04 4.08 -45.62
C ARG A 290 -4.90 3.35 -44.60
N THR A 291 -5.48 2.21 -44.98
CA THR A 291 -6.29 1.44 -44.03
C THR A 291 -5.43 0.94 -42.88
N VAL A 292 -4.25 0.39 -43.18
CA VAL A 292 -3.33 0.00 -42.13
C VAL A 292 -2.82 1.23 -41.39
N PHE A 293 -2.60 2.31 -42.12
CA PHE A 293 -2.17 3.56 -41.51
C PHE A 293 -3.24 4.07 -40.52
N GLY A 294 -4.49 4.11 -40.97
CA GLY A 294 -5.53 4.66 -40.12
C GLY A 294 -5.79 3.81 -38.89
N VAL A 295 -5.88 2.50 -39.06
CA VAL A 295 -6.26 1.64 -37.94
C VAL A 295 -5.16 1.58 -36.90
N THR A 296 -3.90 1.47 -37.33
CA THR A 296 -2.83 1.32 -36.36
C THR A 296 -2.64 2.58 -35.52
N THR A 297 -2.97 3.74 -36.07
CA THR A 297 -2.94 4.96 -35.26
C THR A 297 -3.96 4.89 -34.13
N VAL A 298 -5.14 4.33 -34.41
CA VAL A 298 -6.12 4.12 -33.36
C VAL A 298 -5.55 3.20 -32.29
N LEU A 299 -4.89 2.11 -32.72
CA LEU A 299 -4.26 1.21 -31.76
C LEU A 299 -3.15 1.91 -31.00
N THR A 300 -2.46 2.86 -31.63
CA THR A 300 -1.43 3.60 -30.94
C THR A 300 -2.02 4.52 -29.87
N MET A 301 -3.06 5.28 -30.25
CA MET A 301 -3.70 6.16 -29.28
C MET A 301 -4.33 5.38 -28.15
N THR A 302 -4.83 4.18 -28.43
CA THR A 302 -5.41 3.36 -27.38
C THR A 302 -4.37 3.02 -26.32
N THR A 303 -3.17 2.68 -26.76
CA THR A 303 -2.10 2.40 -25.79
C THR A 303 -1.73 3.64 -25.00
N LEU A 304 -1.67 4.79 -25.66
CA LEU A 304 -1.32 6.03 -24.96
C LEU A 304 -2.38 6.39 -23.93
N SER A 305 -3.65 6.28 -24.30
CA SER A 305 -4.72 6.65 -23.39
C SER A 305 -4.70 5.76 -22.15
N ILE A 306 -4.43 4.47 -22.33
CA ILE A 306 -4.46 3.54 -21.21
C ILE A 306 -3.34 3.85 -20.22
N SER A 307 -2.12 4.03 -20.72
CA SER A 307 -0.99 4.28 -19.83
C SER A 307 -1.15 5.61 -19.10
N ALA A 308 -1.64 6.63 -19.80
CA ALA A 308 -1.77 7.95 -19.19
C ALA A 308 -2.70 7.92 -17.99
N ARG A 309 -3.81 7.18 -18.11
CA ARG A 309 -4.75 7.10 -17.00
C ARG A 309 -4.19 6.32 -15.82
N ASN A 310 -3.19 5.47 -16.04
CA ASN A 310 -2.59 4.75 -14.93
C ASN A 310 -1.88 5.70 -13.97
N SER A 311 -1.19 6.70 -14.50
CA SER A 311 -0.57 7.71 -13.64
C SER A 311 -1.63 8.54 -12.93
N LEU A 312 -2.71 8.88 -13.62
CA LEU A 312 -3.77 9.65 -13.02
C LEU A 312 -4.43 8.83 -11.91
N PRO A 313 -4.59 9.37 -10.71
CA PRO A 313 -5.18 8.60 -9.62
C PRO A 313 -6.63 8.25 -9.88
N LYS A 314 -7.06 7.17 -9.24
CA LYS A 314 -8.39 6.62 -9.46
C LYS A 314 -9.45 7.62 -9.00
N VAL A 315 -10.16 8.21 -9.94
CA VAL A 315 -11.23 9.15 -9.64
C VAL A 315 -12.45 8.78 -10.49
N ALA A 316 -13.49 9.60 -10.43
CA ALA A 316 -14.70 9.33 -11.20
C ALA A 316 -15.06 10.51 -12.09
N TYR A 317 -14.71 11.71 -11.68
CA TYR A 317 -15.02 12.89 -12.47
C TYR A 317 -14.17 12.91 -13.74
N ALA A 318 -14.40 13.92 -14.57
CA ALA A 318 -13.70 14.05 -15.85
C ALA A 318 -12.57 15.06 -15.68
N THR A 319 -11.34 14.55 -15.52
CA THR A 319 -10.18 15.40 -15.37
C THR A 319 -9.88 16.13 -16.67
N ALA A 320 -9.06 17.18 -16.57
CA ALA A 320 -8.73 17.96 -17.74
C ALA A 320 -7.93 17.15 -18.75
N MET A 321 -7.14 16.19 -18.27
CA MET A 321 -6.34 15.39 -19.20
C MET A 321 -7.21 14.39 -19.94
N ASP A 322 -8.23 13.83 -19.28
CA ASP A 322 -9.10 12.86 -19.94
C ASP A 322 -9.81 13.49 -21.13
N TRP A 323 -10.23 14.76 -20.99
CA TRP A 323 -10.85 15.42 -22.13
C TRP A 323 -9.87 15.58 -23.28
N PHE A 324 -8.63 15.92 -22.99
CA PHE A 324 -7.65 16.09 -24.05
C PHE A 324 -7.41 14.77 -24.78
N ILE A 325 -7.27 13.67 -24.04
CA ILE A 325 -7.08 12.38 -24.67
C ILE A 325 -8.32 12.00 -25.48
N ALA A 326 -9.50 12.23 -24.92
CA ALA A 326 -10.73 11.88 -25.61
C ALA A 326 -10.86 12.63 -26.92
N VAL A 327 -10.51 13.92 -26.93
CA VAL A 327 -10.55 14.68 -28.17
C VAL A 327 -9.56 14.13 -29.17
N CYS A 328 -8.35 13.79 -28.72
CA CYS A 328 -7.39 13.16 -29.61
C CYS A 328 -7.93 11.83 -30.14
N TYR A 329 -8.54 11.05 -29.26
CA TYR A 329 -9.14 9.79 -29.68
C TYR A 329 -10.24 10.01 -30.72
N ALA A 330 -10.92 11.15 -30.66
CA ALA A 330 -11.95 11.42 -31.64
C ALA A 330 -11.36 11.81 -32.99
N PHE A 331 -10.28 12.60 -32.98
CA PHE A 331 -9.65 12.98 -34.24
C PHE A 331 -9.09 11.77 -34.97
N VAL A 332 -8.45 10.86 -34.23
CA VAL A 332 -7.91 9.66 -34.86
C VAL A 332 -9.03 8.82 -35.44
N PHE A 333 -10.13 8.68 -34.69
CA PHE A 333 -11.30 7.99 -35.23
C PHE A 333 -11.87 8.74 -36.42
N SER A 334 -11.94 10.07 -36.34
CA SER A 334 -12.54 10.85 -37.41
C SER A 334 -11.75 10.72 -38.70
N ALA A 335 -10.43 10.70 -38.61
CA ALA A 335 -9.61 10.64 -39.81
C ALA A 335 -9.83 9.34 -40.56
N LEU A 336 -9.92 8.21 -39.85
CA LEU A 336 -10.15 6.94 -40.51
C LEU A 336 -11.51 6.90 -41.20
N ILE A 337 -12.54 7.41 -40.54
CA ILE A 337 -13.86 7.46 -41.18
C ILE A 337 -13.82 8.31 -42.44
N GLU A 338 -12.98 9.34 -42.46
CA GLU A 338 -12.86 10.16 -43.65
C GLU A 338 -12.39 9.35 -44.85
N PHE A 339 -11.42 8.47 -44.64
CA PHE A 339 -10.91 7.66 -45.75
C PHE A 339 -12.00 6.75 -46.30
N ALA A 340 -12.85 6.22 -45.43
CA ALA A 340 -13.94 5.37 -45.90
C ALA A 340 -14.86 6.13 -46.84
N THR A 341 -15.18 7.37 -46.51
CA THR A 341 -16.00 8.19 -47.39
C THR A 341 -15.30 8.44 -48.71
N VAL A 342 -14.01 8.70 -48.68
CA VAL A 342 -13.25 8.90 -49.92
C VAL A 342 -13.22 7.61 -50.74
N ASN A 343 -12.97 6.48 -50.06
CA ASN A 343 -12.84 5.21 -50.78
C ASN A 343 -14.12 4.82 -51.49
N TYR A 344 -15.27 5.25 -50.97
CA TYR A 344 -16.54 4.89 -51.58
C TYR A 344 -16.75 5.54 -52.93
N PHE A 345 -15.93 6.53 -53.30
CA PHE A 345 -16.09 7.21 -54.58
C PHE A 345 -14.90 7.01 -55.51
N THR A 346 -14.00 6.09 -55.20
CA THR A 346 -12.84 5.82 -56.04
C THR A 346 -13.24 4.80 -57.11
N LYS A 347 -13.43 5.26 -58.34
CA LYS A 347 -13.89 4.37 -59.41
C LYS A 347 -12.80 3.43 -59.86
N ARG A 348 -11.59 3.94 -60.06
CA ARG A 348 -10.47 3.17 -60.59
C ARG A 348 -9.43 2.93 -59.50
N GLY A 349 -9.01 1.68 -59.36
CA GLY A 349 -8.09 1.28 -58.33
C GLY A 349 -6.61 1.33 -58.69
N TYR A 350 -6.27 1.88 -59.85
CA TYR A 350 -4.88 1.99 -60.28
C TYR A 350 -4.53 3.46 -60.52
N ALA A 351 -3.34 3.85 -60.09
CA ALA A 351 -2.90 5.23 -60.23
C ALA A 351 -1.69 5.34 -61.16
N ASN A 422 -6.73 9.26 -62.21
CA ASN A 422 -7.53 9.98 -61.24
C ASN A 422 -6.74 11.13 -60.62
N SER A 423 -7.46 12.09 -60.04
CA SER A 423 -6.86 13.21 -59.34
C SER A 423 -7.15 13.08 -57.85
N VAL A 424 -6.70 14.07 -57.09
CA VAL A 424 -6.92 14.07 -55.65
C VAL A 424 -8.38 14.39 -55.37
N SER A 425 -9.01 13.57 -54.52
CA SER A 425 -10.42 13.75 -54.22
C SER A 425 -10.65 15.04 -53.46
N LYS A 426 -11.79 15.69 -53.75
CA LYS A 426 -12.08 16.97 -53.10
C LYS A 426 -12.17 16.83 -51.59
N ILE A 427 -12.62 15.67 -51.10
CA ILE A 427 -12.65 15.44 -49.66
C ILE A 427 -11.24 15.45 -49.10
N ASP A 428 -10.30 14.85 -49.83
CA ASP A 428 -8.91 14.84 -49.36
C ASP A 428 -8.35 16.25 -49.27
N ARG A 429 -8.63 17.09 -50.28
CA ARG A 429 -8.14 18.46 -50.23
C ARG A 429 -8.70 19.22 -49.04
N LEU A 430 -10.01 19.07 -48.78
CA LEU A 430 -10.61 19.74 -47.64
C LEU A 430 -10.08 19.18 -46.33
N SER A 431 -9.90 17.86 -46.26
CA SER A 431 -9.45 17.25 -45.01
C SER A 431 -8.01 17.62 -44.70
N ARG A 432 -7.21 17.91 -45.71
CA ARG A 432 -5.84 18.37 -45.45
C ARG A 432 -5.82 19.70 -44.72
N ILE A 433 -6.88 20.48 -44.81
CA ILE A 433 -6.96 21.78 -44.17
C ILE A 433 -7.81 21.74 -42.92
N ALA A 434 -9.03 21.20 -43.03
CA ALA A 434 -9.95 21.24 -41.91
C ALA A 434 -9.41 20.49 -40.69
N PHE A 435 -8.91 19.27 -40.92
CA PHE A 435 -8.45 18.47 -39.79
C PHE A 435 -7.28 19.09 -39.04
N PRO A 436 -6.19 19.53 -39.67
CA PRO A 436 -5.14 20.20 -38.90
C PRO A 436 -5.60 21.49 -38.26
N LEU A 437 -6.51 22.22 -38.91
CA LEU A 437 -6.96 23.51 -38.36
C LEU A 437 -7.78 23.32 -37.10
N LEU A 438 -8.75 22.40 -37.13
CA LEU A 438 -9.61 22.22 -35.97
C LEU A 438 -8.81 21.75 -34.76
N PHE A 439 -7.88 20.82 -34.98
CA PHE A 439 -7.03 20.39 -33.88
C PHE A 439 -6.17 21.55 -33.38
N GLY A 440 -5.67 22.36 -34.30
CA GLY A 440 -4.92 23.55 -33.88
C GLY A 440 -5.78 24.50 -33.07
N ILE A 441 -7.04 24.66 -33.47
CA ILE A 441 -7.96 25.49 -32.70
C ILE A 441 -8.21 24.88 -31.33
N PHE A 442 -8.41 23.57 -31.27
CA PHE A 442 -8.72 22.92 -30.00
C PHE A 442 -7.60 23.10 -28.99
N ASN A 443 -6.35 23.11 -29.45
CA ASN A 443 -5.24 23.32 -28.52
C ASN A 443 -5.31 24.69 -27.86
N LEU A 444 -5.65 25.73 -28.64
CA LEU A 444 -5.75 27.06 -28.06
C LEU A 444 -6.81 27.09 -26.96
N VAL A 445 -8.01 26.62 -27.26
CA VAL A 445 -9.09 26.63 -26.28
C VAL A 445 -8.70 25.80 -25.06
N TYR A 446 -8.06 24.66 -25.28
CA TYR A 446 -7.68 23.81 -24.16
C TYR A 446 -6.62 24.48 -23.29
N TRP A 447 -5.55 24.97 -23.90
CA TRP A 447 -4.45 25.50 -23.09
C TRP A 447 -4.78 26.87 -22.52
N ALA A 448 -5.50 27.70 -23.26
CA ALA A 448 -5.87 29.01 -22.73
C ALA A 448 -6.77 28.88 -21.51
N THR A 449 -7.70 27.92 -21.54
CA THR A 449 -8.62 27.75 -20.42
C THR A 449 -7.87 27.37 -19.15
N TYR A 450 -6.96 26.40 -19.24
CA TYR A 450 -6.35 25.82 -18.06
C TYR A 450 -5.03 26.49 -17.66
N LEU A 451 -4.57 27.48 -18.41
CA LEU A 451 -3.33 28.17 -18.08
C LEU A 451 -3.54 29.66 -17.85
N ASN A 452 -4.76 30.06 -17.50
CA ASN A 452 -5.04 31.46 -17.20
C ASN A 452 -5.64 31.60 -15.81
N SER B 35 27.31 -14.30 44.10
CA SER B 35 27.87 -14.09 45.42
C SER B 35 28.42 -12.67 45.56
N PHE B 36 29.74 -12.53 45.39
CA PHE B 36 30.36 -11.22 45.49
C PHE B 36 29.87 -10.30 44.38
N VAL B 37 29.68 -10.83 43.17
CA VAL B 37 29.20 -10.02 42.06
C VAL B 37 27.81 -9.48 42.35
N LYS B 38 26.96 -10.28 42.99
CA LYS B 38 25.61 -9.84 43.31
C LYS B 38 25.63 -8.65 44.26
N GLU B 39 26.56 -8.67 45.22
CA GLU B 39 26.66 -7.55 46.16
C GLU B 39 27.07 -6.27 45.45
N THR B 40 28.11 -6.34 44.63
CA THR B 40 28.64 -5.14 44.00
C THR B 40 27.63 -4.52 43.05
N VAL B 41 26.94 -5.35 42.26
CA VAL B 41 25.99 -4.82 41.28
C VAL B 41 24.84 -4.12 41.99
N ASP B 42 24.32 -4.72 43.08
CA ASP B 42 23.24 -4.10 43.81
C ASP B 42 23.67 -2.76 44.41
N LYS B 43 24.89 -2.69 44.91
CA LYS B 43 25.38 -1.45 45.52
C LYS B 43 25.47 -0.33 44.50
N LEU B 44 25.87 -0.66 43.27
CA LEU B 44 26.04 0.37 42.24
C LEU B 44 24.73 1.08 41.94
N LEU B 45 23.64 0.33 41.82
CA LEU B 45 22.35 0.93 41.52
C LEU B 45 21.67 1.53 42.75
N LYS B 46 22.16 1.23 43.94
CA LYS B 46 21.58 1.79 45.16
C LYS B 46 21.87 3.28 45.22
N GLY B 47 20.81 4.08 45.28
CA GLY B 47 20.95 5.52 45.30
C GLY B 47 21.23 6.15 43.95
N TYR B 48 21.30 5.36 42.89
CA TYR B 48 21.51 5.90 41.55
C TYR B 48 20.27 6.68 41.11
N ASP B 49 20.51 7.85 40.52
CA ASP B 49 19.43 8.71 40.03
C ASP B 49 19.57 8.86 38.53
N ILE B 50 18.61 8.29 37.78
CA ILE B 50 18.65 8.34 36.33
C ILE B 50 18.23 9.69 35.78
N ARG B 51 17.85 10.63 36.62
CA ARG B 51 17.47 11.96 36.17
C ARG B 51 18.67 12.89 36.04
N LEU B 52 19.88 12.43 36.35
CA LEU B 52 21.07 13.25 36.30
C LEU B 52 22.10 12.60 35.40
N ARG B 53 22.63 13.36 34.46
CA ARG B 53 23.72 12.89 33.61
C ARG B 53 24.99 12.76 34.44
N PRO B 54 25.92 11.90 34.02
CA PRO B 54 27.20 11.81 34.72
C PRO B 54 27.94 13.13 34.67
N ASP B 55 28.65 13.44 35.76
CA ASP B 55 29.33 14.72 35.92
C ASP B 55 28.36 15.88 35.70
N PHE B 56 27.38 15.97 36.60
CA PHE B 56 26.31 16.95 36.44
C PHE B 56 26.85 18.37 36.45
N GLY B 57 27.76 18.66 37.36
CA GLY B 57 28.30 20.01 37.45
C GLY B 57 29.67 20.16 36.82
N GLY B 58 30.22 19.04 36.35
CA GLY B 58 31.55 19.05 35.79
C GLY B 58 31.56 19.30 34.30
N PRO B 59 32.64 18.90 33.64
CA PRO B 59 32.75 19.08 32.18
C PRO B 59 31.74 18.21 31.47
N PRO B 60 31.43 18.52 30.21
CA PRO B 60 30.48 17.70 29.46
C PRO B 60 30.97 16.26 29.34
N VAL B 61 30.04 15.32 29.40
CA VAL B 61 30.37 13.91 29.29
C VAL B 61 30.63 13.57 27.84
N CYS B 62 31.77 12.93 27.58
CA CYS B 62 32.13 12.54 26.22
C CYS B 62 31.37 11.27 25.85
N VAL B 63 30.67 11.32 24.73
CA VAL B 63 29.86 10.18 24.27
C VAL B 63 30.43 9.75 22.93
N GLY B 64 31.34 8.78 22.95
CA GLY B 64 31.92 8.27 21.73
C GLY B 64 31.05 7.22 21.07
N MET B 65 30.56 7.51 19.87
CA MET B 65 29.70 6.57 19.18
C MET B 65 30.51 5.69 18.23
N ASN B 66 29.82 4.68 17.69
CA ASN B 66 30.39 3.78 16.70
C ASN B 66 29.28 2.91 16.13
N ILE B 67 29.24 2.74 14.81
CA ILE B 67 28.16 2.06 14.12
C ILE B 67 28.71 0.90 13.34
N ASP B 68 27.98 -0.21 13.31
CA ASP B 68 28.32 -1.39 12.52
C ASP B 68 27.13 -1.70 11.63
N ILE B 69 27.15 -1.16 10.41
CA ILE B 69 26.01 -1.29 9.51
C ILE B 69 25.86 -2.75 9.11
N ALA B 70 24.62 -3.25 9.18
CA ALA B 70 24.34 -4.62 8.80
C ALA B 70 23.97 -4.75 7.33
N SER B 71 22.94 -4.02 6.90
CA SER B 71 22.52 -4.09 5.51
C SER B 71 21.73 -2.84 5.16
N ILE B 72 21.63 -2.58 3.87
CA ILE B 72 20.83 -1.50 3.33
C ILE B 72 19.89 -2.08 2.29
N ASP B 73 18.63 -1.64 2.30
CA ASP B 73 17.64 -2.20 1.40
C ASP B 73 16.51 -1.21 1.24
N MET B 74 15.66 -1.46 0.24
CA MET B 74 14.49 -0.64 -0.03
C MET B 74 14.86 0.81 -0.25
N VAL B 75 15.94 1.05 -1.00
CA VAL B 75 16.30 2.40 -1.37
C VAL B 75 15.30 2.86 -2.42
N SER B 76 14.29 3.60 -1.99
CA SER B 76 13.13 3.90 -2.83
C SER B 76 13.24 5.32 -3.36
N GLU B 77 13.19 5.47 -4.68
CA GLU B 77 13.16 6.79 -5.30
C GLU B 77 11.79 7.45 -5.15
N VAL B 78 10.74 6.65 -5.02
CA VAL B 78 9.39 7.22 -4.92
C VAL B 78 9.22 8.00 -3.62
N ASN B 79 9.61 7.41 -2.50
CA ASN B 79 9.48 8.06 -1.21
C ASN B 79 10.70 8.90 -0.84
N MET B 80 11.78 8.81 -1.61
CA MET B 80 13.04 9.49 -1.30
C MET B 80 13.53 9.10 0.10
N ASP B 81 13.81 7.81 0.26
CA ASP B 81 14.24 7.28 1.54
C ASP B 81 14.99 5.98 1.29
N TYR B 82 15.60 5.48 2.36
CA TYR B 82 16.28 4.19 2.34
C TYR B 82 16.22 3.60 3.73
N THR B 83 16.41 2.29 3.82
CA THR B 83 16.31 1.58 5.08
C THR B 83 17.63 0.86 5.35
N LEU B 84 18.12 0.97 6.58
CA LEU B 84 19.35 0.30 6.95
C LEU B 84 19.24 -0.22 8.38
N THR B 85 19.90 -1.36 8.62
CA THR B 85 19.95 -2.00 9.93
C THR B 85 21.38 -1.89 10.44
N MET B 86 21.53 -1.51 11.70
CA MET B 86 22.85 -1.18 12.21
C MET B 86 22.96 -1.55 13.67
N TYR B 87 24.20 -1.80 14.10
CA TYR B 87 24.50 -2.09 15.50
C TYR B 87 25.03 -0.83 16.18
N PHE B 88 24.13 0.12 16.36
CA PHE B 88 24.48 1.40 16.97
C PHE B 88 25.04 1.17 18.37
N GLN B 89 26.17 1.80 18.68
CA GLN B 89 26.83 1.61 19.96
C GLN B 89 27.36 2.93 20.47
N GLN B 90 27.38 3.07 21.80
CA GLN B 90 27.77 4.32 22.44
C GLN B 90 28.65 4.03 23.64
N TYR B 91 29.68 4.86 23.83
CA TYR B 91 30.61 4.71 24.94
C TYR B 91 30.67 6.02 25.72
N TRP B 92 30.46 5.95 27.02
CA TRP B 92 30.62 7.12 27.87
C TRP B 92 31.13 6.67 29.23
N ARG B 93 31.81 7.58 29.92
CA ARG B 93 32.43 7.28 31.19
C ARG B 93 31.61 7.90 32.31
N ASP B 94 30.98 7.06 33.12
CA ASP B 94 30.27 7.47 34.32
C ASP B 94 31.01 6.91 35.53
N LYS B 95 31.41 7.79 36.44
CA LYS B 95 32.19 7.36 37.60
C LYS B 95 31.33 6.77 38.70
N ARG B 96 30.01 6.91 38.62
CA ARG B 96 29.14 6.38 39.65
C ARG B 96 29.03 4.87 39.62
N LEU B 97 29.54 4.21 38.57
CA LEU B 97 29.44 2.77 38.44
C LEU B 97 30.78 2.07 38.59
N ALA B 98 31.80 2.75 39.12
CA ALA B 98 33.09 2.12 39.31
C ALA B 98 33.02 1.06 40.40
N TYR B 99 33.65 -0.08 40.14
CA TYR B 99 33.71 -1.17 41.10
C TYR B 99 35.12 -1.73 41.12
N SER B 100 35.51 -2.31 42.26
CA SER B 100 36.86 -2.80 42.45
C SER B 100 36.81 -4.25 42.90
N GLY B 101 37.89 -4.99 42.58
CA GLY B 101 38.02 -6.37 42.95
C GLY B 101 37.49 -7.36 41.94
N ILE B 102 36.80 -6.90 40.90
CA ILE B 102 36.25 -7.77 39.87
C ILE B 102 36.90 -7.40 38.54
N PRO B 103 37.85 -8.19 38.08
CA PRO B 103 38.55 -7.85 36.82
C PRO B 103 37.75 -8.23 35.60
N LEU B 104 36.46 -8.48 35.76
CA LEU B 104 35.59 -8.94 34.69
C LEU B 104 34.74 -7.78 34.18
N ASN B 105 34.67 -7.64 32.86
CA ASN B 105 33.78 -6.66 32.25
C ASN B 105 32.35 -7.16 32.37
N LEU B 106 31.64 -6.73 33.41
CA LEU B 106 30.30 -7.25 33.66
C LEU B 106 29.37 -6.91 32.51
N THR B 107 28.64 -7.91 32.03
CA THR B 107 27.62 -7.72 31.01
C THR B 107 26.26 -7.99 31.67
N LEU B 108 25.60 -6.94 32.09
CA LEU B 108 24.32 -7.08 32.76
C LEU B 108 23.23 -7.43 31.76
N ASP B 109 22.09 -7.85 32.28
CA ASP B 109 20.94 -8.16 31.44
C ASP B 109 20.45 -6.91 30.73
N ASN B 110 19.78 -7.11 29.60
CA ASN B 110 19.33 -5.99 28.79
C ASN B 110 18.29 -5.13 29.51
N ARG B 111 17.60 -5.70 30.50
CA ARG B 111 16.60 -4.93 31.23
C ARG B 111 17.20 -3.92 32.19
N VAL B 112 18.49 -4.02 32.50
CA VAL B 112 19.09 -3.10 33.47
C VAL B 112 19.21 -1.70 32.90
N ALA B 113 19.12 -1.55 31.57
CA ALA B 113 19.28 -0.23 30.97
C ALA B 113 18.19 0.74 31.39
N ASP B 114 17.02 0.24 31.80
CA ASP B 114 15.94 1.10 32.24
C ASP B 114 16.23 1.76 33.58
N GLN B 115 17.30 1.35 34.28
CA GLN B 115 17.67 1.93 35.56
C GLN B 115 19.00 2.68 35.49
N LEU B 116 19.38 3.14 34.30
CA LEU B 116 20.62 3.88 34.12
C LEU B 116 20.38 5.10 33.24
N TRP B 117 21.30 6.05 33.30
CA TRP B 117 21.26 7.20 32.43
C TRP B 117 21.85 6.85 31.07
N VAL B 118 21.12 7.18 30.01
CA VAL B 118 21.64 6.99 28.65
C VAL B 118 21.43 8.27 27.87
N PRO B 119 22.29 8.60 26.91
CA PRO B 119 22.11 9.82 26.13
C PRO B 119 20.84 9.75 25.30
N ASP B 120 20.21 10.91 25.12
CA ASP B 120 18.98 11.02 24.35
C ASP B 120 19.29 11.18 22.86
N THR B 121 20.10 10.28 22.33
CA THR B 121 20.51 10.37 20.94
C THR B 121 19.35 9.99 20.02
N TYR B 122 19.09 10.85 19.03
CA TYR B 122 18.04 10.58 18.07
C TYR B 122 18.57 10.89 16.67
N PHE B 123 17.93 10.30 15.67
CA PHE B 123 18.35 10.43 14.28
C PHE B 123 17.47 11.48 13.62
N LEU B 124 18.08 12.59 13.22
CA LEU B 124 17.31 13.77 12.84
C LEU B 124 16.44 13.52 11.61
N ASN B 125 16.89 12.67 10.70
CA ASN B 125 16.20 12.54 9.43
C ASN B 125 15.62 11.16 9.22
N ASP B 126 14.99 10.60 10.25
CA ASP B 126 14.33 9.30 10.12
C ASP B 126 12.82 9.48 10.11
N LYS B 127 12.15 8.62 9.33
CA LYS B 127 10.71 8.63 9.27
C LYS B 127 10.07 7.51 10.07
N LYS B 128 10.81 6.45 10.37
CA LYS B 128 10.29 5.29 11.06
C LYS B 128 11.45 4.42 11.49
N SER B 129 11.43 3.93 12.73
CA SER B 129 12.53 3.14 13.24
C SER B 129 12.05 2.31 14.42
N PHE B 130 12.81 1.28 14.74
CA PHE B 130 12.51 0.44 15.89
C PHE B 130 13.75 -0.37 16.26
N VAL B 131 13.67 -1.01 17.41
CA VAL B 131 14.72 -1.90 17.91
C VAL B 131 14.16 -3.32 17.91
N HIS B 132 14.84 -4.23 17.22
CA HIS B 132 14.35 -5.60 17.12
C HIS B 132 14.30 -6.23 18.51
N GLY B 133 13.20 -6.95 18.77
CA GLY B 133 12.97 -7.48 20.09
C GLY B 133 12.73 -8.97 20.15
N VAL B 134 13.42 -9.72 19.29
CA VAL B 134 13.34 -11.18 19.25
C VAL B 134 14.73 -11.75 19.45
N THR B 135 14.88 -12.66 20.42
CA THR B 135 13.81 -13.12 21.29
C THR B 135 13.51 -12.11 22.38
N VAL B 136 14.50 -11.30 22.73
CA VAL B 136 14.34 -10.22 23.69
C VAL B 136 14.73 -8.92 22.98
N LYS B 137 14.47 -7.81 23.65
CA LYS B 137 14.82 -6.52 23.08
C LYS B 137 16.32 -6.42 22.92
N ASN B 138 16.76 -6.28 21.66
CA ASN B 138 18.19 -6.23 21.36
C ASN B 138 18.84 -5.02 22.00
N ARG B 139 19.64 -5.25 23.04
CA ARG B 139 20.24 -4.16 23.80
C ARG B 139 21.26 -4.78 24.75
N MET B 140 22.38 -4.10 24.93
CA MET B 140 23.43 -4.61 25.82
C MET B 140 23.93 -3.50 26.72
N ILE B 141 24.38 -3.90 27.91
CA ILE B 141 25.00 -3.00 28.86
C ILE B 141 26.24 -3.70 29.40
N ARG B 142 27.40 -3.08 29.25
CA ARG B 142 28.66 -3.69 29.64
C ARG B 142 29.43 -2.73 30.54
N LEU B 143 29.19 -2.84 31.84
CA LEU B 143 29.95 -2.03 32.79
C LEU B 143 31.41 -2.46 32.81
N HIS B 144 32.27 -1.53 33.16
CA HIS B 144 33.70 -1.74 33.22
C HIS B 144 34.19 -1.31 34.60
N PRO B 145 35.31 -1.86 35.07
CA PRO B 145 35.77 -1.52 36.42
C PRO B 145 36.02 -0.04 36.63
N ASP B 146 36.50 0.67 35.61
CA ASP B 146 36.79 2.09 35.73
C ASP B 146 35.55 2.96 35.64
N GLY B 147 34.40 2.38 35.34
CA GLY B 147 33.16 3.12 35.18
C GLY B 147 32.72 3.28 33.74
N THR B 148 33.53 2.85 32.78
CA THR B 148 33.14 2.95 31.38
C THR B 148 31.86 2.16 31.14
N VAL B 149 30.93 2.76 30.40
CA VAL B 149 29.65 2.15 30.11
C VAL B 149 29.50 2.05 28.60
N LEU B 150 29.16 0.85 28.12
CA LEU B 150 28.92 0.61 26.71
C LEU B 150 27.45 0.25 26.54
N TYR B 151 26.78 0.91 25.61
CA TYR B 151 25.33 0.75 25.43
C TYR B 151 25.06 0.62 23.94
N GLY B 152 24.70 -0.57 23.50
CA GLY B 152 24.49 -0.85 22.10
C GLY B 152 23.07 -1.31 21.82
N LEU B 153 22.53 -0.87 20.69
CA LEU B 153 21.22 -1.26 20.23
C LEU B 153 21.35 -1.98 18.90
N ARG B 154 20.21 -2.24 18.26
CA ARG B 154 20.20 -2.83 16.92
C ARG B 154 18.95 -2.30 16.21
N ILE B 155 19.14 -1.24 15.44
CA ILE B 155 18.05 -0.43 14.93
C ILE B 155 17.93 -0.63 13.44
N THR B 156 16.71 -0.85 12.96
CA THR B 156 16.41 -0.88 11.54
C THR B 156 15.60 0.38 11.24
N THR B 157 16.31 1.48 10.99
CA THR B 157 15.68 2.76 10.79
C THR B 157 15.43 3.01 9.30
N THR B 158 14.60 4.01 9.02
CA THR B 158 14.29 4.42 7.66
C THR B 158 14.60 5.90 7.56
N ALA B 159 15.81 6.22 7.11
CA ALA B 159 16.23 7.60 7.03
C ALA B 159 15.57 8.29 5.84
N ALA B 160 15.64 9.62 5.85
CA ALA B 160 15.12 10.44 4.77
C ALA B 160 16.29 10.97 3.95
N CYS B 161 16.23 10.76 2.63
CA CYS B 161 17.31 11.13 1.73
C CYS B 161 16.72 11.88 0.55
N MET B 162 17.13 13.13 0.36
CA MET B 162 16.64 13.92 -0.76
C MET B 162 17.40 13.53 -2.01
N MET B 163 16.68 13.12 -3.04
CA MET B 163 17.28 12.57 -4.25
C MET B 163 16.95 13.46 -5.45
N ASP B 164 17.99 13.82 -6.21
CA ASP B 164 17.83 14.54 -7.47
C ASP B 164 17.96 13.52 -8.59
N LEU B 165 16.88 13.29 -9.31
CA LEU B 165 16.80 12.23 -10.30
C LEU B 165 16.73 12.76 -11.73
N ARG B 166 17.22 13.97 -11.97
CA ARG B 166 17.21 14.48 -13.34
C ARG B 166 18.11 13.64 -14.24
N ARG B 167 19.26 13.22 -13.73
CA ARG B 167 20.20 12.41 -14.49
C ARG B 167 19.88 10.93 -14.43
N TYR B 168 18.80 10.54 -13.76
CA TYR B 168 18.42 9.14 -13.67
C TYR B 168 18.24 8.58 -15.08
N PRO B 169 18.79 7.39 -15.38
CA PRO B 169 19.49 6.46 -14.49
C PRO B 169 20.99 6.68 -14.38
N LEU B 170 21.55 7.75 -14.94
CA LEU B 170 22.98 8.01 -14.78
C LEU B 170 23.19 9.05 -13.68
N ASP B 171 22.88 8.64 -12.45
CA ASP B 171 22.91 9.56 -11.32
C ASP B 171 23.72 8.97 -10.17
N GLU B 172 24.21 9.85 -9.30
CA GLU B 172 24.95 9.47 -8.11
C GLU B 172 24.29 10.15 -6.92
N GLN B 173 23.55 9.38 -6.12
CA GLN B 173 22.86 9.95 -4.99
C GLN B 173 23.80 10.06 -3.79
N ASN B 174 23.45 10.97 -2.88
CA ASN B 174 24.21 11.18 -1.65
C ASN B 174 23.21 11.13 -0.49
N CYS B 175 23.13 9.98 0.17
CA CYS B 175 22.21 9.78 1.28
C CYS B 175 22.98 9.80 2.59
N THR B 176 22.46 10.53 3.57
CA THR B 176 23.15 10.79 4.81
C THR B 176 22.41 10.15 5.98
N LEU B 177 22.87 10.43 7.19
CA LEU B 177 22.20 10.01 8.42
C LEU B 177 22.69 10.93 9.54
N GLU B 178 21.81 11.77 10.05
CA GLU B 178 22.18 12.80 11.02
C GLU B 178 21.90 12.30 12.43
N ILE B 179 22.87 12.48 13.31
CA ILE B 179 22.77 12.05 14.71
C ILE B 179 22.96 13.28 15.58
N GLU B 180 22.04 13.48 16.53
CA GLU B 180 22.07 14.69 17.34
C GLU B 180 21.52 14.39 18.71
N SER B 181 21.94 15.17 19.70
CA SER B 181 21.41 15.08 21.06
C SER B 181 20.17 15.95 21.15
N TYR B 182 19.05 15.36 21.55
CA TYR B 182 17.77 16.08 21.50
C TYR B 182 17.70 17.17 22.56
N GLY B 183 18.05 16.85 23.80
CA GLY B 183 17.83 17.77 24.88
C GLY B 183 19.07 18.24 25.61
N TYR B 184 20.14 18.52 24.86
CA TYR B 184 21.38 18.95 25.48
C TYR B 184 22.14 19.85 24.52
N THR B 185 23.08 20.61 25.07
CA THR B 185 23.98 21.45 24.32
C THR B 185 25.41 20.93 24.50
N THR B 186 26.36 21.62 23.88
CA THR B 186 27.76 21.22 24.00
C THR B 186 28.31 21.45 25.39
N ASP B 187 27.59 22.15 26.26
CA ASP B 187 28.03 22.34 27.63
C ASP B 187 27.75 21.14 28.52
N ASP B 188 27.03 20.15 28.02
CA ASP B 188 26.68 18.99 28.83
C ASP B 188 27.08 17.69 28.15
N ILE B 189 26.99 17.64 26.82
CA ILE B 189 27.25 16.43 26.07
C ILE B 189 28.11 16.77 24.87
N GLU B 190 28.89 15.78 24.43
CA GLU B 190 29.73 15.94 23.24
C GLU B 190 29.79 14.61 22.51
N PHE B 191 29.81 14.69 21.18
CA PHE B 191 29.82 13.50 20.34
C PHE B 191 31.14 13.42 19.58
N TYR B 192 31.66 12.20 19.44
CA TYR B 192 32.85 11.97 18.65
C TYR B 192 32.86 10.53 18.19
N TRP B 193 33.23 10.32 16.93
CA TRP B 193 33.37 8.96 16.43
C TRP B 193 34.52 8.27 17.12
N ARG B 194 34.33 6.99 17.47
CA ARG B 194 35.36 6.21 18.13
C ARG B 194 36.27 5.58 17.09
N GLY B 195 37.56 5.86 17.19
CA GLY B 195 38.50 5.36 16.20
C GLY B 195 38.59 6.17 14.94
N GLY B 196 37.95 7.32 14.88
CA GLY B 196 38.08 8.17 13.70
C GLY B 196 37.40 7.53 12.51
N ASP B 197 38.14 7.46 11.40
CA ASP B 197 37.58 6.95 10.15
C ASP B 197 37.18 5.49 10.20
N LYS B 198 37.61 4.76 11.23
CA LYS B 198 37.26 3.35 11.38
C LYS B 198 36.02 3.15 12.25
N ALA B 199 35.31 4.23 12.60
CA ALA B 199 34.15 4.10 13.47
C ALA B 199 33.06 3.26 12.83
N VAL B 200 32.82 3.45 11.53
CA VAL B 200 31.77 2.73 10.82
C VAL B 200 32.41 1.57 10.07
N THR B 201 31.80 0.39 10.19
CA THR B 201 32.32 -0.82 9.61
C THR B 201 31.21 -1.58 8.91
N GLY B 202 31.59 -2.42 7.95
CA GLY B 202 30.64 -3.20 7.19
C GLY B 202 30.09 -2.51 5.97
N VAL B 203 30.60 -1.33 5.60
CA VAL B 203 30.08 -0.64 4.42
C VAL B 203 30.48 -1.38 3.15
N GLU B 204 31.72 -1.85 3.07
CA GLU B 204 32.20 -2.50 1.85
C GLU B 204 31.51 -3.82 1.58
N ARG B 205 30.96 -4.47 2.60
CA ARG B 205 30.33 -5.77 2.44
C ARG B 205 28.87 -5.68 2.03
N ILE B 206 28.34 -4.48 1.81
CA ILE B 206 26.95 -4.30 1.43
C ILE B 206 26.81 -4.49 -0.07
N GLU B 207 25.83 -5.31 -0.47
CA GLU B 207 25.50 -5.51 -1.88
C GLU B 207 24.12 -4.96 -2.16
N LEU B 208 24.03 -4.07 -3.14
CA LEU B 208 22.73 -3.55 -3.52
C LEU B 208 22.39 -4.00 -4.92
N PRO B 209 21.12 -4.29 -5.20
CA PRO B 209 20.75 -4.75 -6.54
C PRO B 209 21.07 -3.73 -7.63
N GLN B 210 20.95 -2.44 -7.33
CA GLN B 210 21.14 -1.40 -8.33
C GLN B 210 22.36 -0.54 -8.07
N PHE B 211 22.46 0.06 -6.88
CA PHE B 211 23.48 1.06 -6.62
C PHE B 211 24.82 0.40 -6.32
N SER B 212 25.81 1.23 -6.01
CA SER B 212 27.15 0.76 -5.71
C SER B 212 27.80 1.80 -4.80
N ILE B 213 28.05 1.42 -3.56
CA ILE B 213 28.52 2.37 -2.56
C ILE B 213 29.96 2.76 -2.85
N VAL B 214 30.14 3.93 -3.47
CA VAL B 214 31.47 4.36 -3.86
C VAL B 214 32.33 4.67 -2.63
N GLU B 215 31.79 5.45 -1.70
CA GLU B 215 32.54 5.81 -0.51
C GLU B 215 31.59 6.33 0.56
N HIS B 216 32.09 6.38 1.79
CA HIS B 216 31.37 6.96 2.91
C HIS B 216 32.29 7.90 3.67
N ARG B 217 31.71 8.88 4.33
CA ARG B 217 32.46 9.88 5.08
C ARG B 217 31.87 10.07 6.45
N LEU B 218 32.71 10.52 7.38
CA LEU B 218 32.29 10.80 8.75
C LEU B 218 32.54 12.27 9.05
N VAL B 219 31.56 12.91 9.68
CA VAL B 219 31.63 14.32 10.01
C VAL B 219 31.30 14.50 11.49
N SER B 220 32.09 15.32 12.18
CA SER B 220 31.87 15.65 13.58
C SER B 220 31.83 17.17 13.68
N ARG B 221 30.65 17.75 13.48
CA ARG B 221 30.48 19.20 13.49
C ARG B 221 29.49 19.59 14.58
N ASN B 222 29.64 20.81 15.08
CA ASN B 222 28.74 21.35 16.08
C ASN B 222 27.80 22.35 15.42
N VAL B 223 26.49 22.09 15.52
CA VAL B 223 25.51 23.03 15.01
C VAL B 223 25.45 24.22 15.95
N VAL B 224 25.81 25.40 15.46
CA VAL B 224 25.89 26.60 16.27
C VAL B 224 24.66 27.46 16.02
N PHE B 225 23.93 27.77 17.07
CA PHE B 225 22.75 28.62 17.03
C PHE B 225 22.93 29.79 18.00
N ALA B 226 21.91 30.64 18.07
CA ALA B 226 21.96 31.76 19.01
C ALA B 226 21.98 31.28 20.44
N THR B 227 21.16 30.27 20.76
CA THR B 227 21.13 29.74 22.13
C THR B 227 22.45 29.10 22.51
N GLY B 228 23.06 28.35 21.59
CA GLY B 228 24.30 27.66 21.89
C GLY B 228 24.71 26.75 20.76
N ALA B 229 25.47 25.72 21.11
CA ALA B 229 25.98 24.76 20.15
C ALA B 229 25.40 23.38 20.44
N TYR B 230 24.88 22.74 19.39
CA TYR B 230 24.33 21.39 19.51
C TYR B 230 25.26 20.42 18.79
N PRO B 231 25.83 19.43 19.48
CA PRO B 231 26.72 18.50 18.80
C PRO B 231 25.97 17.64 17.80
N ARG B 232 26.69 17.22 16.76
CA ARG B 232 26.09 16.44 15.70
C ARG B 232 27.15 15.56 15.04
N LEU B 233 26.76 14.34 14.70
CA LEU B 233 27.57 13.43 13.91
C LEU B 233 26.82 13.10 12.63
N SER B 234 27.57 12.88 11.55
CA SER B 234 26.98 12.59 10.26
C SER B 234 27.58 11.33 9.67
N LEU B 235 26.74 10.49 9.09
CA LEU B 235 27.15 9.36 8.28
C LEU B 235 26.55 9.53 6.90
N SER B 236 27.36 9.32 5.86
CA SER B 236 26.89 9.61 4.51
C SER B 236 27.67 8.78 3.51
N PHE B 237 26.95 8.05 2.66
CA PHE B 237 27.54 7.33 1.54
C PHE B 237 27.24 8.07 0.25
N ARG B 238 27.75 7.52 -0.86
CA ARG B 238 27.53 8.09 -2.19
C ARG B 238 27.17 6.94 -3.12
N LEU B 239 25.87 6.66 -3.21
CA LEU B 239 25.41 5.56 -4.05
C LEU B 239 25.48 5.94 -5.52
N LYS B 240 26.08 5.07 -6.32
CA LYS B 240 26.14 5.26 -7.77
C LYS B 240 25.31 4.18 -8.43
N ARG B 241 24.30 4.59 -9.19
CA ARG B 241 23.42 3.65 -9.85
C ARG B 241 24.17 2.89 -10.93
N ASN B 242 23.87 1.59 -11.05
CA ASN B 242 24.46 0.77 -12.09
C ASN B 242 23.61 0.83 -13.36
N ILE B 243 24.26 1.13 -14.48
CA ILE B 243 23.55 1.37 -15.74
C ILE B 243 23.25 0.08 -16.50
N GLY B 244 23.75 -1.06 -16.02
CA GLY B 244 23.67 -2.28 -16.81
C GLY B 244 22.24 -2.72 -17.07
N TYR B 245 21.37 -2.60 -16.08
CA TYR B 245 19.99 -3.01 -16.25
C TYR B 245 19.29 -2.21 -17.34
N PHE B 246 19.56 -0.90 -17.38
CA PHE B 246 18.86 -0.03 -18.32
C PHE B 246 19.39 -0.17 -19.74
N ILE B 247 20.64 -0.59 -19.90
CA ILE B 247 21.17 -0.83 -21.24
C ILE B 247 20.39 -1.94 -21.92
N LEU B 248 20.17 -3.04 -21.20
CA LEU B 248 19.59 -4.22 -21.82
C LEU B 248 18.08 -4.08 -21.99
N GLN B 249 17.41 -3.41 -21.05
CA GLN B 249 15.96 -3.37 -21.07
C GLN B 249 15.41 -2.13 -21.76
N THR B 250 16.15 -1.01 -21.76
CA THR B 250 15.62 0.24 -22.24
C THR B 250 16.33 0.77 -23.49
N TYR B 251 17.65 0.94 -23.44
CA TYR B 251 18.33 1.62 -24.53
C TYR B 251 18.43 0.74 -25.76
N MET B 252 18.81 -0.52 -25.59
CA MET B 252 18.96 -1.40 -26.75
C MET B 252 17.66 -1.59 -27.52
N PRO B 253 16.51 -1.88 -26.89
CA PRO B 253 15.27 -1.93 -27.67
C PRO B 253 14.96 -0.62 -28.36
N SER B 254 15.25 0.50 -27.71
CA SER B 254 14.98 1.80 -28.34
C SER B 254 15.87 2.01 -29.56
N ILE B 255 17.13 1.62 -29.46
CA ILE B 255 18.04 1.79 -30.59
C ILE B 255 17.65 0.85 -31.73
N LEU B 256 17.40 -0.42 -31.41
CA LEU B 256 17.11 -1.39 -32.46
C LEU B 256 15.83 -1.05 -33.20
N ILE B 257 14.80 -0.62 -32.47
CA ILE B 257 13.55 -0.24 -33.13
C ILE B 257 13.77 0.95 -34.04
N THR B 258 14.50 1.95 -33.58
CA THR B 258 14.76 3.12 -34.41
C THR B 258 15.55 2.74 -35.65
N ILE B 259 16.51 1.83 -35.52
CA ILE B 259 17.27 1.39 -36.69
C ILE B 259 16.35 0.72 -37.70
N LEU B 260 15.39 -0.07 -37.21
CA LEU B 260 14.47 -0.76 -38.11
C LEU B 260 13.65 0.23 -38.92
N SER B 261 13.23 1.34 -38.31
CA SER B 261 12.41 2.29 -39.03
C SER B 261 13.13 2.83 -40.27
N TRP B 262 14.46 2.85 -40.24
CA TRP B 262 15.23 3.35 -41.37
C TRP B 262 15.24 2.40 -42.56
N VAL B 263 14.80 1.15 -42.38
CA VAL B 263 14.81 0.22 -43.49
C VAL B 263 13.90 0.71 -44.61
N SER B 264 12.87 1.49 -44.27
CA SER B 264 11.93 1.97 -45.28
C SER B 264 12.56 2.94 -46.26
N PHE B 265 13.77 3.43 -45.99
CA PHE B 265 14.46 4.28 -46.96
C PHE B 265 15.12 3.49 -48.06
N TRP B 266 15.19 2.17 -47.95
CA TRP B 266 15.75 1.32 -48.99
C TRP B 266 14.67 0.64 -49.83
N ILE B 267 13.44 0.61 -49.36
CA ILE B 267 12.35 0.02 -50.13
C ILE B 267 11.97 0.95 -51.29
N ASN B 268 11.40 0.36 -52.33
CA ASN B 268 10.89 1.16 -53.44
C ASN B 268 9.78 2.08 -52.96
N TYR B 269 9.76 3.30 -53.52
CA TYR B 269 8.79 4.29 -53.07
C TYR B 269 7.37 3.95 -53.52
N ASP B 270 7.21 3.07 -54.50
CA ASP B 270 5.88 2.65 -54.94
C ASP B 270 5.29 1.57 -54.04
N ALA B 271 6.09 0.94 -53.18
CA ALA B 271 5.61 -0.10 -52.28
C ALA B 271 4.95 0.56 -51.07
N SER B 272 3.81 1.21 -51.33
CA SER B 272 3.16 2.01 -50.31
C SER B 272 2.72 1.15 -49.13
N ALA B 273 2.22 -0.05 -49.41
CA ALA B 273 1.72 -0.89 -48.33
C ALA B 273 2.81 -1.23 -47.34
N ALA B 274 3.98 -1.64 -47.83
CA ALA B 274 5.04 -2.10 -46.94
C ALA B 274 5.64 -0.95 -46.14
N ARG B 275 6.00 0.14 -46.81
CA ARG B 275 6.69 1.23 -46.12
C ARG B 275 5.80 1.85 -45.05
N VAL B 276 4.52 2.03 -45.34
CA VAL B 276 3.60 2.54 -44.33
C VAL B 276 3.48 1.54 -43.19
N ALA B 277 3.26 0.26 -43.53
CA ALA B 277 3.13 -0.76 -42.50
C ALA B 277 4.40 -0.86 -41.67
N LEU B 278 5.56 -0.83 -42.32
CA LEU B 278 6.82 -0.80 -41.59
C LEU B 278 6.95 0.50 -40.79
N GLY B 279 6.56 1.62 -41.39
CA GLY B 279 6.70 2.89 -40.70
C GLY B 279 5.82 2.99 -39.47
N ILE B 280 4.53 2.71 -39.63
CA ILE B 280 3.59 2.95 -38.53
C ILE B 280 3.81 1.95 -37.40
N THR B 281 4.12 0.70 -37.73
CA THR B 281 4.28 -0.31 -36.68
C THR B 281 5.47 0.01 -35.79
N THR B 282 6.52 0.61 -36.35
CA THR B 282 7.63 1.06 -35.53
C THR B 282 7.19 2.12 -34.54
N VAL B 283 6.31 3.03 -34.97
CA VAL B 283 5.77 4.04 -34.05
C VAL B 283 4.97 3.36 -32.95
N LEU B 284 4.16 2.37 -33.31
CA LEU B 284 3.41 1.62 -32.30
C LEU B 284 4.36 0.86 -31.38
N THR B 285 5.41 0.26 -31.93
CA THR B 285 6.34 -0.49 -31.10
C THR B 285 7.04 0.41 -30.10
N MET B 286 7.45 1.61 -30.54
CA MET B 286 8.09 2.54 -29.62
C MET B 286 7.13 2.92 -28.50
N THR B 287 5.87 3.15 -28.83
CA THR B 287 4.89 3.50 -27.82
C THR B 287 4.72 2.36 -26.82
N THR B 288 4.79 1.12 -27.28
CA THR B 288 4.75 -0.01 -26.37
C THR B 288 5.93 0.00 -25.41
N ILE B 289 7.13 0.28 -25.92
CA ILE B 289 8.29 0.35 -25.06
C ILE B 289 8.16 1.51 -24.08
N ASN B 290 7.74 2.67 -24.57
CA ASN B 290 7.66 3.84 -23.73
C ASN B 290 6.61 3.66 -22.63
N THR B 291 5.41 3.22 -23.01
CA THR B 291 4.35 3.07 -22.01
C THR B 291 4.69 1.99 -21.00
N HIS B 292 5.27 0.88 -21.45
CA HIS B 292 5.58 -0.21 -20.53
C HIS B 292 6.58 0.22 -19.47
N LEU B 293 7.60 0.97 -19.87
CA LEU B 293 8.60 1.42 -18.89
C LEU B 293 7.95 2.28 -17.82
N ARG B 294 7.05 3.18 -18.23
CA ARG B 294 6.35 4.02 -17.26
C ARG B 294 5.62 3.19 -16.22
N GLU B 295 5.13 2.01 -16.61
CA GLU B 295 4.43 1.15 -15.66
C GLU B 295 5.39 0.42 -14.72
N THR B 296 6.59 0.11 -15.17
CA THR B 296 7.52 -0.65 -14.33
C THR B 296 8.55 0.23 -13.64
N LEU B 297 9.05 1.28 -14.29
CA LEU B 297 9.97 2.19 -13.64
C LEU B 297 9.24 2.97 -12.55
N PRO B 298 9.94 3.34 -11.48
CA PRO B 298 9.27 4.05 -10.38
C PRO B 298 8.68 5.37 -10.85
N LYS B 299 7.51 5.69 -10.30
CA LYS B 299 6.79 6.90 -10.71
C LYS B 299 7.51 8.12 -10.16
N ILE B 300 8.18 8.86 -11.03
CA ILE B 300 8.92 10.05 -10.63
C ILE B 300 8.49 11.19 -11.54
N PRO B 301 7.35 11.82 -11.27
CA PRO B 301 6.74 12.69 -12.27
C PRO B 301 7.48 14.00 -12.54
N TYR B 302 8.69 13.92 -13.06
CA TYR B 302 9.32 15.07 -13.69
C TYR B 302 10.39 14.55 -14.64
N VAL B 303 10.79 15.43 -15.56
CA VAL B 303 11.60 15.01 -16.70
C VAL B 303 12.96 14.52 -16.22
N LYS B 304 13.32 13.31 -16.62
CA LYS B 304 14.56 12.67 -16.24
C LYS B 304 15.40 12.42 -17.49
N ALA B 305 16.60 11.90 -17.28
CA ALA B 305 17.49 11.60 -18.40
C ALA B 305 17.02 10.42 -19.23
N ILE B 306 16.11 9.59 -18.70
CA ILE B 306 15.60 8.48 -19.47
C ILE B 306 14.42 8.90 -20.35
N ASP B 307 13.64 9.88 -19.90
CA ASP B 307 12.50 10.31 -20.70
C ASP B 307 12.93 11.07 -21.94
N MET B 308 14.01 11.86 -21.83
CA MET B 308 14.47 12.61 -22.99
C MET B 308 14.95 11.68 -24.09
N TYR B 309 15.59 10.57 -23.72
CA TYR B 309 16.04 9.62 -24.73
C TYR B 309 14.86 8.94 -25.40
N LEU B 310 13.92 8.43 -24.60
CA LEU B 310 12.76 7.75 -25.17
C LEU B 310 11.96 8.70 -26.04
N MET B 311 11.74 9.93 -25.57
CA MET B 311 11.07 10.92 -26.40
C MET B 311 11.92 11.27 -27.62
N GLY B 312 13.25 11.23 -27.48
CA GLY B 312 14.09 11.49 -28.62
C GLY B 312 13.93 10.45 -29.70
N CYS B 313 13.93 9.18 -29.32
CA CYS B 313 13.75 8.11 -30.31
C CYS B 313 12.37 8.18 -30.95
N PHE B 314 11.34 8.45 -30.15
CA PHE B 314 9.99 8.49 -30.69
C PHE B 314 9.84 9.54 -31.77
N VAL B 315 10.64 10.61 -31.71
CA VAL B 315 10.62 11.59 -32.78
C VAL B 315 11.25 11.02 -34.05
N PHE B 316 12.34 10.28 -33.90
CA PHE B 316 13.03 9.76 -35.07
C PHE B 316 12.14 8.79 -35.86
N VAL B 317 11.45 7.89 -35.17
CA VAL B 317 10.54 6.99 -35.86
C VAL B 317 9.36 7.77 -36.44
N PHE B 318 8.91 8.79 -35.72
CA PHE B 318 7.85 9.65 -36.25
C PHE B 318 8.29 10.32 -37.52
N LEU B 319 9.51 10.87 -37.55
CA LEU B 319 9.99 11.51 -38.76
C LEU B 319 10.22 10.51 -39.87
N ALA B 320 10.59 9.28 -39.53
CA ALA B 320 10.81 8.27 -40.57
C ALA B 320 9.54 8.00 -41.36
N LEU B 321 8.41 7.85 -40.67
CA LEU B 321 7.16 7.66 -41.37
C LEU B 321 6.70 8.95 -42.05
N LEU B 322 6.85 10.09 -41.37
CA LEU B 322 6.47 11.36 -41.97
C LEU B 322 7.30 11.66 -43.20
N GLU B 323 8.55 11.16 -43.24
CA GLU B 323 9.37 11.38 -44.42
C GLU B 323 8.76 10.74 -45.65
N TYR B 324 8.26 9.51 -45.52
CA TYR B 324 7.68 8.85 -46.67
C TYR B 324 6.43 9.57 -47.16
N ALA B 325 5.58 10.02 -46.23
CA ALA B 325 4.38 10.73 -46.61
C ALA B 325 4.72 11.96 -47.46
N PHE B 326 5.83 12.62 -47.14
CA PHE B 326 6.32 13.68 -48.01
C PHE B 326 6.77 13.12 -49.35
N VAL B 327 7.47 11.98 -49.33
CA VAL B 327 7.96 11.39 -50.57
C VAL B 327 6.80 10.97 -51.46
N ASN B 328 5.80 10.31 -50.88
CA ASN B 328 4.68 9.82 -51.66
C ASN B 328 3.88 10.97 -52.24
N TYR B 329 3.71 12.05 -51.48
CA TYR B 329 2.96 13.19 -51.97
C TYR B 329 3.66 13.86 -53.14
N ILE B 330 4.99 13.98 -53.06
CA ILE B 330 5.73 14.66 -54.13
C ILE B 330 5.59 13.90 -55.44
N PHE B 331 5.69 12.57 -55.39
CA PHE B 331 5.65 11.77 -56.62
C PHE B 331 4.27 11.75 -57.24
N PHE B 332 3.23 11.51 -56.42
CA PHE B 332 1.88 11.36 -56.95
C PHE B 332 1.13 12.69 -57.00
N GLY B 333 1.12 13.44 -55.89
CA GLY B 333 0.36 14.68 -55.84
C GLY B 333 0.87 15.70 -56.84
N ARG B 334 2.17 15.74 -57.07
CA ARG B 334 2.75 16.67 -58.03
C ARG B 334 3.43 15.93 -59.17
N GLY B 335 2.78 14.89 -59.69
CA GLY B 335 3.32 14.11 -60.78
C GLY B 335 3.41 14.90 -62.08
N THR B 443 12.26 18.21 -57.06
CA THR B 443 13.45 17.41 -57.30
C THR B 443 13.10 15.95 -57.60
N ASP B 444 14.12 15.12 -57.74
CA ASP B 444 13.90 13.70 -57.99
C ASP B 444 13.26 13.05 -56.76
N VAL B 445 12.29 12.17 -57.00
CA VAL B 445 11.63 11.49 -55.89
C VAL B 445 12.58 10.51 -55.22
N ASN B 446 13.42 9.83 -56.00
CA ASN B 446 14.43 8.96 -55.42
C ASN B 446 15.48 9.73 -54.64
N ALA B 447 15.66 11.02 -54.94
CA ALA B 447 16.69 11.80 -54.26
C ALA B 447 16.39 11.94 -52.77
N ILE B 448 15.12 12.17 -52.42
CA ILE B 448 14.77 12.34 -51.01
C ILE B 448 15.06 11.07 -50.23
N ASP B 449 14.72 9.92 -50.80
CA ASP B 449 15.10 8.66 -50.17
C ASP B 449 16.61 8.51 -50.11
N ARG B 450 17.30 8.88 -51.18
CA ARG B 450 18.76 8.77 -51.20
C ARG B 450 19.38 9.68 -50.15
N TRP B 451 18.85 10.89 -50.01
CA TRP B 451 19.39 11.84 -49.04
C TRP B 451 19.11 11.38 -47.61
N SER B 452 17.93 10.82 -47.36
CA SER B 452 17.58 10.42 -46.00
C SER B 452 18.35 9.21 -45.52
N ARG B 453 18.87 8.39 -46.43
CA ARG B 453 19.64 7.23 -46.02
C ARG B 453 20.92 7.61 -45.30
N ILE B 454 21.37 8.84 -45.47
CA ILE B 454 22.59 9.34 -44.83
C ILE B 454 22.27 10.17 -43.60
N VAL B 455 21.36 11.14 -43.75
CA VAL B 455 21.10 12.08 -42.66
C VAL B 455 20.52 11.38 -41.46
N PHE B 456 19.56 10.48 -41.66
CA PHE B 456 18.92 9.84 -40.51
C PHE B 456 19.90 9.04 -39.66
N PRO B 457 20.70 8.12 -40.19
CA PRO B 457 21.69 7.47 -39.33
C PRO B 457 22.72 8.44 -38.79
N PHE B 458 23.06 9.47 -39.56
CA PHE B 458 24.03 10.45 -39.09
C PHE B 458 23.47 11.24 -37.91
N THR B 459 22.24 11.72 -38.02
CA THR B 459 21.65 12.50 -36.94
C THR B 459 21.48 11.68 -35.68
N PHE B 460 20.99 10.45 -35.81
CA PHE B 460 20.77 9.63 -34.63
C PHE B 460 22.08 9.30 -33.93
N SER B 461 23.13 9.03 -34.71
CA SER B 461 24.44 8.83 -34.12
C SER B 461 24.90 10.10 -33.40
N LEU B 462 24.69 11.25 -34.03
CA LEU B 462 25.05 12.51 -33.40
C LEU B 462 24.22 12.76 -32.14
N PHE B 463 22.94 12.41 -32.19
CA PHE B 463 22.10 12.60 -31.02
C PHE B 463 22.57 11.76 -29.85
N ASN B 464 22.99 10.51 -30.12
CA ASN B 464 23.52 9.69 -29.05
C ASN B 464 24.82 10.26 -28.50
N LEU B 465 25.67 10.79 -29.38
CA LEU B 465 26.93 11.36 -28.93
C LEU B 465 26.71 12.51 -27.98
N VAL B 466 25.79 13.41 -28.32
CA VAL B 466 25.46 14.51 -27.41
C VAL B 466 24.88 13.99 -26.12
N TYR B 467 23.97 13.01 -26.22
CA TYR B 467 23.27 12.52 -25.04
C TYR B 467 24.25 11.91 -24.03
N TRP B 468 25.08 10.98 -24.49
CA TRP B 468 25.97 10.30 -23.56
C TRP B 468 26.99 11.25 -22.94
N LEU B 469 27.57 12.14 -23.75
CA LEU B 469 28.58 13.05 -23.22
C LEU B 469 27.95 14.11 -22.32
N TYR B 470 26.70 14.47 -22.56
CA TYR B 470 26.03 15.45 -21.69
C TYR B 470 25.87 14.90 -20.28
N TYR B 471 25.49 13.64 -20.15
CA TYR B 471 25.27 13.04 -18.84
C TYR B 471 26.49 12.30 -18.31
N VAL B 472 27.55 12.17 -19.09
CA VAL B 472 28.78 11.56 -18.61
C VAL B 472 29.96 12.46 -18.95
N ASP C 65 1.82 -26.63 48.04
CA ASP C 65 2.88 -27.53 47.63
C ASP C 65 3.72 -26.89 46.53
N VAL C 66 3.16 -26.86 45.32
CA VAL C 66 3.87 -26.26 44.19
C VAL C 66 4.06 -24.77 44.41
N THR C 67 3.08 -24.11 45.03
CA THR C 67 3.21 -22.69 45.31
C THR C 67 4.39 -22.42 46.23
N VAL C 68 4.59 -23.26 47.23
CA VAL C 68 5.72 -23.08 48.15
C VAL C 68 7.04 -23.21 47.40
N ILE C 69 7.13 -24.19 46.50
CA ILE C 69 8.38 -24.41 45.79
C ILE C 69 8.73 -23.20 44.92
N LEU C 70 7.75 -22.66 44.21
CA LEU C 70 8.01 -21.51 43.34
C LEU C 70 8.47 -20.30 44.14
N ASN C 71 7.85 -20.05 45.29
CA ASN C 71 8.24 -18.92 46.11
C ASN C 71 9.68 -19.08 46.60
N ASN C 72 10.08 -20.31 46.92
CA ASN C 72 11.46 -20.55 47.35
C ASN C 72 12.44 -20.25 46.23
N LEU C 73 12.10 -20.64 45.00
CA LEU C 73 13.03 -20.44 43.89
C LEU C 73 13.26 -18.96 43.62
N LEU C 74 12.20 -18.16 43.59
CA LEU C 74 12.34 -16.76 43.23
C LEU C 74 13.04 -15.96 44.32
N GLU C 75 12.84 -16.33 45.58
CA GLU C 75 13.46 -15.58 46.67
C GLU C 75 14.97 -15.74 46.61
N GLY C 76 15.68 -14.62 46.78
CA GLY C 76 17.13 -14.64 46.67
C GLY C 76 17.65 -14.98 45.29
N TYR C 77 16.93 -14.59 44.24
CA TYR C 77 17.32 -14.84 42.87
C TYR C 77 17.34 -13.52 42.12
N ASP C 78 18.48 -13.19 41.52
CA ASP C 78 18.64 -11.98 40.73
C ASP C 78 18.75 -12.37 39.27
N ASN C 79 17.84 -11.87 38.45
CA ASN C 79 17.78 -12.27 37.05
C ASN C 79 18.72 -11.47 36.15
N LYS C 80 19.45 -10.50 36.70
CA LYS C 80 20.38 -9.74 35.88
C LYS C 80 21.67 -10.50 35.61
N LEU C 81 21.94 -11.59 36.31
CA LEU C 81 23.19 -12.31 36.22
C LEU C 81 22.96 -13.70 35.64
N ARG C 82 23.75 -14.05 34.64
CA ARG C 82 23.67 -15.37 34.04
C ARG C 82 24.16 -16.43 35.03
N PRO C 83 23.72 -17.68 34.85
CA PRO C 83 24.20 -18.75 35.73
C PRO C 83 25.71 -18.92 35.61
N ASP C 84 26.34 -19.27 36.73
CA ASP C 84 27.78 -19.49 36.79
C ASP C 84 28.56 -18.29 36.27
N ILE C 85 28.14 -17.09 36.68
CA ILE C 85 28.83 -15.88 36.26
C ILE C 85 30.18 -15.80 36.96
N GLY C 86 31.22 -15.53 36.19
CA GLY C 86 32.56 -15.50 36.74
C GLY C 86 33.18 -16.85 37.00
N VAL C 87 32.60 -17.92 36.46
CA VAL C 87 33.15 -19.26 36.65
C VAL C 87 33.42 -19.92 35.31
N LYS C 88 32.41 -20.01 34.46
CA LYS C 88 32.54 -20.68 33.18
C LYS C 88 31.42 -20.20 32.27
N PRO C 89 31.58 -20.37 30.96
CA PRO C 89 30.49 -20.01 30.04
C PRO C 89 29.25 -20.87 30.27
N THR C 90 28.09 -20.31 29.97
CA THR C 90 26.81 -20.96 30.19
C THR C 90 26.46 -21.76 28.93
N LEU C 91 26.69 -23.08 29.00
CA LEU C 91 26.45 -23.92 27.83
C LEU C 91 24.96 -24.02 27.56
N ILE C 92 24.58 -23.84 26.29
CA ILE C 92 23.19 -23.84 25.88
C ILE C 92 23.02 -24.82 24.74
N HIS C 93 22.10 -25.76 24.89
CA HIS C 93 21.74 -26.69 23.82
C HIS C 93 20.48 -26.17 23.16
N THR C 94 20.54 -25.95 21.84
CA THR C 94 19.41 -25.41 21.11
C THR C 94 18.82 -26.46 20.18
N ASP C 95 17.61 -26.18 19.71
CA ASP C 95 16.91 -27.03 18.75
C ASP C 95 15.97 -26.16 17.95
N MET C 96 15.43 -26.72 16.88
CA MET C 96 14.50 -25.97 16.05
C MET C 96 13.54 -26.95 15.40
N TYR C 97 12.40 -26.43 14.97
CA TYR C 97 11.39 -27.23 14.28
C TYR C 97 10.77 -26.33 13.22
N VAL C 98 11.28 -26.40 11.99
CA VAL C 98 10.85 -25.51 10.94
C VAL C 98 9.43 -25.85 10.54
N ASN C 99 8.48 -25.04 10.99
CA ASN C 99 7.08 -25.31 10.70
C ASN C 99 6.78 -25.16 9.22
N SER C 100 7.18 -24.03 8.63
CA SER C 100 6.95 -23.79 7.21
C SER C 100 7.77 -22.63 6.69
N ILE C 101 8.53 -22.85 5.63
CA ILE C 101 9.27 -21.77 4.98
C ILE C 101 8.32 -21.02 4.06
N GLY C 102 8.13 -19.74 4.32
CA GLY C 102 7.20 -18.94 3.57
C GLY C 102 7.71 -18.61 2.19
N PRO C 103 7.04 -17.68 1.51
CA PRO C 103 7.48 -17.29 0.17
C PRO C 103 8.88 -16.70 0.20
N VAL C 104 9.64 -17.00 -0.85
CA VAL C 104 10.98 -16.43 -1.02
C VAL C 104 10.81 -15.15 -1.84
N ASN C 105 10.80 -14.02 -1.15
CA ASN C 105 10.63 -12.73 -1.79
C ASN C 105 11.93 -12.34 -2.46
N ALA C 106 12.05 -12.64 -3.75
CA ALA C 106 13.31 -12.42 -4.46
C ALA C 106 13.59 -10.94 -4.66
N ILE C 107 12.54 -10.11 -4.78
CA ILE C 107 12.75 -8.68 -5.02
C ILE C 107 13.46 -8.04 -3.84
N ASN C 108 13.06 -8.38 -2.62
CA ASN C 108 13.65 -7.81 -1.41
C ASN C 108 14.71 -8.71 -0.80
N MET C 109 15.05 -9.81 -1.46
CA MET C 109 16.12 -10.71 -1.01
C MET C 109 15.86 -11.24 0.40
N GLU C 110 14.64 -11.74 0.62
CA GLU C 110 14.27 -12.22 1.95
C GLU C 110 13.34 -13.41 1.80
N TYR C 111 13.26 -14.20 2.86
CA TYR C 111 12.39 -15.36 2.93
C TYR C 111 11.82 -15.48 4.33
N THR C 112 10.56 -15.87 4.42
CA THR C 112 9.87 -15.98 5.70
C THR C 112 9.91 -17.42 6.19
N ILE C 113 10.21 -17.59 7.47
CA ILE C 113 10.28 -18.91 8.08
C ILE C 113 9.56 -18.88 9.42
N ASP C 114 8.86 -19.98 9.73
CA ASP C 114 8.15 -20.13 10.99
C ASP C 114 8.72 -21.35 11.71
N ILE C 115 9.12 -21.17 12.96
CA ILE C 115 9.85 -22.20 13.71
C ILE C 115 9.31 -22.27 15.12
N PHE C 116 9.75 -23.31 15.83
CA PHE C 116 9.51 -23.50 17.27
C PHE C 116 10.88 -23.57 17.94
N PHE C 117 11.44 -22.41 18.29
CA PHE C 117 12.78 -22.35 18.82
C PHE C 117 12.82 -22.85 20.26
N ALA C 118 13.77 -23.72 20.56
CA ALA C 118 13.88 -24.34 21.87
C ALA C 118 15.30 -24.26 22.38
N GLN C 119 15.46 -23.91 23.66
CA GLN C 119 16.77 -23.73 24.27
C GLN C 119 16.79 -24.43 25.62
N THR C 120 18.00 -24.80 26.06
CA THR C 120 18.16 -25.55 27.30
C THR C 120 19.50 -25.22 27.93
N TRP C 121 19.51 -24.99 29.23
CA TRP C 121 20.73 -24.69 29.96
C TRP C 121 20.57 -25.18 31.40
N TYR C 122 21.55 -24.85 32.23
CA TYR C 122 21.53 -25.22 33.64
C TYR C 122 21.53 -23.96 34.49
N ASP C 123 20.94 -24.08 35.68
CA ASP C 123 20.87 -22.94 36.61
C ASP C 123 20.76 -23.51 38.02
N ARG C 124 21.89 -23.53 38.74
CA ARG C 124 21.89 -24.10 40.08
C ARG C 124 21.02 -23.30 41.04
N ARG C 125 20.77 -22.03 40.75
CA ARG C 125 19.95 -21.22 41.64
C ARG C 125 18.50 -21.67 41.66
N LEU C 126 18.05 -22.44 40.67
CA LEU C 126 16.68 -22.87 40.57
C LEU C 126 16.47 -24.31 41.03
N LYS C 127 17.47 -24.92 41.66
CA LYS C 127 17.30 -26.27 42.17
C LYS C 127 16.27 -26.29 43.30
N PHE C 128 15.48 -27.36 43.35
CA PHE C 128 14.53 -27.56 44.43
C PHE C 128 14.48 -29.05 44.76
N ASN C 129 14.25 -29.34 46.04
CA ASN C 129 14.18 -30.70 46.53
C ASN C 129 12.72 -31.08 46.71
N SER C 130 12.20 -31.89 45.79
CA SER C 130 10.81 -32.32 45.87
C SER C 130 10.65 -33.59 45.05
N THR C 131 9.56 -34.30 45.32
CA THR C 131 9.21 -35.46 44.50
C THR C 131 8.82 -35.04 43.09
N ILE C 132 8.33 -33.81 42.93
CA ILE C 132 7.98 -33.31 41.60
C ILE C 132 9.25 -33.06 40.82
N LYS C 133 9.27 -33.49 39.56
CA LYS C 133 10.44 -33.38 38.71
C LYS C 133 10.30 -32.35 37.60
N VAL C 134 9.15 -31.71 37.47
CA VAL C 134 8.93 -30.77 36.38
C VAL C 134 7.85 -29.78 36.79
N LEU C 135 8.04 -28.52 36.40
CA LEU C 135 7.10 -27.44 36.70
C LEU C 135 6.75 -26.76 35.38
N ARG C 136 5.71 -27.26 34.70
CA ARG C 136 5.36 -26.74 33.38
C ARG C 136 4.67 -25.39 33.55
N LEU C 137 5.42 -24.33 33.33
CA LEU C 137 4.93 -22.97 33.54
C LEU C 137 4.37 -22.44 32.21
N ASN C 138 4.14 -21.14 32.12
CA ASN C 138 3.42 -20.55 30.98
C ASN C 138 3.98 -19.16 30.71
N SER C 139 3.18 -18.34 30.03
CA SER C 139 3.59 -17.04 29.49
C SER C 139 3.21 -15.89 30.43
N ASN C 140 3.31 -16.18 31.72
CA ASN C 140 3.30 -15.18 32.78
C ASN C 140 4.42 -15.38 33.79
N MET C 141 5.40 -16.23 33.50
CA MET C 141 6.47 -16.55 34.43
C MET C 141 7.85 -16.50 33.78
N VAL C 142 7.95 -16.07 32.52
CA VAL C 142 9.22 -16.08 31.83
C VAL C 142 10.16 -15.02 32.40
N GLY C 143 9.64 -13.82 32.64
CA GLY C 143 10.50 -12.70 32.99
C GLY C 143 11.18 -12.80 34.33
N LYS C 144 10.77 -13.74 35.18
CA LYS C 144 11.33 -13.80 36.52
C LYS C 144 12.74 -14.39 36.53
N ILE C 145 13.00 -15.37 35.70
CA ILE C 145 14.28 -16.06 35.69
C ILE C 145 15.13 -15.53 34.54
N TRP C 146 16.43 -15.82 34.57
CA TRP C 146 17.34 -15.36 33.54
C TRP C 146 17.06 -16.05 32.22
N ILE C 147 17.08 -15.27 31.15
CA ILE C 147 16.79 -15.79 29.80
C ILE C 147 17.92 -15.36 28.86
N PRO C 148 18.46 -16.27 28.05
CA PRO C 148 19.47 -15.86 27.07
C PRO C 148 18.90 -14.86 26.09
N ASP C 149 19.73 -13.90 25.69
CA ASP C 149 19.31 -12.84 24.79
C ASP C 149 19.57 -13.19 23.34
N THR C 150 19.12 -14.37 22.92
CA THR C 150 19.42 -14.83 21.57
C THR C 150 18.63 -14.04 20.54
N PHE C 151 19.31 -13.57 19.51
CA PHE C 151 18.70 -12.82 18.43
C PHE C 151 19.19 -13.38 17.10
N PHE C 152 18.40 -13.17 16.06
CA PHE C 152 18.69 -13.72 14.74
C PHE C 152 19.43 -12.67 13.93
N ARG C 153 20.72 -12.91 13.68
CA ARG C 153 21.58 -11.87 13.14
C ARG C 153 21.15 -11.43 11.75
N ASN C 154 20.73 -12.37 10.91
CA ASN C 154 20.33 -12.08 9.54
C ASN C 154 18.83 -11.90 9.41
N SER C 155 18.17 -11.38 10.44
CA SER C 155 16.72 -11.23 10.45
C SER C 155 16.36 -9.78 10.14
N LYS C 156 15.58 -9.57 9.08
CA LYS C 156 15.07 -8.24 8.79
C LYS C 156 13.91 -7.87 9.71
N LYS C 157 13.06 -8.82 10.05
CA LYS C 157 11.88 -8.55 10.85
C LYS C 157 11.32 -9.84 11.45
N ALA C 158 11.34 -9.96 12.78
CA ALA C 158 10.90 -11.17 13.44
C ALA C 158 9.83 -10.84 14.46
N ASP C 159 8.82 -11.70 14.56
CA ASP C 159 7.73 -11.54 15.50
C ASP C 159 7.51 -12.84 16.25
N ALA C 160 7.25 -12.74 17.55
CA ALA C 160 6.75 -13.87 18.31
C ALA C 160 5.24 -13.93 18.12
N HIS C 161 4.55 -14.75 18.89
CA HIS C 161 3.10 -14.88 18.79
C HIS C 161 2.47 -14.64 20.15
N TRP C 162 1.24 -14.12 20.14
CA TRP C 162 0.57 -13.73 21.36
C TRP C 162 -0.89 -14.17 21.43
N ILE C 163 -1.41 -14.84 20.41
CA ILE C 163 -2.82 -15.24 20.37
C ILE C 163 -2.89 -16.74 20.59
N THR C 164 -3.69 -17.15 21.58
CA THR C 164 -4.45 -16.24 22.41
C THR C 164 -3.64 -15.82 23.63
N THR C 165 -2.50 -16.46 23.79
CA THR C 165 -1.52 -16.17 24.82
C THR C 165 -0.15 -16.22 24.16
N PRO C 166 0.88 -15.66 24.78
CA PRO C 166 2.21 -15.76 24.19
C PRO C 166 2.62 -17.21 24.07
N ASN C 167 2.96 -17.61 22.86
CA ASN C 167 3.31 -19.00 22.60
C ASN C 167 4.71 -19.23 23.17
N ARG C 168 4.74 -19.50 24.47
CA ARG C 168 5.99 -19.77 25.17
C ARG C 168 5.79 -20.90 26.16
N MET C 169 6.88 -21.59 26.46
CA MET C 169 6.89 -22.66 27.42
C MET C 169 8.09 -22.48 28.33
N LEU C 170 7.99 -23.01 29.55
CA LEU C 170 9.09 -22.89 30.51
C LEU C 170 8.97 -24.06 31.48
N ARG C 171 9.80 -25.09 31.27
CA ARG C 171 9.80 -26.27 32.11
C ARG C 171 11.08 -26.29 32.94
N ILE C 172 10.94 -26.55 34.23
CA ILE C 172 12.07 -26.55 35.15
C ILE C 172 12.14 -27.90 35.85
N TRP C 173 13.30 -28.52 35.80
CA TRP C 173 13.52 -29.77 36.51
C TRP C 173 14.03 -29.49 37.92
N ASN C 174 14.11 -30.55 38.72
CA ASN C 174 14.58 -30.41 40.09
C ASN C 174 16.10 -30.34 40.18
N ASP C 175 16.82 -30.69 39.13
CA ASP C 175 18.26 -30.63 39.13
C ASP C 175 18.80 -29.34 38.52
N GLY C 176 17.92 -28.41 38.15
CA GLY C 176 18.31 -27.12 37.64
C GLY C 176 18.15 -26.94 36.15
N ARG C 177 18.15 -28.01 35.39
CA ARG C 177 18.01 -27.89 33.94
C ARG C 177 16.70 -27.21 33.58
N VAL C 178 16.76 -26.30 32.63
CA VAL C 178 15.61 -25.49 32.24
C VAL C 178 15.42 -25.61 30.73
N LEU C 179 14.18 -25.85 30.32
CA LEU C 179 13.80 -25.83 28.92
C LEU C 179 12.94 -24.61 28.65
N TYR C 180 13.17 -23.96 27.51
CA TYR C 180 12.45 -22.72 27.21
C TYR C 180 12.21 -22.67 25.70
N THR C 181 10.99 -23.01 25.29
CA THR C 181 10.63 -23.04 23.89
C THR C 181 9.65 -21.92 23.57
N LEU C 182 9.65 -21.48 22.32
CA LEU C 182 8.73 -20.45 21.88
C LEU C 182 8.57 -20.56 20.38
N ARG C 183 7.53 -19.90 19.87
CA ARG C 183 7.21 -19.89 18.45
C ARG C 183 7.52 -18.53 17.86
N LEU C 184 8.18 -18.53 16.70
CA LEU C 184 8.61 -17.30 16.05
C LEU C 184 8.23 -17.32 14.58
N THR C 185 8.06 -16.13 14.02
CA THR C 185 7.91 -15.95 12.57
C THR C 185 8.96 -14.94 12.14
N ILE C 186 9.93 -15.39 11.36
CA ILE C 186 11.14 -14.63 11.08
C ILE C 186 11.20 -14.33 9.60
N ASP C 187 11.45 -13.06 9.26
CA ASP C 187 11.74 -12.67 7.88
C ASP C 187 13.25 -12.50 7.75
N ALA C 188 13.93 -13.63 7.59
CA ALA C 188 15.38 -13.61 7.48
C ALA C 188 15.80 -12.93 6.17
N GLU C 189 17.09 -12.61 6.09
CA GLU C 189 17.66 -11.96 4.93
C GLU C 189 18.58 -12.93 4.19
N CYS C 190 18.34 -13.10 2.89
CA CYS C 190 19.07 -14.05 2.08
C CYS C 190 19.56 -13.37 0.81
N GLN C 191 20.84 -13.51 0.52
CA GLN C 191 21.43 -12.92 -0.68
C GLN C 191 21.28 -13.88 -1.85
N LEU C 192 20.71 -13.40 -2.94
CA LEU C 192 20.43 -14.21 -4.11
C LEU C 192 21.36 -13.83 -5.25
N GLN C 193 21.97 -14.83 -5.86
CA GLN C 193 22.80 -14.65 -7.05
C GLN C 193 21.98 -15.12 -8.24
N LEU C 194 21.36 -14.17 -8.94
CA LEU C 194 20.44 -14.49 -10.03
C LEU C 194 21.13 -14.58 -11.38
N HIS C 195 22.42 -14.90 -11.41
CA HIS C 195 23.12 -15.02 -12.69
C HIS C 195 22.51 -16.10 -13.56
N ASN C 196 22.21 -17.25 -12.96
CA ASN C 196 21.67 -18.39 -13.70
C ASN C 196 20.15 -18.43 -13.73
N PHE C 197 19.50 -17.32 -13.40
CA PHE C 197 18.05 -17.30 -13.35
C PHE C 197 17.47 -17.57 -14.72
N PRO C 198 16.45 -18.43 -14.85
CA PRO C 198 15.77 -19.20 -13.79
C PRO C 198 16.27 -20.63 -13.64
N MET C 199 17.58 -20.84 -13.62
CA MET C 199 18.16 -22.15 -13.37
C MET C 199 19.17 -22.05 -12.24
N ASP C 200 18.78 -21.40 -11.16
CA ASP C 200 19.68 -21.03 -10.09
C ASP C 200 19.40 -21.85 -8.83
N GLU C 201 20.38 -21.85 -7.94
CA GLU C 201 20.26 -22.46 -6.63
C GLU C 201 20.74 -21.48 -5.58
N HIS C 202 20.21 -21.59 -4.38
CA HIS C 202 20.63 -20.75 -3.27
C HIS C 202 20.70 -21.57 -2.00
N SER C 203 21.45 -21.05 -1.03
CA SER C 203 21.52 -21.64 0.30
C SER C 203 21.26 -20.48 1.27
N CYS C 204 19.98 -20.21 1.52
CA CYS C 204 19.62 -19.11 2.40
C CYS C 204 19.99 -19.46 3.83
N PRO C 205 20.71 -18.60 4.53
CA PRO C 205 21.14 -18.95 5.90
C PRO C 205 20.14 -18.52 6.94
N LEU C 206 20.44 -18.83 8.20
CA LEU C 206 19.69 -18.31 9.34
C LEU C 206 20.64 -18.38 10.53
N GLU C 207 21.12 -17.24 10.98
CA GLU C 207 22.13 -17.18 12.02
C GLU C 207 21.55 -16.55 13.28
N PHE C 208 21.97 -17.06 14.43
CA PHE C 208 21.58 -16.46 15.69
C PHE C 208 22.71 -16.62 16.69
N SER C 209 22.79 -15.68 17.62
CA SER C 209 23.87 -15.68 18.60
C SER C 209 23.43 -14.82 19.78
N SER C 210 24.13 -15.00 20.90
CA SER C 210 23.88 -14.13 22.04
C SER C 210 24.27 -12.71 21.69
N TYR C 211 23.46 -11.75 22.09
CA TYR C 211 23.74 -10.37 21.75
C TYR C 211 24.86 -9.81 22.61
N GLY C 212 24.65 -9.76 23.92
CA GLY C 212 25.60 -9.09 24.79
C GLY C 212 26.72 -9.95 25.33
N TYR C 213 26.63 -11.27 25.20
CA TYR C 213 27.60 -12.14 25.83
C TYR C 213 28.59 -12.65 24.80
N PRO C 214 29.88 -12.50 25.02
CA PRO C 214 30.89 -13.05 24.11
C PRO C 214 31.01 -14.56 24.31
N ARG C 215 31.95 -15.16 23.58
CA ARG C 215 32.17 -16.59 23.66
C ARG C 215 32.71 -17.05 25.00
N GLU C 216 33.15 -16.12 25.85
CA GLU C 216 33.63 -16.46 27.18
C GLU C 216 32.51 -16.50 28.20
N GLU C 217 31.29 -16.21 27.80
CA GLU C 217 30.17 -16.20 28.75
C GLU C 217 29.01 -17.08 28.33
N ILE C 218 28.73 -17.16 27.03
CA ILE C 218 27.64 -18.00 26.51
C ILE C 218 28.17 -18.80 25.33
N VAL C 219 27.97 -20.12 25.38
CA VAL C 219 28.42 -21.03 24.33
C VAL C 219 27.22 -21.81 23.85
N TYR C 220 26.88 -21.67 22.57
CA TYR C 220 25.81 -22.43 21.97
C TYR C 220 26.33 -23.77 21.47
N GLN C 221 25.41 -24.73 21.33
CA GLN C 221 25.77 -26.06 20.87
C GLN C 221 24.51 -26.78 20.42
N TRP C 222 24.53 -27.33 19.21
CA TRP C 222 23.37 -28.03 18.71
C TRP C 222 23.12 -29.30 19.52
N LYS C 223 21.85 -29.63 19.68
CA LYS C 223 21.49 -30.91 20.25
C LYS C 223 21.52 -31.98 19.16
N ARG C 224 21.45 -33.24 19.57
CA ARG C 224 21.56 -34.33 18.60
C ARG C 224 20.45 -34.28 17.56
N SER C 225 19.22 -34.00 18.00
CA SER C 225 18.12 -33.76 17.06
C SER C 225 18.04 -32.27 16.74
N SER C 226 19.08 -31.79 16.08
CA SER C 226 19.30 -30.36 15.91
C SER C 226 18.16 -29.66 15.19
N VAL C 227 17.94 -30.00 13.93
CA VAL C 227 16.93 -29.34 13.11
C VAL C 227 15.95 -30.38 12.60
N GLU C 228 14.67 -30.03 12.61
CA GLU C 228 13.60 -30.93 12.20
C GLU C 228 12.65 -30.17 11.28
N VAL C 229 11.95 -30.92 10.43
CA VAL C 229 10.96 -30.33 9.54
C VAL C 229 9.64 -31.09 9.73
N GLY C 230 8.55 -30.41 9.37
CA GLY C 230 7.26 -31.06 9.40
C GLY C 230 6.96 -31.76 8.10
N ASP C 231 5.82 -31.45 7.49
CA ASP C 231 5.48 -31.95 6.17
C ASP C 231 6.05 -30.98 5.14
N THR C 232 7.04 -31.43 4.37
CA THR C 232 7.74 -30.54 3.47
C THR C 232 6.81 -30.00 2.38
N ARG C 233 5.89 -30.83 1.90
CA ARG C 233 4.96 -30.38 0.86
C ARG C 233 3.96 -29.35 1.38
N SER C 234 3.83 -29.21 2.68
CA SER C 234 2.97 -28.18 3.25
C SER C 234 3.64 -26.82 3.34
N TRP C 235 4.90 -26.72 2.91
CA TRP C 235 5.60 -25.45 2.91
C TRP C 235 5.10 -24.57 1.77
N ARG C 236 5.21 -23.27 1.96
CA ARG C 236 4.63 -22.29 1.05
C ARG C 236 5.57 -21.93 -0.10
N LEU C 237 6.55 -22.78 -0.41
CA LEU C 237 7.49 -22.52 -1.50
C LEU C 237 6.78 -22.70 -2.83
N TYR C 238 6.29 -21.60 -3.40
CA TYR C 238 5.63 -21.68 -4.69
C TYR C 238 6.62 -22.05 -5.79
N GLN C 239 7.75 -21.36 -5.85
CA GLN C 239 8.71 -21.53 -6.93
C GLN C 239 9.80 -22.53 -6.57
N PHE C 240 10.54 -22.24 -5.52
CA PHE C 240 11.68 -23.07 -5.15
C PHE C 240 11.21 -24.41 -4.59
N SER C 241 12.11 -25.38 -4.59
CA SER C 241 11.87 -26.69 -4.01
C SER C 241 12.98 -26.98 -3.02
N PHE C 242 12.61 -27.24 -1.77
CA PHE C 242 13.59 -27.52 -0.73
C PHE C 242 14.31 -28.83 -1.04
N VAL C 243 15.64 -28.81 -0.98
CA VAL C 243 16.43 -29.98 -1.35
C VAL C 243 17.38 -30.45 -0.25
N GLY C 244 17.79 -29.58 0.67
CA GLY C 244 18.77 -30.01 1.65
C GLY C 244 18.83 -29.02 2.80
N LEU C 245 19.63 -29.37 3.80
CA LEU C 245 19.69 -28.60 5.04
C LEU C 245 21.00 -28.90 5.75
N ARG C 246 21.70 -27.84 6.16
CA ARG C 246 22.93 -27.97 6.91
C ARG C 246 22.91 -27.06 8.12
N ASN C 247 23.62 -27.47 9.17
CA ASN C 247 23.73 -26.70 10.41
C ASN C 247 25.19 -26.60 10.79
N THR C 248 25.66 -25.38 11.05
CA THR C 248 27.07 -25.12 11.29
C THR C 248 27.25 -24.23 12.52
N THR C 249 28.41 -24.34 13.15
CA THR C 249 28.78 -23.54 14.30
C THR C 249 30.12 -22.87 14.04
N GLU C 250 30.22 -21.58 14.36
CA GLU C 250 31.41 -20.81 14.06
C GLU C 250 31.51 -19.63 15.02
N VAL C 251 32.68 -19.01 15.04
CA VAL C 251 32.99 -17.90 15.93
C VAL C 251 33.23 -16.65 15.08
N VAL C 252 32.62 -15.54 15.46
CA VAL C 252 32.69 -14.30 14.72
C VAL C 252 33.18 -13.19 15.64
N LYS C 253 34.14 -12.41 15.18
CA LYS C 253 34.71 -11.30 15.96
C LYS C 253 34.02 -10.01 15.58
N THR C 254 33.61 -9.24 16.59
CA THR C 254 33.04 -7.91 16.38
C THR C 254 33.72 -6.88 17.26
N THR C 255 33.22 -5.65 17.24
CA THR C 255 33.83 -4.60 18.04
C THR C 255 33.72 -4.90 19.53
N SER C 256 32.56 -5.37 19.97
CA SER C 256 32.38 -5.68 21.39
C SER C 256 33.20 -6.90 21.79
N GLY C 257 33.30 -7.88 20.90
CA GLY C 257 34.05 -9.08 21.21
C GLY C 257 33.82 -10.14 20.16
N ASP C 258 34.15 -11.38 20.51
CA ASP C 258 34.00 -12.53 19.63
C ASP C 258 32.84 -13.38 20.13
N TYR C 259 31.85 -13.58 19.28
CA TYR C 259 30.63 -14.29 19.63
C TYR C 259 30.64 -15.69 19.05
N VAL C 260 29.60 -16.45 19.35
CA VAL C 260 29.40 -17.80 18.81
C VAL C 260 28.13 -17.77 17.97
N VAL C 261 28.27 -18.02 16.68
CA VAL C 261 27.17 -17.91 15.73
C VAL C 261 26.76 -19.29 15.28
N MET C 262 25.47 -19.59 15.35
CA MET C 262 24.92 -20.84 14.88
C MET C 262 24.18 -20.58 13.58
N SER C 263 24.46 -21.37 12.55
CA SER C 263 23.91 -21.14 11.23
C SER C 263 23.15 -22.37 10.76
N VAL C 264 22.01 -22.12 10.11
CA VAL C 264 21.24 -23.16 9.44
C VAL C 264 21.05 -22.75 8.00
N TYR C 265 21.36 -23.64 7.07
CA TYR C 265 21.27 -23.34 5.65
C TYR C 265 20.19 -24.20 5.01
N PHE C 266 19.28 -23.55 4.30
CA PHE C 266 18.21 -24.23 3.57
C PHE C 266 18.50 -24.09 2.09
N ASP C 267 18.94 -25.18 1.47
CA ASP C 267 19.26 -25.15 0.04
C ASP C 267 17.97 -25.14 -0.77
N LEU C 268 17.81 -24.14 -1.62
CA LEU C 268 16.62 -23.97 -2.44
C LEU C 268 17.02 -23.94 -3.90
N SER C 269 16.24 -24.61 -4.74
CA SER C 269 16.45 -24.63 -6.18
C SER C 269 15.16 -24.28 -6.88
N ARG C 270 15.24 -23.44 -7.90
CA ARG C 270 14.05 -22.97 -8.58
C ARG C 270 13.58 -23.97 -9.63
N ARG C 271 12.26 -24.06 -9.77
CA ARG C 271 11.64 -24.95 -10.74
C ARG C 271 11.29 -24.17 -12.00
N MET C 272 11.68 -24.70 -13.15
CA MET C 272 11.62 -23.99 -14.41
C MET C 272 10.35 -24.28 -15.20
N GLY C 273 9.38 -24.96 -14.60
CA GLY C 273 8.16 -25.28 -15.33
C GLY C 273 7.39 -24.05 -15.76
N TYR C 274 7.31 -23.05 -14.88
CA TYR C 274 6.53 -21.84 -15.19
C TYR C 274 7.15 -21.06 -16.34
N PHE C 275 8.47 -20.93 -16.35
CA PHE C 275 9.13 -20.08 -17.32
C PHE C 275 9.20 -20.73 -18.70
N THR C 276 9.33 -22.05 -18.75
CA THR C 276 9.40 -22.73 -20.03
C THR C 276 8.16 -22.45 -20.86
N ILE C 277 6.99 -22.58 -20.25
CA ILE C 277 5.75 -22.31 -20.97
C ILE C 277 5.60 -20.81 -21.21
N GLN C 278 5.96 -20.00 -20.23
CA GLN C 278 5.69 -18.57 -20.34
C GLN C 278 6.65 -17.86 -21.29
N THR C 279 7.94 -18.19 -21.24
CA THR C 279 8.91 -17.41 -22.00
C THR C 279 9.64 -18.22 -23.05
N TYR C 280 10.23 -19.35 -22.68
CA TYR C 280 11.14 -20.03 -23.60
C TYR C 280 10.42 -20.58 -24.82
N ILE C 281 9.18 -21.04 -24.68
CA ILE C 281 8.44 -21.55 -25.83
C ILE C 281 7.92 -20.40 -26.69
N PRO C 282 7.20 -19.41 -26.15
CA PRO C 282 6.74 -18.33 -27.02
C PRO C 282 7.87 -17.60 -27.74
N CYS C 283 9.01 -17.40 -27.07
CA CYS C 283 10.13 -16.79 -27.75
C CYS C 283 10.65 -17.67 -28.87
N THR C 284 10.82 -18.97 -28.59
CA THR C 284 11.32 -19.87 -29.62
C THR C 284 10.38 -19.95 -30.80
N LEU C 285 9.07 -19.99 -30.54
CA LEU C 285 8.11 -20.05 -31.63
C LEU C 285 8.18 -18.81 -32.50
N ILE C 286 8.33 -17.64 -31.88
CA ILE C 286 8.39 -16.40 -32.66
C ILE C 286 9.63 -16.37 -33.53
N VAL C 287 10.78 -16.77 -32.97
CA VAL C 287 11.99 -16.83 -33.78
C VAL C 287 11.79 -17.75 -34.96
N VAL C 288 11.14 -18.90 -34.74
CA VAL C 288 10.78 -19.77 -35.84
C VAL C 288 9.85 -19.06 -36.80
N LEU C 289 8.89 -18.30 -36.27
CA LEU C 289 7.90 -17.66 -37.10
C LEU C 289 8.53 -16.66 -38.05
N SER C 290 9.51 -15.90 -37.56
CA SER C 290 10.13 -14.88 -38.41
C SER C 290 10.86 -15.50 -39.60
N TRP C 291 11.29 -16.76 -39.47
CA TRP C 291 11.96 -17.41 -40.59
C TRP C 291 11.01 -17.71 -41.74
N VAL C 292 9.70 -17.58 -41.54
CA VAL C 292 8.75 -17.88 -42.60
C VAL C 292 8.97 -16.95 -43.78
N SER C 293 9.31 -15.69 -43.52
CA SER C 293 9.50 -14.74 -44.60
C SER C 293 10.60 -15.18 -45.57
N PHE C 294 11.49 -16.07 -45.14
CA PHE C 294 12.49 -16.59 -46.06
C PHE C 294 11.87 -17.46 -47.14
N TRP C 295 10.82 -18.21 -46.80
CA TRP C 295 10.14 -19.03 -47.79
C TRP C 295 9.04 -18.29 -48.53
N ILE C 296 8.66 -17.10 -48.08
CA ILE C 296 7.70 -16.30 -48.84
C ILE C 296 8.39 -15.76 -50.08
N ASN C 297 7.62 -15.62 -51.16
CA ASN C 297 8.17 -15.08 -52.40
C ASN C 297 8.69 -13.67 -52.16
N LYS C 298 9.82 -13.36 -52.79
CA LYS C 298 10.44 -12.05 -52.57
C LYS C 298 9.67 -10.91 -53.24
N ASP C 299 8.69 -11.21 -54.09
CA ASP C 299 7.89 -10.17 -54.69
C ASP C 299 6.74 -9.72 -53.80
N ALA C 300 6.47 -10.41 -52.70
CA ALA C 300 5.42 -10.01 -51.77
C ALA C 300 6.01 -9.06 -50.73
N VAL C 301 6.39 -7.88 -51.23
CA VAL C 301 7.01 -6.88 -50.37
C VAL C 301 6.11 -6.50 -49.19
N PRO C 302 4.83 -6.20 -49.37
CA PRO C 302 3.98 -5.95 -48.19
C PRO C 302 3.89 -7.13 -47.25
N ALA C 303 3.90 -8.36 -47.78
CA ALA C 303 3.74 -9.53 -46.93
C ALA C 303 4.97 -9.76 -46.06
N ARG C 304 6.15 -9.71 -46.66
CA ARG C 304 7.36 -10.03 -45.91
C ARG C 304 7.66 -8.98 -44.85
N THR C 305 7.44 -7.71 -45.19
CA THR C 305 7.77 -6.65 -44.23
C THR C 305 6.79 -6.65 -43.07
N SER C 306 5.49 -6.77 -43.34
CA SER C 306 4.51 -6.80 -42.26
C SER C 306 4.72 -8.01 -41.37
N LEU C 307 5.03 -9.16 -41.96
CA LEU C 307 5.38 -10.32 -41.15
C LEU C 307 6.65 -10.06 -40.36
N GLY C 308 7.63 -9.42 -40.98
CA GLY C 308 8.89 -9.17 -40.28
C GLY C 308 8.73 -8.21 -39.11
N ILE C 309 7.99 -7.12 -39.32
CA ILE C 309 7.92 -6.09 -38.29
C ILE C 309 7.05 -6.53 -37.13
N THR C 310 5.93 -7.21 -37.41
CA THR C 310 4.99 -7.56 -36.35
C THR C 310 5.59 -8.55 -35.37
N THR C 311 6.47 -9.43 -35.83
CA THR C 311 7.16 -10.32 -34.91
C THR C 311 8.02 -9.53 -33.93
N VAL C 312 8.64 -8.45 -34.40
CA VAL C 312 9.40 -7.59 -33.51
C VAL C 312 8.48 -6.98 -32.46
N LEU C 313 7.29 -6.56 -32.88
CA LEU C 313 6.30 -6.08 -31.91
C LEU C 313 5.91 -7.19 -30.95
N THR C 314 5.74 -8.41 -31.46
CA THR C 314 5.45 -9.53 -30.60
C THR C 314 6.61 -9.81 -29.65
N MET C 315 7.83 -9.81 -30.17
CA MET C 315 9.00 -10.09 -29.35
C MET C 315 9.20 -9.00 -28.30
N THR C 316 8.93 -7.75 -28.66
CA THR C 316 9.02 -6.67 -27.69
C THR C 316 8.04 -6.87 -26.54
N THR C 317 6.84 -7.36 -26.86
CA THR C 317 5.85 -7.60 -25.82
C THR C 317 6.34 -8.65 -24.84
N LEU C 318 6.97 -9.71 -25.34
CA LEU C 318 7.45 -10.76 -24.46
C LEU C 318 8.64 -10.31 -23.62
N SER C 319 9.45 -9.39 -24.13
CA SER C 319 10.59 -8.90 -23.36
C SER C 319 10.15 -8.22 -22.08
N THR C 320 8.89 -7.77 -22.01
CA THR C 320 8.37 -7.20 -20.77
C THR C 320 8.36 -8.22 -19.65
N ILE C 321 7.98 -9.46 -19.95
CA ILE C 321 7.78 -10.45 -18.90
C ILE C 321 9.09 -10.96 -18.32
N ALA C 322 10.20 -10.81 -19.05
CA ALA C 322 11.48 -11.34 -18.57
C ALA C 322 11.88 -10.71 -17.25
N ARG C 323 11.77 -9.38 -17.14
CA ARG C 323 12.03 -8.66 -15.90
C ARG C 323 10.69 -8.30 -15.28
N LYS C 324 10.09 -9.28 -14.60
CA LYS C 324 8.81 -9.05 -13.94
C LYS C 324 8.73 -9.58 -12.53
N SER C 325 9.56 -10.57 -12.14
CA SER C 325 9.49 -11.16 -10.82
C SER C 325 10.81 -11.14 -10.08
N LEU C 326 11.80 -10.41 -10.57
CA LEU C 326 13.12 -10.38 -9.96
C LEU C 326 13.57 -8.94 -9.78
N PRO C 327 14.46 -8.68 -8.83
CA PRO C 327 14.91 -7.31 -8.59
C PRO C 327 15.68 -6.77 -9.78
N LYS C 328 15.82 -5.45 -9.80
CA LYS C 328 16.46 -4.77 -10.93
C LYS C 328 17.99 -4.91 -10.85
N VAL C 329 18.43 -6.17 -10.90
CA VAL C 329 19.86 -6.43 -10.90
C VAL C 329 20.47 -5.90 -12.20
N SER C 330 21.76 -5.60 -12.14
CA SER C 330 22.47 -4.96 -13.23
C SER C 330 23.46 -5.89 -13.90
N TYR C 331 23.09 -7.17 -14.03
CA TYR C 331 23.89 -8.12 -14.78
C TYR C 331 22.96 -8.94 -15.67
N VAL C 332 23.52 -9.47 -16.75
CA VAL C 332 22.76 -10.24 -17.72
C VAL C 332 22.49 -11.61 -17.11
N THR C 333 21.28 -11.81 -16.60
CA THR C 333 20.87 -13.13 -16.16
C THR C 333 20.72 -14.07 -17.36
N ALA C 334 20.61 -15.36 -17.07
CA ALA C 334 20.44 -16.33 -18.14
C ALA C 334 19.16 -16.08 -18.92
N MET C 335 18.11 -15.66 -18.23
CA MET C 335 16.87 -15.33 -18.92
C MET C 335 17.07 -14.12 -19.83
N ASP C 336 17.80 -13.12 -19.37
CA ASP C 336 17.99 -11.91 -20.16
C ASP C 336 18.73 -12.21 -21.45
N LEU C 337 19.74 -13.07 -21.39
CA LEU C 337 20.49 -13.41 -22.60
C LEU C 337 19.59 -14.05 -23.63
N PHE C 338 18.78 -15.02 -23.21
CA PHE C 338 17.94 -15.74 -24.16
C PHE C 338 16.94 -14.82 -24.83
N VAL C 339 16.28 -13.96 -24.04
CA VAL C 339 15.29 -13.07 -24.62
C VAL C 339 15.96 -12.02 -25.50
N SER C 340 17.13 -11.54 -25.08
CA SER C 340 17.84 -10.54 -25.88
C SER C 340 18.29 -11.13 -27.21
N VAL C 341 18.81 -12.35 -27.20
CA VAL C 341 19.27 -12.96 -28.45
C VAL C 341 18.10 -13.22 -29.38
N CYS C 342 16.96 -13.65 -28.83
CA CYS C 342 15.78 -13.83 -29.66
C CYS C 342 15.33 -12.52 -30.29
N PHE C 343 15.51 -11.41 -29.58
CA PHE C 343 15.17 -10.11 -30.17
C PHE C 343 16.04 -9.82 -31.38
N ILE C 344 17.34 -10.11 -31.27
CA ILE C 344 18.24 -9.85 -32.40
C ILE C 344 17.95 -10.79 -33.55
N PHE C 345 17.59 -12.04 -33.26
CA PHE C 345 17.31 -13.00 -34.32
C PHE C 345 16.14 -12.56 -35.18
N VAL C 346 15.04 -12.13 -34.56
CA VAL C 346 13.93 -11.62 -35.33
C VAL C 346 14.28 -10.27 -35.94
N PHE C 347 15.12 -9.49 -35.27
CA PHE C 347 15.60 -8.25 -35.85
C PHE C 347 16.40 -8.50 -37.12
N SER C 348 17.35 -9.44 -37.06
CA SER C 348 18.17 -9.71 -38.22
C SER C 348 17.36 -10.28 -39.37
N ALA C 349 16.22 -10.90 -39.07
CA ALA C 349 15.39 -11.46 -40.13
C ALA C 349 14.86 -10.36 -41.03
N LEU C 350 14.44 -9.24 -40.45
CA LEU C 350 13.90 -8.15 -41.26
C LEU C 350 15.01 -7.42 -42.00
N VAL C 351 16.16 -7.23 -41.37
CA VAL C 351 17.29 -6.57 -42.03
C VAL C 351 17.74 -7.41 -43.22
N GLU C 352 17.71 -8.74 -43.08
CA GLU C 352 18.11 -9.59 -44.18
C GLU C 352 17.24 -9.37 -45.41
N TYR C 353 15.92 -9.28 -45.20
CA TYR C 353 15.03 -9.00 -46.32
C TYR C 353 15.29 -7.63 -46.90
N GLY C 354 15.52 -6.64 -46.04
CA GLY C 354 15.81 -5.30 -46.54
C GLY C 354 17.02 -5.26 -47.43
N THR C 355 18.06 -6.00 -47.06
CA THR C 355 19.22 -6.12 -47.93
C THR C 355 18.85 -6.81 -49.24
N LEU C 356 18.08 -7.89 -49.15
CA LEU C 356 17.72 -8.63 -50.36
C LEU C 356 16.88 -7.77 -51.30
N HIS C 357 15.92 -7.03 -50.76
CA HIS C 357 15.03 -6.26 -51.62
C HIS C 357 15.76 -5.13 -52.32
N TYR C 358 16.73 -4.52 -51.65
CA TYR C 358 17.43 -3.37 -52.23
C TYR C 358 18.17 -3.77 -53.50
N PHE C 359 18.91 -4.87 -53.46
CA PHE C 359 19.71 -5.26 -54.61
C PHE C 359 18.89 -5.85 -55.74
N VAL C 360 17.69 -6.39 -55.44
CA VAL C 360 16.85 -6.93 -56.50
C VAL C 360 16.26 -5.81 -57.34
N SER C 361 15.75 -4.77 -56.70
CA SER C 361 15.02 -3.71 -57.40
C SER C 361 15.84 -2.46 -57.64
N ASN C 362 16.38 -1.86 -56.57
CA ASN C 362 17.08 -0.58 -56.70
C ASN C 362 18.39 -0.71 -57.47
N ARG C 363 18.96 -1.90 -57.54
CA ARG C 363 20.24 -2.08 -58.22
C ARG C 363 20.40 -3.49 -58.77
N ILE C 444 25.21 -12.39 -58.67
CA ILE C 444 24.82 -13.72 -58.23
C ILE C 444 24.58 -13.68 -56.72
N ARG C 445 24.81 -12.52 -56.13
CA ARG C 445 24.62 -12.37 -54.68
C ARG C 445 23.16 -12.39 -54.29
N ILE C 446 22.27 -11.92 -55.17
CA ILE C 446 20.87 -11.75 -54.80
C ILE C 446 20.20 -13.09 -54.54
N ALA C 447 20.38 -14.06 -55.45
CA ALA C 447 19.70 -15.34 -55.30
C ALA C 447 20.24 -16.12 -54.12
N LYS C 448 21.54 -16.03 -53.86
CA LYS C 448 22.14 -16.77 -52.76
C LYS C 448 21.56 -16.35 -51.42
N MET C 449 21.35 -15.04 -51.23
CA MET C 449 20.95 -14.53 -49.93
C MET C 449 19.58 -15.08 -49.54
N ASP C 450 18.66 -15.18 -50.50
CA ASP C 450 17.36 -15.78 -50.21
C ASP C 450 17.51 -17.25 -49.84
N SER C 451 18.40 -17.98 -50.52
CA SER C 451 18.58 -19.40 -50.24
C SER C 451 19.40 -19.63 -48.98
N TYR C 452 20.42 -18.80 -48.75
CA TYR C 452 21.28 -19.02 -47.58
C TYR C 452 20.52 -18.80 -46.28
N ALA C 453 19.63 -17.81 -46.25
CA ALA C 453 18.93 -17.51 -45.01
C ALA C 453 18.05 -18.66 -44.54
N ARG C 454 17.52 -19.44 -45.47
CA ARG C 454 16.68 -20.57 -45.08
C ARG C 454 17.46 -21.60 -44.29
N ILE C 455 18.78 -21.64 -44.43
CA ILE C 455 19.62 -22.64 -43.79
C ILE C 455 20.43 -22.05 -42.65
N PHE C 456 21.05 -20.89 -42.87
CA PHE C 456 21.96 -20.34 -41.88
C PHE C 456 21.22 -19.95 -40.60
N PHE C 457 20.10 -19.23 -40.74
CA PHE C 457 19.38 -18.77 -39.55
C PHE C 457 18.91 -19.92 -38.67
N PRO C 458 18.25 -20.97 -39.19
CA PRO C 458 17.94 -22.10 -38.31
C PRO C 458 19.18 -22.75 -37.72
N THR C 459 20.26 -22.84 -38.50
CA THR C 459 21.50 -23.43 -37.97
C THR C 459 22.10 -22.53 -36.91
N ALA C 460 22.12 -21.22 -37.14
CA ALA C 460 22.68 -20.30 -36.15
C ALA C 460 21.88 -20.34 -34.87
N PHE C 461 20.55 -20.45 -34.96
CA PHE C 461 19.74 -20.50 -33.75
C PHE C 461 19.90 -21.82 -33.02
N CYS C 462 20.03 -22.92 -33.77
CA CYS C 462 20.21 -24.21 -33.12
C CYS C 462 21.52 -24.27 -32.35
N LEU C 463 22.61 -23.77 -32.94
CA LEU C 463 23.89 -23.78 -32.23
C LEU C 463 23.82 -22.91 -30.98
N PHE C 464 23.17 -21.76 -31.08
CA PHE C 464 23.04 -20.90 -29.90
C PHE C 464 22.27 -21.60 -28.80
N ASN C 465 21.18 -22.30 -29.16
CA ASN C 465 20.45 -23.08 -28.17
C ASN C 465 21.33 -24.20 -27.61
N LEU C 466 22.10 -24.86 -28.48
CA LEU C 466 22.98 -25.92 -28.00
C LEU C 466 24.01 -25.37 -27.02
N VAL C 467 24.56 -24.19 -27.30
CA VAL C 467 25.53 -23.59 -26.40
C VAL C 467 24.85 -23.10 -25.13
N TYR C 468 23.68 -22.47 -25.27
CA TYR C 468 23.05 -21.82 -24.12
C TYR C 468 22.68 -22.82 -23.04
N TRP C 469 21.95 -23.87 -23.41
CA TRP C 469 21.46 -24.81 -22.40
C TRP C 469 22.60 -25.58 -21.76
N VAL C 470 23.60 -25.98 -22.54
CA VAL C 470 24.75 -26.69 -21.98
C VAL C 470 25.51 -25.76 -21.03
N SER C 471 25.60 -24.48 -21.37
CA SER C 471 26.33 -23.55 -20.52
C SER C 471 25.67 -23.37 -19.15
N TYR C 472 24.38 -23.65 -19.04
CA TYR C 472 23.66 -23.47 -17.78
C TYR C 472 23.17 -24.78 -17.18
N LEU C 473 22.41 -25.57 -17.93
CA LEU C 473 21.91 -26.84 -17.40
C LEU C 473 23.05 -27.78 -17.07
N TYR C 474 24.05 -27.88 -17.95
CA TYR C 474 25.17 -28.78 -17.73
C TYR C 474 26.30 -28.14 -16.94
N LEU C 475 26.43 -26.81 -16.97
CA LEU C 475 27.49 -26.13 -16.26
C LEU C 475 26.94 -25.02 -15.37
N THR D 48 -22.16 -3.65 47.67
CA THR D 48 -21.16 -3.85 48.71
C THR D 48 -20.87 -5.33 48.90
N VAL D 49 -21.93 -6.12 49.09
CA VAL D 49 -21.78 -7.56 49.22
C VAL D 49 -21.20 -8.14 47.93
N PHE D 50 -21.70 -7.67 46.79
CA PHE D 50 -21.15 -8.11 45.51
C PHE D 50 -19.69 -7.73 45.37
N THR D 51 -19.31 -6.56 45.89
CA THR D 51 -17.91 -6.15 45.84
C THR D 51 -17.03 -7.08 46.65
N ARG D 52 -17.48 -7.46 47.84
CA ARG D 52 -16.67 -8.32 48.70
C ARG D 52 -16.45 -9.68 48.08
N ILE D 53 -17.50 -10.25 47.47
CA ILE D 53 -17.43 -11.62 46.97
C ILE D 53 -16.35 -11.75 45.91
N LEU D 54 -16.25 -10.78 45.01
CA LEU D 54 -15.23 -10.83 43.97
C LEU D 54 -13.84 -10.79 44.58
N ASP D 55 -13.62 -9.94 45.58
CA ASP D 55 -12.29 -9.78 46.15
C ASP D 55 -11.83 -11.04 46.88
N ARG D 56 -12.77 -11.73 47.55
CA ARG D 56 -12.40 -12.90 48.33
C ARG D 56 -11.96 -14.07 47.46
N LEU D 57 -12.38 -14.12 46.19
CA LEU D 57 -12.06 -15.27 45.35
C LEU D 57 -10.56 -15.38 45.12
N LEU D 58 -9.92 -14.29 44.70
CA LEU D 58 -8.51 -14.34 44.36
C LEU D 58 -7.61 -14.48 45.59
N ASP D 59 -8.15 -14.34 46.79
CA ASP D 59 -7.37 -14.50 48.01
C ASP D 59 -6.83 -15.92 48.10
N GLY D 60 -5.52 -16.08 48.01
CA GLY D 60 -4.92 -17.40 48.03
C GLY D 60 -4.99 -18.16 46.73
N TYR D 61 -5.40 -17.52 45.65
CA TYR D 61 -5.49 -18.14 44.34
C TYR D 61 -4.23 -17.84 43.54
N ASP D 62 -3.62 -18.88 42.97
CA ASP D 62 -2.42 -18.74 42.16
C ASP D 62 -2.74 -19.08 40.72
N ASN D 63 -2.44 -18.16 39.80
CA ASN D 63 -2.74 -18.32 38.39
C ASN D 63 -1.68 -19.10 37.63
N ARG D 64 -0.61 -19.53 38.31
CA ARG D 64 0.44 -20.29 37.66
C ARG D 64 0.14 -21.79 37.61
N LEU D 65 -0.97 -22.23 38.18
CA LEU D 65 -1.30 -23.64 38.26
C LEU D 65 -2.64 -23.90 37.58
N ARG D 66 -2.69 -24.92 36.74
CA ARG D 66 -3.94 -25.30 36.11
C ARG D 66 -4.88 -25.92 37.14
N PRO D 67 -6.18 -25.83 36.92
CA PRO D 67 -7.13 -26.45 37.86
C PRO D 67 -6.90 -27.94 37.98
N GLY D 68 -7.03 -28.44 39.20
CA GLY D 68 -6.81 -29.85 39.45
C GLY D 68 -5.39 -30.30 39.17
N LEU D 69 -4.41 -29.50 39.55
CA LEU D 69 -3.01 -29.85 39.32
C LEU D 69 -2.64 -31.02 40.22
N GLY D 70 -2.20 -32.12 39.61
CA GLY D 70 -1.84 -33.31 40.35
C GLY D 70 -3.01 -34.16 40.80
N GLU D 71 -4.23 -33.77 40.47
CA GLU D 71 -5.43 -34.51 40.87
C GLU D 71 -6.16 -35.15 39.70
N ARG D 72 -6.31 -34.43 38.60
CA ARG D 72 -7.04 -34.95 37.45
C ARG D 72 -6.45 -34.31 36.19
N VAL D 73 -7.17 -34.42 35.09
CA VAL D 73 -6.79 -33.80 33.83
C VAL D 73 -7.79 -32.68 33.55
N THR D 74 -7.29 -31.47 33.34
CA THR D 74 -8.16 -30.34 33.07
C THR D 74 -8.86 -30.53 31.74
N GLU D 75 -10.18 -30.38 31.75
CA GLU D 75 -11.00 -30.59 30.57
C GLU D 75 -11.55 -29.26 30.09
N VAL D 76 -11.29 -28.92 28.84
CA VAL D 76 -11.72 -27.66 28.25
C VAL D 76 -12.69 -27.97 27.12
N LYS D 77 -13.85 -27.33 27.16
CA LYS D 77 -14.86 -27.50 26.13
C LYS D 77 -14.95 -26.21 25.31
N THR D 78 -14.84 -26.34 24.00
CA THR D 78 -14.76 -25.18 23.13
C THR D 78 -15.83 -25.26 22.03
N ASP D 79 -16.24 -24.09 21.56
CA ASP D 79 -17.08 -23.97 20.39
C ASP D 79 -16.81 -22.61 19.76
N ILE D 80 -17.12 -22.50 18.47
CA ILE D 80 -16.71 -21.35 17.67
C ILE D 80 -17.92 -20.83 16.91
N PHE D 81 -18.02 -19.51 16.78
CA PHE D 81 -19.05 -18.86 15.98
C PHE D 81 -18.34 -17.99 14.95
N VAL D 82 -18.27 -18.47 13.71
CA VAL D 82 -17.57 -17.76 12.64
C VAL D 82 -18.51 -16.67 12.14
N THR D 83 -18.29 -15.43 12.58
CA THR D 83 -19.14 -14.33 12.13
C THR D 83 -18.99 -14.09 10.63
N SER D 84 -17.76 -14.11 10.13
CA SER D 84 -17.53 -13.80 8.73
C SER D 84 -16.27 -14.52 8.28
N PHE D 85 -16.42 -15.47 7.36
CA PHE D 85 -15.28 -16.16 6.77
C PHE D 85 -14.61 -15.20 5.81
N GLY D 86 -13.51 -14.59 6.25
CA GLY D 86 -12.91 -13.51 5.52
C GLY D 86 -12.27 -13.98 4.23
N PRO D 87 -11.72 -13.03 3.48
CA PRO D 87 -11.24 -13.32 2.13
C PRO D 87 -10.12 -14.36 2.13
N VAL D 88 -10.10 -15.16 1.07
CA VAL D 88 -9.06 -16.15 0.83
C VAL D 88 -8.10 -15.59 -0.20
N SER D 89 -6.82 -15.58 0.13
CA SER D 89 -5.79 -14.99 -0.73
C SER D 89 -4.94 -16.11 -1.31
N ASP D 90 -5.01 -16.29 -2.63
CA ASP D 90 -4.22 -17.32 -3.29
C ASP D 90 -2.73 -17.04 -3.18
N HIS D 91 -2.34 -15.76 -3.31
CA HIS D 91 -0.92 -15.42 -3.36
C HIS D 91 -0.21 -15.79 -2.06
N ASP D 92 -0.85 -15.57 -0.93
CA ASP D 92 -0.23 -15.84 0.37
C ASP D 92 -0.64 -17.19 0.93
N MET D 93 -1.53 -17.93 0.27
CA MET D 93 -1.99 -19.22 0.75
C MET D 93 -2.55 -19.12 2.17
N GLU D 94 -3.31 -18.07 2.43
CA GLU D 94 -3.89 -17.84 3.75
C GLU D 94 -5.29 -17.30 3.60
N TYR D 95 -6.07 -17.40 4.67
CA TYR D 95 -7.43 -16.89 4.69
C TYR D 95 -7.72 -16.24 6.03
N THR D 96 -8.42 -15.11 5.98
CA THR D 96 -8.82 -14.40 7.18
C THR D 96 -10.13 -14.98 7.71
N ILE D 97 -10.29 -14.96 9.02
CA ILE D 97 -11.51 -15.45 9.64
C ILE D 97 -11.71 -14.80 11.01
N ASP D 98 -12.93 -14.34 11.28
CA ASP D 98 -13.28 -13.71 12.55
C ASP D 98 -14.21 -14.64 13.31
N VAL D 99 -13.85 -14.97 14.54
CA VAL D 99 -14.59 -15.99 15.28
C VAL D 99 -15.03 -15.45 16.64
N PHE D 100 -15.78 -16.26 17.39
CA PHE D 100 -16.14 -15.99 18.77
C PHE D 100 -15.67 -17.20 19.57
N PHE D 101 -14.42 -17.19 19.98
CA PHE D 101 -13.82 -18.35 20.62
C PHE D 101 -14.35 -18.50 22.03
N ARG D 102 -15.18 -19.50 22.27
CA ARG D 102 -15.70 -19.79 23.59
C ARG D 102 -14.96 -20.98 24.18
N GLN D 103 -14.53 -20.86 25.43
CA GLN D 103 -13.89 -21.96 26.15
C GLN D 103 -14.50 -22.07 27.53
N SER D 104 -14.80 -23.29 27.95
CA SER D 104 -15.40 -23.53 29.25
C SER D 104 -14.69 -24.70 29.92
N TRP D 105 -14.23 -24.48 31.14
CA TRP D 105 -13.63 -25.56 31.93
C TRP D 105 -14.14 -25.49 33.35
N LYS D 106 -13.52 -26.23 34.26
CA LYS D 106 -13.95 -26.28 35.65
C LYS D 106 -12.78 -25.95 36.55
N ASP D 107 -13.04 -25.13 37.57
CA ASP D 107 -12.00 -24.71 38.50
C ASP D 107 -12.61 -24.69 39.90
N GLU D 108 -12.23 -25.65 40.73
CA GLU D 108 -12.80 -25.76 42.07
C GLU D 108 -12.30 -24.67 43.01
N ARG D 109 -11.19 -24.00 42.67
CA ARG D 109 -10.65 -22.96 43.54
C ARG D 109 -11.48 -21.69 43.54
N LEU D 110 -12.47 -21.58 42.65
CA LEU D 110 -13.27 -20.37 42.53
C LEU D 110 -14.72 -20.59 42.92
N LYS D 111 -15.00 -21.63 43.70
CA LYS D 111 -16.37 -21.87 44.14
C LYS D 111 -16.84 -20.75 45.07
N PHE D 112 -18.09 -20.35 44.89
CA PHE D 112 -18.66 -19.27 45.69
C PHE D 112 -20.17 -19.45 45.75
N LYS D 113 -20.77 -18.89 46.80
CA LYS D 113 -22.21 -18.93 46.99
C LYS D 113 -22.70 -17.56 47.41
N GLY D 114 -23.97 -17.29 47.10
CA GLY D 114 -24.57 -16.02 47.44
C GLY D 114 -25.82 -15.75 46.62
N PRO D 115 -26.38 -14.55 46.75
CA PRO D 115 -27.56 -14.21 45.96
C PRO D 115 -27.31 -14.25 44.46
N MET D 116 -26.09 -13.92 44.03
CA MET D 116 -25.74 -13.98 42.62
C MET D 116 -25.61 -15.43 42.16
N THR D 117 -25.85 -15.64 40.87
CA THR D 117 -25.72 -16.96 40.26
C THR D 117 -24.66 -16.99 39.17
N VAL D 118 -24.63 -15.99 38.29
CA VAL D 118 -23.67 -15.90 37.21
C VAL D 118 -22.98 -14.54 37.30
N LEU D 119 -21.66 -14.54 37.33
CA LEU D 119 -20.87 -13.32 37.42
C LEU D 119 -20.40 -12.88 36.04
N ARG D 120 -20.07 -11.60 35.94
CA ARG D 120 -19.48 -11.01 34.74
C ARG D 120 -18.25 -10.22 35.18
N LEU D 121 -17.12 -10.91 35.29
CA LEU D 121 -15.91 -10.28 35.81
C LEU D 121 -15.33 -9.30 34.81
N ASN D 122 -14.65 -8.28 35.34
CA ASN D 122 -13.92 -7.35 34.49
C ASN D 122 -12.72 -8.06 33.85
N ASN D 123 -12.38 -7.61 32.65
CA ASN D 123 -11.24 -8.21 31.94
C ASN D 123 -9.94 -8.03 32.71
N LEU D 124 -9.82 -6.94 33.47
CA LEU D 124 -8.63 -6.76 34.30
C LEU D 124 -8.50 -7.88 35.32
N MET D 125 -9.62 -8.25 35.95
CA MET D 125 -9.60 -9.39 36.87
C MET D 125 -9.40 -10.70 36.12
N ALA D 126 -9.87 -10.78 34.87
CA ALA D 126 -9.72 -12.00 34.09
C ALA D 126 -8.25 -12.35 33.89
N SER D 127 -7.37 -11.35 33.86
CA SER D 127 -5.95 -11.61 33.70
C SER D 127 -5.34 -12.35 34.88
N LYS D 128 -5.99 -12.34 36.04
CA LYS D 128 -5.45 -12.95 37.24
C LYS D 128 -6.00 -14.34 37.50
N ILE D 129 -6.64 -14.95 36.51
CA ILE D 129 -7.21 -16.28 36.64
C ILE D 129 -6.60 -17.16 35.57
N TRP D 130 -6.29 -18.41 35.94
CA TRP D 130 -5.73 -19.35 34.98
C TRP D 130 -6.67 -19.52 33.80
N THR D 131 -6.11 -19.44 32.60
CA THR D 131 -6.84 -19.67 31.36
C THR D 131 -6.03 -20.58 30.47
N PRO D 132 -6.67 -21.42 29.67
CA PRO D 132 -5.93 -22.28 28.76
C PRO D 132 -5.14 -21.45 27.75
N ASP D 133 -3.94 -21.92 27.45
CA ASP D 133 -3.07 -21.24 26.49
C ASP D 133 -3.33 -21.75 25.08
N THR D 134 -4.59 -21.71 24.66
CA THR D 134 -4.97 -22.20 23.35
C THR D 134 -4.35 -21.33 22.27
N PHE D 135 -3.71 -21.97 21.30
CA PHE D 135 -3.11 -21.26 20.18
C PHE D 135 -3.39 -22.03 18.90
N PHE D 136 -3.33 -21.31 17.78
CA PHE D 136 -3.61 -21.89 16.48
C PHE D 136 -2.31 -22.32 15.81
N HIS D 137 -2.24 -23.60 15.42
CA HIS D 137 -1.00 -24.15 14.88
C HIS D 137 -0.61 -23.47 13.58
N ASN D 138 -1.58 -23.24 12.69
CA ASN D 138 -1.30 -22.63 11.40
C ASN D 138 -1.61 -21.15 11.38
N GLY D 139 -1.87 -20.54 12.53
CA GLY D 139 -2.08 -19.11 12.58
C GLY D 139 -0.82 -18.35 12.22
N LYS D 140 -1.01 -17.21 11.55
CA LYS D 140 0.10 -16.36 11.13
C LYS D 140 0.09 -15.00 11.82
N LYS D 141 -1.00 -14.25 11.69
CA LYS D 141 -1.10 -12.91 12.26
C LYS D 141 -2.52 -12.74 12.78
N SER D 142 -2.72 -13.06 14.06
CA SER D 142 -4.02 -12.98 14.68
C SER D 142 -4.12 -11.75 15.56
N VAL D 143 -5.24 -11.05 15.45
CA VAL D 143 -5.47 -9.81 16.17
C VAL D 143 -6.63 -10.03 17.13
N ALA D 144 -6.39 -9.82 18.41
CA ALA D 144 -7.45 -9.80 19.41
C ALA D 144 -7.93 -8.36 19.54
N HIS D 145 -9.17 -8.10 19.15
CA HIS D 145 -9.65 -6.73 19.04
C HIS D 145 -9.68 -6.04 20.39
N ASN D 146 -9.31 -4.76 20.40
CA ASN D 146 -9.20 -3.99 21.62
C ASN D 146 -10.09 -2.76 21.62
N MET D 147 -10.90 -2.55 20.58
CA MET D 147 -11.72 -1.36 20.42
C MET D 147 -13.17 -1.71 20.69
N THR D 148 -13.83 -0.94 21.56
CA THR D 148 -13.18 0.15 22.27
C THR D 148 -12.57 -0.35 23.56
N MET D 149 -12.86 -1.61 23.85
CA MET D 149 -12.40 -2.30 25.04
C MET D 149 -11.83 -3.65 24.61
N PRO D 150 -11.01 -4.27 25.45
CA PRO D 150 -10.56 -5.63 25.14
C PRO D 150 -11.75 -6.54 24.91
N ASN D 151 -11.89 -7.03 23.69
CA ASN D 151 -13.03 -7.84 23.31
C ASN D 151 -12.89 -9.23 23.92
N LYS D 152 -13.13 -9.30 25.22
CA LYS D 152 -13.10 -10.53 25.98
C LYS D 152 -14.28 -10.55 26.93
N LEU D 153 -14.50 -11.70 27.56
CA LEU D 153 -15.61 -11.85 28.49
C LEU D 153 -15.37 -13.08 29.34
N LEU D 154 -15.35 -12.90 30.65
CA LEU D 154 -15.18 -14.01 31.58
C LEU D 154 -16.39 -14.05 32.50
N ARG D 155 -17.07 -15.19 32.52
CA ARG D 155 -18.23 -15.40 33.38
C ARG D 155 -17.99 -16.61 34.27
N ILE D 156 -18.39 -16.50 35.53
CA ILE D 156 -18.23 -17.58 36.50
C ILE D 156 -19.59 -17.89 37.09
N THR D 157 -19.98 -19.15 37.06
CA THR D 157 -21.19 -19.59 37.73
C THR D 157 -20.87 -20.08 39.14
N GLU D 158 -21.91 -20.27 39.93
CA GLU D 158 -21.72 -20.71 41.32
C GLU D 158 -21.08 -22.09 41.40
N ASP D 159 -21.24 -22.91 40.36
CA ASP D 159 -20.61 -24.22 40.35
C ASP D 159 -19.10 -24.15 40.25
N GLY D 160 -18.56 -23.02 39.78
CA GLY D 160 -17.14 -22.88 39.53
C GLY D 160 -16.76 -22.98 38.07
N THR D 161 -17.68 -23.36 37.20
CA THR D 161 -17.40 -23.47 35.78
C THR D 161 -17.29 -22.09 35.16
N LEU D 162 -16.21 -21.86 34.41
CA LEU D 162 -15.98 -20.61 33.72
C LEU D 162 -16.45 -20.68 32.28
N LEU D 163 -16.66 -19.51 31.69
CA LEU D 163 -17.04 -19.40 30.28
C LEU D 163 -16.24 -18.24 29.68
N TYR D 164 -15.07 -18.56 29.12
CA TYR D 164 -14.18 -17.57 28.53
C TYR D 164 -14.52 -17.42 27.05
N THR D 165 -15.00 -16.24 26.68
CA THR D 165 -15.34 -15.95 25.29
C THR D 165 -14.54 -14.76 24.81
N MET D 166 -14.08 -14.82 23.57
CA MET D 166 -13.28 -13.74 23.00
C MET D 166 -13.49 -13.70 21.50
N ARG D 167 -13.20 -12.56 20.92
CA ARG D 167 -13.38 -12.32 19.49
C ARG D 167 -12.02 -12.08 18.86
N LEU D 168 -11.73 -12.81 17.78
CA LEU D 168 -10.42 -12.80 17.15
C LEU D 168 -10.57 -12.62 15.65
N THR D 169 -9.49 -12.16 15.03
CA THR D 169 -9.34 -12.20 13.58
C THR D 169 -8.12 -13.05 13.28
N VAL D 170 -8.33 -14.23 12.71
CA VAL D 170 -7.29 -15.24 12.57
C VAL D 170 -6.94 -15.38 11.10
N ARG D 171 -5.65 -15.36 10.80
CA ARG D 171 -5.13 -15.70 9.49
C ARG D 171 -4.39 -17.02 9.60
N ALA D 172 -4.79 -18.00 8.79
CA ALA D 172 -4.26 -19.34 8.89
C ALA D 172 -3.55 -19.74 7.60
N GLU D 173 -2.53 -20.58 7.74
CA GLU D 173 -1.87 -21.13 6.57
C GLU D 173 -2.76 -22.17 5.92
N CYS D 174 -3.15 -21.94 4.66
CA CYS D 174 -3.93 -22.88 3.89
C CYS D 174 -3.12 -23.29 2.67
N PRO D 175 -2.35 -24.37 2.76
CA PRO D 175 -1.58 -24.82 1.59
C PRO D 175 -2.50 -25.16 0.43
N MET D 176 -2.08 -24.80 -0.76
CA MET D 176 -2.91 -24.95 -1.95
C MET D 176 -2.16 -25.68 -3.04
N HIS D 177 -2.90 -26.47 -3.81
CA HIS D 177 -2.37 -27.15 -4.99
C HIS D 177 -3.18 -26.65 -6.18
N LEU D 178 -2.64 -25.65 -6.89
CA LEU D 178 -3.33 -25.01 -7.99
C LEU D 178 -3.11 -25.73 -9.31
N GLU D 179 -2.75 -27.02 -9.28
CA GLU D 179 -2.55 -27.78 -10.50
C GLU D 179 -3.83 -27.95 -11.31
N ASP D 180 -5.00 -27.69 -10.73
CA ASP D 180 -6.25 -27.71 -11.45
C ASP D 180 -6.88 -26.32 -11.56
N PHE D 181 -6.07 -25.28 -11.46
CA PHE D 181 -6.59 -23.92 -11.55
C PHE D 181 -7.21 -23.69 -12.92
N PRO D 182 -8.38 -23.05 -13.01
CA PRO D 182 -9.22 -22.54 -11.93
C PRO D 182 -10.32 -23.50 -11.51
N MET D 183 -10.23 -24.78 -11.86
CA MET D 183 -11.26 -25.76 -11.54
C MET D 183 -10.87 -26.59 -10.33
N ASP D 184 -10.22 -25.99 -9.36
CA ASP D 184 -9.69 -26.68 -8.20
C ASP D 184 -10.59 -26.51 -6.98
N ALA D 185 -10.47 -27.44 -6.05
CA ALA D 185 -11.15 -27.37 -4.77
C ALA D 185 -10.11 -27.41 -3.67
N HIS D 186 -10.45 -26.86 -2.51
CA HIS D 186 -9.51 -26.72 -1.42
C HIS D 186 -10.17 -27.11 -0.11
N ALA D 187 -9.33 -27.46 0.87
CA ALA D 187 -9.76 -27.75 2.23
C ALA D 187 -8.85 -26.94 3.15
N CYS D 188 -9.23 -25.69 3.42
CA CYS D 188 -8.43 -24.85 4.30
C CYS D 188 -8.69 -25.24 5.74
N PRO D 189 -7.67 -25.67 6.49
CA PRO D 189 -7.90 -26.14 7.86
C PRO D 189 -7.73 -25.05 8.90
N LEU D 190 -8.02 -25.39 10.15
CA LEU D 190 -7.78 -24.48 11.28
C LEU D 190 -7.62 -25.35 12.52
N LYS D 191 -6.36 -25.55 12.94
CA LYS D 191 -6.06 -26.38 14.08
C LYS D 191 -5.73 -25.51 15.28
N PHE D 192 -6.07 -26.00 16.47
CA PHE D 192 -5.71 -25.30 17.69
C PHE D 192 -5.64 -26.27 18.84
N GLY D 193 -4.69 -26.04 19.75
CA GLY D 193 -4.53 -26.85 20.93
C GLY D 193 -3.67 -26.12 21.92
N SER D 194 -3.43 -26.76 23.06
CA SER D 194 -2.59 -26.15 24.08
C SER D 194 -1.14 -26.12 23.62
N TYR D 195 -0.36 -25.21 24.23
CA TYR D 195 1.05 -25.10 23.92
C TYR D 195 1.93 -25.79 24.97
N ALA D 196 1.81 -25.37 26.22
CA ALA D 196 2.72 -25.84 27.25
C ALA D 196 2.20 -27.05 28.01
N TYR D 197 1.00 -27.52 27.71
CA TYR D 197 0.40 -28.63 28.44
C TYR D 197 0.21 -29.82 27.52
N THR D 198 0.69 -30.98 27.96
CA THR D 198 0.60 -32.18 27.16
C THR D 198 -0.83 -32.74 27.21
N ARG D 199 -1.05 -33.84 26.49
CA ARG D 199 -2.37 -34.45 26.45
C ARG D 199 -2.78 -35.06 27.78
N ALA D 200 -1.85 -35.20 28.73
CA ALA D 200 -2.16 -35.75 30.03
C ALA D 200 -2.52 -34.68 31.05
N GLU D 201 -2.55 -33.41 30.64
CA GLU D 201 -2.87 -32.30 31.54
C GLU D 201 -4.09 -31.52 31.09
N VAL D 202 -4.15 -31.14 29.82
CA VAL D 202 -5.26 -30.38 29.27
C VAL D 202 -5.78 -31.11 28.05
N VAL D 203 -7.06 -31.47 28.06
CA VAL D 203 -7.71 -32.13 26.94
C VAL D 203 -8.81 -31.22 26.40
N TYR D 204 -8.90 -31.14 25.08
CA TYR D 204 -9.88 -30.29 24.43
C TYR D 204 -11.01 -31.12 23.85
N GLU D 205 -12.24 -30.64 24.06
CA GLU D 205 -13.43 -31.27 23.52
C GLU D 205 -14.35 -30.20 22.98
N TRP D 206 -15.17 -30.56 22.00
CA TRP D 206 -16.17 -29.64 21.49
C TRP D 206 -17.36 -29.62 22.43
N THR D 207 -17.85 -28.42 22.73
CA THR D 207 -18.89 -28.26 23.74
C THR D 207 -20.16 -29.00 23.33
N ARG D 208 -20.65 -28.74 22.14
CA ARG D 208 -21.78 -29.48 21.59
C ARG D 208 -21.25 -30.65 20.79
N GLU D 209 -22.11 -31.29 20.01
CA GLU D 209 -21.65 -32.32 19.11
C GLU D 209 -20.75 -31.72 18.04
N PRO D 210 -19.74 -32.46 17.56
CA PRO D 210 -18.75 -31.86 16.67
C PRO D 210 -19.33 -31.22 15.43
N ALA D 211 -20.40 -31.79 14.88
CA ALA D 211 -21.00 -31.21 13.68
C ALA D 211 -21.68 -29.88 13.97
N ARG D 212 -22.00 -29.59 15.24
CA ARG D 212 -22.70 -28.36 15.58
C ARG D 212 -22.00 -27.56 16.65
N SER D 213 -20.69 -27.77 16.85
CA SER D 213 -19.91 -26.92 17.71
C SER D 213 -19.22 -25.78 16.97
N VAL D 214 -19.30 -25.76 15.65
CA VAL D 214 -18.84 -24.64 14.83
C VAL D 214 -20.03 -24.19 14.01
N VAL D 215 -20.39 -22.91 14.13
CA VAL D 215 -21.60 -22.38 13.50
C VAL D 215 -21.16 -21.22 12.61
N VAL D 216 -21.04 -21.49 11.30
CA VAL D 216 -20.82 -20.40 10.36
C VAL D 216 -22.06 -19.50 10.36
N ALA D 217 -21.84 -18.19 10.41
CA ALA D 217 -22.95 -17.26 10.43
C ALA D 217 -23.75 -17.37 9.13
N GLU D 218 -25.02 -16.97 9.22
CA GLU D 218 -25.92 -17.08 8.06
C GLU D 218 -25.40 -16.26 6.90
N ASP D 219 -24.94 -15.04 7.16
CA ASP D 219 -24.36 -14.17 6.15
C ASP D 219 -22.84 -14.17 6.20
N GLY D 220 -22.24 -15.10 6.93
CA GLY D 220 -20.79 -15.13 7.06
C GLY D 220 -20.09 -15.76 5.88
N SER D 221 -20.16 -15.13 4.72
CA SER D 221 -19.45 -15.59 3.53
C SER D 221 -18.97 -14.36 2.78
N ARG D 222 -17.75 -13.93 3.08
CA ARG D 222 -17.10 -12.83 2.38
C ARG D 222 -16.14 -13.32 1.30
N LEU D 223 -16.45 -14.47 0.70
CA LEU D 223 -15.60 -15.06 -0.33
C LEU D 223 -15.98 -14.48 -1.69
N ASN D 224 -15.06 -13.75 -2.30
CA ASN D 224 -15.31 -13.19 -3.62
C ASN D 224 -15.42 -14.29 -4.67
N GLN D 225 -14.47 -15.22 -4.68
CA GLN D 225 -14.32 -16.19 -5.74
C GLN D 225 -14.70 -17.60 -5.34
N TYR D 226 -14.36 -18.03 -4.13
CA TYR D 226 -14.66 -19.38 -3.70
C TYR D 226 -16.13 -19.48 -3.30
N ASP D 227 -16.53 -20.65 -2.79
CA ASP D 227 -17.93 -20.87 -2.44
C ASP D 227 -17.96 -21.97 -1.38
N LEU D 228 -18.14 -21.57 -0.12
CA LEU D 228 -18.06 -22.49 1.00
C LEU D 228 -19.11 -23.60 0.90
N LEU D 229 -18.64 -24.82 0.67
CA LEU D 229 -19.55 -25.96 0.58
C LEU D 229 -20.02 -26.43 1.95
N GLY D 230 -19.17 -26.33 2.96
CA GLY D 230 -19.49 -26.79 4.29
C GLY D 230 -18.24 -27.23 5.02
N GLN D 231 -18.30 -27.18 6.34
CA GLN D 231 -17.14 -27.46 7.16
C GLN D 231 -17.22 -28.87 7.76
N THR D 232 -16.05 -29.44 8.04
CA THR D 232 -15.92 -30.72 8.71
C THR D 232 -15.10 -30.52 9.98
N VAL D 233 -15.57 -31.11 11.07
CA VAL D 233 -15.01 -30.88 12.40
C VAL D 233 -14.53 -32.21 12.96
N ASP D 234 -13.28 -32.27 13.38
CA ASP D 234 -12.72 -33.50 13.94
C ASP D 234 -11.62 -33.13 14.92
N SER D 235 -11.35 -34.05 15.85
CA SER D 235 -10.31 -33.88 16.85
C SER D 235 -9.36 -35.07 16.80
N GLY D 236 -8.09 -34.81 17.11
CA GLY D 236 -7.07 -35.85 17.05
C GLY D 236 -5.94 -35.67 18.03
N ILE D 237 -4.88 -36.47 17.86
CA ILE D 237 -3.72 -36.45 18.74
C ILE D 237 -2.49 -36.19 17.89
N VAL D 238 -1.66 -35.23 18.31
CA VAL D 238 -0.44 -34.86 17.60
C VAL D 238 0.72 -34.96 18.57
N GLN D 239 1.80 -35.59 18.12
CA GLN D 239 3.01 -35.75 18.92
C GLN D 239 4.15 -34.96 18.32
N SER D 240 4.97 -34.36 19.17
CA SER D 240 6.11 -33.56 18.74
C SER D 240 7.27 -33.86 19.68
N SER D 241 8.31 -33.03 19.59
CA SER D 241 9.52 -33.26 20.38
C SER D 241 9.25 -33.16 21.87
N THR D 242 8.48 -32.17 22.28
CA THR D 242 8.29 -31.88 23.70
C THR D 242 7.24 -32.76 24.36
N GLY D 243 6.43 -33.48 23.60
CA GLY D 243 5.42 -34.35 24.19
C GLY D 243 4.31 -34.64 23.20
N GLU D 244 3.15 -34.98 23.75
CA GLU D 244 1.96 -35.30 22.96
C GLU D 244 0.84 -34.34 23.33
N TYR D 245 0.10 -33.89 22.32
CA TYR D 245 -0.90 -32.84 22.51
C TYR D 245 -2.20 -33.25 21.83
N VAL D 246 -3.27 -32.56 22.22
CA VAL D 246 -4.60 -32.76 21.67
C VAL D 246 -4.91 -31.60 20.73
N VAL D 247 -5.33 -31.92 19.51
CA VAL D 247 -5.54 -30.93 18.47
C VAL D 247 -6.97 -31.03 17.98
N MET D 248 -7.64 -29.89 17.90
CA MET D 248 -8.99 -29.81 17.35
C MET D 248 -8.90 -29.17 15.97
N THR D 249 -9.45 -29.86 14.96
CA THR D 249 -9.33 -29.41 13.58
C THR D 249 -10.67 -28.91 13.06
N THR D 250 -10.62 -28.26 11.91
CA THR D 250 -11.82 -27.80 11.21
C THR D 250 -11.44 -27.54 9.77
N HIS D 251 -12.10 -28.23 8.84
CA HIS D 251 -11.81 -28.10 7.42
C HIS D 251 -12.96 -27.37 6.74
N PHE D 252 -12.66 -26.24 6.12
CA PHE D 252 -13.66 -25.47 5.37
C PHE D 252 -13.46 -25.76 3.89
N HIS D 253 -14.24 -26.70 3.37
CA HIS D 253 -14.14 -27.05 1.95
C HIS D 253 -14.58 -25.87 1.09
N LEU D 254 -13.76 -25.49 0.12
CA LEU D 254 -14.06 -24.40 -0.77
C LEU D 254 -13.98 -24.88 -2.21
N LYS D 255 -14.79 -24.26 -3.07
CA LYS D 255 -14.77 -24.56 -4.50
C LYS D 255 -14.69 -23.25 -5.26
N ARG D 256 -13.74 -23.17 -6.19
CA ARG D 256 -13.58 -21.94 -6.96
C ARG D 256 -14.68 -21.82 -8.01
N LYS D 257 -15.11 -20.58 -8.25
CA LYS D 257 -16.13 -20.29 -9.24
C LYS D 257 -15.46 -20.05 -10.59
N ILE D 258 -15.73 -20.92 -11.56
CA ILE D 258 -15.09 -20.83 -12.86
C ILE D 258 -15.77 -19.83 -13.79
N GLY D 259 -16.90 -19.25 -13.37
CA GLY D 259 -17.64 -18.38 -14.25
C GLY D 259 -16.84 -17.18 -14.71
N TYR D 260 -16.01 -16.63 -13.82
CA TYR D 260 -15.21 -15.46 -14.19
C TYR D 260 -14.20 -15.79 -15.28
N PHE D 261 -13.54 -16.94 -15.18
CA PHE D 261 -12.43 -17.24 -16.08
C PHE D 261 -12.90 -17.61 -17.48
N VAL D 262 -14.10 -18.19 -17.61
CA VAL D 262 -14.61 -18.55 -18.93
C VAL D 262 -14.74 -17.31 -19.79
N ILE D 263 -15.31 -16.25 -19.24
CA ILE D 263 -15.52 -15.03 -20.01
C ILE D 263 -14.19 -14.33 -20.29
N GLN D 264 -13.34 -14.22 -19.27
CA GLN D 264 -12.16 -13.38 -19.42
C GLN D 264 -11.07 -14.05 -20.24
N THR D 265 -10.87 -15.36 -20.09
CA THR D 265 -9.75 -16.03 -20.74
C THR D 265 -10.17 -17.07 -21.76
N TYR D 266 -11.05 -18.00 -21.38
CA TYR D 266 -11.32 -19.13 -22.26
C TYR D 266 -12.00 -18.71 -23.55
N LEU D 267 -13.05 -17.89 -23.44
CA LEU D 267 -13.75 -17.46 -24.65
C LEU D 267 -12.88 -16.63 -25.58
N PRO D 268 -12.13 -15.62 -25.13
CA PRO D 268 -11.27 -14.89 -26.08
C PRO D 268 -10.25 -15.77 -26.76
N CYS D 269 -9.68 -16.74 -26.06
CA CYS D 269 -8.70 -17.62 -26.67
C CYS D 269 -9.34 -18.53 -27.71
N ILE D 270 -10.52 -19.07 -27.41
CA ILE D 270 -11.22 -19.91 -28.38
C ILE D 270 -11.56 -19.09 -29.62
N MET D 271 -12.04 -17.86 -29.42
CA MET D 271 -12.43 -17.05 -30.57
C MET D 271 -11.20 -16.62 -31.37
N THR D 272 -10.08 -16.34 -30.70
CA THR D 272 -8.86 -16.02 -31.43
C THR D 272 -8.40 -17.20 -32.27
N VAL D 273 -8.46 -18.42 -31.70
CA VAL D 273 -8.05 -19.60 -32.43
C VAL D 273 -8.92 -19.79 -33.67
N ILE D 274 -10.23 -19.59 -33.51
CA ILE D 274 -11.14 -19.74 -34.65
C ILE D 274 -10.79 -18.73 -35.74
N LEU D 275 -10.41 -17.51 -35.34
CA LEU D 275 -10.04 -16.50 -36.32
C LEU D 275 -8.83 -16.94 -37.13
N SER D 276 -7.86 -17.59 -36.49
CA SER D 276 -6.71 -18.09 -37.24
C SER D 276 -7.13 -19.12 -38.27
N GLN D 277 -8.03 -20.02 -37.88
CA GLN D 277 -8.53 -21.03 -38.81
C GLN D 277 -9.38 -20.44 -39.91
N VAL D 278 -9.78 -19.17 -39.81
CA VAL D 278 -10.57 -18.55 -40.85
C VAL D 278 -9.75 -18.40 -42.12
N SER D 279 -8.45 -18.13 -41.99
CA SER D 279 -7.62 -17.81 -43.15
C SER D 279 -7.54 -18.99 -44.13
N PHE D 280 -7.91 -20.19 -43.69
CA PHE D 280 -7.94 -21.31 -44.62
C PHE D 280 -8.96 -21.11 -45.72
N TRP D 281 -10.00 -20.30 -45.46
CA TRP D 281 -11.00 -20.03 -46.47
C TRP D 281 -10.65 -18.86 -47.38
N LEU D 282 -9.68 -18.04 -47.01
CA LEU D 282 -9.18 -17.03 -47.92
C LEU D 282 -8.39 -17.67 -49.05
N ASN D 283 -8.46 -17.06 -50.22
CA ASN D 283 -7.77 -17.62 -51.38
C ASN D 283 -6.27 -17.55 -51.19
N ARG D 284 -5.56 -18.47 -51.85
CA ARG D 284 -4.10 -18.55 -51.69
C ARG D 284 -3.40 -17.38 -52.35
N GLU D 285 -4.02 -16.76 -53.36
CA GLU D 285 -3.36 -15.70 -54.10
C GLU D 285 -3.09 -14.48 -53.23
N SER D 286 -4.03 -14.15 -52.34
CA SER D 286 -3.88 -12.96 -51.51
C SER D 286 -2.86 -13.21 -50.39
N VAL D 287 -1.58 -13.26 -50.76
CA VAL D 287 -0.55 -13.52 -49.77
C VAL D 287 -0.51 -12.46 -48.67
N PRO D 288 -0.59 -11.16 -48.96
CA PRO D 288 -0.55 -10.17 -47.86
C PRO D 288 -1.67 -10.34 -46.85
N ALA D 289 -2.86 -10.75 -47.28
CA ALA D 289 -3.97 -10.89 -46.35
C ALA D 289 -3.73 -12.02 -45.35
N ARG D 290 -3.38 -13.20 -45.85
CA ARG D 290 -3.27 -14.37 -44.96
C ARG D 290 -2.06 -14.25 -44.04
N THR D 291 -0.96 -13.69 -44.53
CA THR D 291 0.23 -13.55 -43.69
C THR D 291 -0.02 -12.59 -42.53
N VAL D 292 -0.56 -11.42 -42.83
CA VAL D 292 -0.89 -10.46 -41.77
C VAL D 292 -1.91 -11.06 -40.81
N PHE D 293 -2.85 -11.82 -41.35
CA PHE D 293 -3.83 -12.51 -40.51
C PHE D 293 -3.15 -13.46 -39.54
N GLY D 294 -2.18 -14.24 -40.02
CA GLY D 294 -1.54 -15.22 -39.16
C GLY D 294 -0.76 -14.59 -38.03
N VAL D 295 0.05 -13.57 -38.35
CA VAL D 295 0.94 -13.00 -37.36
C VAL D 295 0.18 -12.24 -36.30
N THR D 296 -0.81 -11.45 -36.72
CA THR D 296 -1.53 -10.60 -35.76
C THR D 296 -2.22 -11.43 -34.70
N THR D 297 -2.83 -12.55 -35.11
CA THR D 297 -3.45 -13.43 -34.13
C THR D 297 -2.43 -13.98 -33.15
N VAL D 298 -1.23 -14.31 -33.63
CA VAL D 298 -0.17 -14.74 -32.73
C VAL D 298 0.14 -13.63 -31.73
N LEU D 299 0.20 -12.39 -32.20
CA LEU D 299 0.37 -11.27 -31.29
C LEU D 299 -0.82 -11.15 -30.35
N THR D 300 -2.04 -11.33 -30.88
CA THR D 300 -3.22 -11.27 -30.05
C THR D 300 -3.21 -12.38 -29.01
N MET D 301 -2.88 -13.60 -29.43
CA MET D 301 -2.80 -14.71 -28.48
C MET D 301 -1.71 -14.46 -27.45
N THR D 302 -0.62 -13.81 -27.84
CA THR D 302 0.41 -13.47 -26.87
C THR D 302 -0.10 -12.47 -25.85
N THR D 303 -0.90 -11.50 -26.28
CA THR D 303 -1.43 -10.51 -25.35
C THR D 303 -2.33 -11.16 -24.31
N LEU D 304 -3.16 -12.11 -24.75
CA LEU D 304 -4.04 -12.80 -23.79
C LEU D 304 -3.22 -13.63 -22.81
N SER D 305 -2.21 -14.35 -23.29
CA SER D 305 -1.44 -15.21 -22.40
C SER D 305 -0.70 -14.41 -21.35
N ILE D 306 -0.28 -13.18 -21.70
CA ILE D 306 0.41 -12.34 -20.73
C ILE D 306 -0.55 -11.92 -19.63
N SER D 307 -1.72 -11.41 -20.01
CA SER D 307 -2.65 -10.91 -19.01
C SER D 307 -3.25 -12.02 -18.18
N ALA D 308 -3.48 -13.19 -18.77
CA ALA D 308 -4.09 -14.30 -18.04
C ALA D 308 -3.24 -14.72 -16.86
N ARG D 309 -1.92 -14.72 -17.03
CA ARG D 309 -1.04 -15.13 -15.95
C ARG D 309 -0.87 -14.06 -14.87
N ASN D 310 -1.25 -12.81 -15.16
CA ASN D 310 -1.15 -11.77 -14.14
C ASN D 310 -2.09 -12.05 -12.97
N SER D 311 -3.33 -12.44 -13.26
CA SER D 311 -4.25 -12.78 -12.19
C SER D 311 -3.81 -14.03 -11.44
N LEU D 312 -3.32 -15.03 -12.16
CA LEU D 312 -2.89 -16.26 -11.54
C LEU D 312 -1.68 -16.01 -10.66
N PRO D 313 -1.68 -16.43 -9.40
CA PRO D 313 -0.48 -16.30 -8.57
C PRO D 313 0.68 -17.06 -9.18
N LYS D 314 1.87 -16.46 -9.09
CA LYS D 314 3.05 -17.01 -9.75
C LYS D 314 3.47 -18.31 -9.06
N VAL D 315 3.33 -19.42 -9.78
CA VAL D 315 3.70 -20.72 -9.26
C VAL D 315 4.57 -21.43 -10.30
N ALA D 316 5.64 -22.06 -9.84
CA ALA D 316 6.59 -22.69 -10.77
C ALA D 316 5.93 -23.82 -11.54
N TYR D 317 5.16 -24.66 -10.85
CA TYR D 317 4.48 -25.76 -11.54
C TYR D 317 3.39 -25.22 -12.45
N ALA D 318 3.28 -25.80 -13.64
CA ALA D 318 2.32 -25.33 -14.63
C ALA D 318 0.91 -25.69 -14.21
N THR D 319 0.02 -24.68 -14.21
CA THR D 319 -1.37 -24.89 -13.84
C THR D 319 -2.14 -25.50 -15.01
N ALA D 320 -3.41 -25.78 -14.77
CA ALA D 320 -4.25 -26.33 -15.83
C ALA D 320 -4.52 -25.30 -16.92
N MET D 321 -4.74 -24.04 -16.53
CA MET D 321 -5.04 -23.02 -17.53
C MET D 321 -3.85 -22.78 -18.45
N ASP D 322 -2.63 -22.75 -17.90
CA ASP D 322 -1.45 -22.50 -18.72
C ASP D 322 -1.25 -23.60 -19.76
N TRP D 323 -1.71 -24.81 -19.49
CA TRP D 323 -1.66 -25.84 -20.52
C TRP D 323 -2.68 -25.58 -21.62
N PHE D 324 -3.84 -25.01 -21.28
CA PHE D 324 -4.81 -24.71 -22.31
C PHE D 324 -4.33 -23.61 -23.23
N ILE D 325 -3.70 -22.58 -22.67
CA ILE D 325 -3.25 -21.46 -23.51
C ILE D 325 -2.16 -21.93 -24.47
N ALA D 326 -1.21 -22.72 -23.98
CA ALA D 326 -0.13 -23.18 -24.84
C ALA D 326 -0.65 -23.98 -26.01
N VAL D 327 -1.65 -24.83 -25.77
CA VAL D 327 -2.25 -25.57 -26.88
C VAL D 327 -2.93 -24.61 -27.84
N CYS D 328 -3.63 -23.61 -27.31
CA CYS D 328 -4.15 -22.56 -28.19
C CYS D 328 -3.03 -21.86 -28.92
N TYR D 329 -1.91 -21.59 -28.24
CA TYR D 329 -0.78 -20.98 -28.90
C TYR D 329 -0.23 -21.88 -29.99
N ALA D 330 -0.18 -23.19 -29.74
CA ALA D 330 0.32 -24.11 -30.74
C ALA D 330 -0.55 -24.14 -31.98
N PHE D 331 -1.85 -23.94 -31.83
CA PHE D 331 -2.74 -23.98 -32.99
C PHE D 331 -2.61 -22.74 -33.85
N VAL D 332 -2.52 -21.57 -33.22
CA VAL D 332 -2.36 -20.34 -33.99
C VAL D 332 -1.03 -20.34 -34.73
N PHE D 333 0.04 -20.78 -34.07
CA PHE D 333 1.33 -20.88 -34.73
C PHE D 333 1.28 -21.90 -35.86
N SER D 334 0.65 -23.05 -35.63
CA SER D 334 0.59 -24.08 -36.66
C SER D 334 -0.23 -23.63 -37.86
N ALA D 335 -1.21 -22.76 -37.65
CA ALA D 335 -1.99 -22.24 -38.78
C ALA D 335 -1.13 -21.39 -39.69
N LEU D 336 -0.26 -20.55 -39.12
CA LEU D 336 0.59 -19.70 -39.95
C LEU D 336 1.63 -20.52 -40.70
N ILE D 337 2.17 -21.57 -40.07
CA ILE D 337 3.09 -22.45 -40.76
C ILE D 337 2.41 -23.14 -41.92
N GLU D 338 1.13 -23.47 -41.76
CA GLU D 338 0.39 -24.15 -42.81
C GLU D 338 0.34 -23.32 -44.08
N PHE D 339 0.13 -22.01 -43.95
CA PHE D 339 0.13 -21.16 -45.13
C PHE D 339 1.49 -21.13 -45.81
N ALA D 340 2.56 -21.04 -45.02
CA ALA D 340 3.89 -21.02 -45.60
C ALA D 340 4.16 -22.27 -46.42
N THR D 341 3.64 -23.42 -45.97
CA THR D 341 3.71 -24.62 -46.79
C THR D 341 2.92 -24.46 -48.07
N VAL D 342 1.74 -23.83 -47.99
CA VAL D 342 0.93 -23.63 -49.19
C VAL D 342 1.64 -22.71 -50.17
N ASN D 343 2.11 -21.56 -49.70
CA ASN D 343 2.68 -20.56 -50.60
C ASN D 343 3.97 -21.05 -51.24
N TYR D 344 4.77 -21.82 -50.52
CA TYR D 344 6.00 -22.35 -51.08
C TYR D 344 5.72 -23.31 -52.24
N PHE D 345 4.53 -23.93 -52.24
CA PHE D 345 4.14 -24.87 -53.29
C PHE D 345 3.22 -24.23 -54.31
N THR D 346 3.44 -22.96 -54.63
CA THR D 346 2.64 -22.29 -55.66
C THR D 346 3.51 -21.88 -56.84
N SER D 423 -7.90 -23.79 -58.69
CA SER D 423 -8.59 -24.45 -57.60
C SER D 423 -7.88 -24.24 -56.27
N VAL D 424 -8.59 -24.46 -55.17
CA VAL D 424 -7.99 -24.32 -53.85
C VAL D 424 -7.01 -25.47 -53.62
N SER D 425 -5.86 -25.14 -53.06
CA SER D 425 -4.82 -26.14 -52.87
C SER D 425 -5.27 -27.20 -51.87
N LYS D 426 -4.80 -28.43 -52.09
CA LYS D 426 -5.23 -29.55 -51.25
C LYS D 426 -4.85 -29.32 -49.80
N ILE D 427 -3.73 -28.65 -49.53
CA ILE D 427 -3.37 -28.35 -48.16
C ILE D 427 -4.38 -27.42 -47.53
N ASP D 428 -4.83 -26.41 -48.28
CA ASP D 428 -5.86 -25.52 -47.76
C ASP D 428 -7.18 -26.25 -47.56
N ARG D 429 -7.55 -27.13 -48.48
CA ARG D 429 -8.80 -27.87 -48.32
C ARG D 429 -8.74 -28.83 -47.15
N LEU D 430 -7.61 -29.52 -46.98
CA LEU D 430 -7.49 -30.48 -45.89
C LEU D 430 -7.55 -29.79 -44.53
N SER D 431 -6.85 -28.66 -44.38
CA SER D 431 -6.77 -28.00 -43.09
C SER D 431 -8.07 -27.31 -42.71
N ARG D 432 -9.04 -27.19 -43.62
CA ARG D 432 -10.35 -26.72 -43.23
C ARG D 432 -11.11 -27.74 -42.39
N ILE D 433 -10.61 -28.98 -42.32
CA ILE D 433 -11.22 -30.02 -41.53
C ILE D 433 -10.33 -30.47 -40.38
N ALA D 434 -9.04 -30.64 -40.64
CA ALA D 434 -8.14 -31.14 -39.61
C ALA D 434 -8.02 -30.18 -38.44
N PHE D 435 -7.77 -28.90 -38.73
CA PHE D 435 -7.61 -27.93 -37.65
C PHE D 435 -8.86 -27.74 -36.82
N PRO D 436 -10.06 -27.51 -37.39
CA PRO D 436 -11.25 -27.44 -36.54
C PRO D 436 -11.55 -28.74 -35.80
N LEU D 437 -11.26 -29.88 -36.41
CA LEU D 437 -11.50 -31.15 -35.73
C LEU D 437 -10.54 -31.36 -34.57
N LEU D 438 -9.24 -31.11 -34.80
CA LEU D 438 -8.27 -31.33 -33.74
C LEU D 438 -8.53 -30.40 -32.56
N PHE D 439 -8.85 -29.14 -32.83
CA PHE D 439 -9.16 -28.23 -31.73
C PHE D 439 -10.45 -28.63 -31.04
N GLY D 440 -11.45 -29.09 -31.80
CA GLY D 440 -12.66 -29.58 -31.20
C GLY D 440 -12.42 -30.77 -30.30
N ILE D 441 -11.54 -31.67 -30.72
CA ILE D 441 -11.21 -32.83 -29.90
C ILE D 441 -10.48 -32.40 -28.63
N PHE D 442 -9.54 -31.46 -28.76
CA PHE D 442 -8.74 -31.06 -27.61
C PHE D 442 -9.61 -30.49 -26.49
N ASN D 443 -10.74 -29.87 -26.83
CA ASN D 443 -11.64 -29.38 -25.79
C ASN D 443 -12.38 -30.53 -25.10
N LEU D 444 -12.78 -31.54 -25.86
CA LEU D 444 -13.45 -32.69 -25.26
C LEU D 444 -12.50 -33.54 -24.43
N VAL D 445 -11.20 -33.28 -24.50
CA VAL D 445 -10.23 -33.93 -23.62
C VAL D 445 -9.91 -33.06 -22.42
N TYR D 446 -9.66 -31.77 -22.65
CA TYR D 446 -9.30 -30.86 -21.56
C TYR D 446 -10.46 -30.69 -20.59
N TRP D 447 -11.64 -30.38 -21.11
CA TRP D 447 -12.78 -30.14 -20.23
C TRP D 447 -13.23 -31.41 -19.53
N ALA D 448 -13.26 -32.53 -20.25
CA ALA D 448 -13.71 -33.77 -19.64
C ALA D 448 -12.77 -34.22 -18.53
N THR D 449 -11.47 -34.09 -18.74
CA THR D 449 -10.51 -34.57 -17.75
C THR D 449 -10.58 -33.76 -16.46
N TYR D 450 -10.51 -32.43 -16.56
CA TYR D 450 -10.44 -31.62 -15.35
C TYR D 450 -11.78 -31.53 -14.64
N LEU D 451 -12.87 -31.36 -15.38
CA LEU D 451 -14.18 -31.30 -14.72
C LEU D 451 -14.51 -32.62 -14.04
N ASN D 452 -14.20 -33.74 -14.69
CA ASN D 452 -14.46 -35.05 -14.11
C ASN D 452 -13.17 -35.67 -13.58
N ASN E 33 -10.23 27.27 46.87
CA ASN E 33 -10.95 27.37 45.60
C ASN E 33 -10.57 26.21 44.69
N MET E 34 -9.42 26.34 44.03
CA MET E 34 -8.96 25.28 43.14
C MET E 34 -8.66 24.00 43.91
N SER E 35 -8.07 24.13 45.10
CA SER E 35 -7.81 22.95 45.92
C SER E 35 -9.12 22.28 46.35
N PHE E 36 -10.19 23.06 46.50
CA PHE E 36 -11.50 22.48 46.79
C PHE E 36 -11.96 21.59 45.65
N VAL E 37 -11.73 22.02 44.41
CA VAL E 37 -12.09 21.19 43.26
C VAL E 37 -11.29 19.90 43.27
N LYS E 38 -10.02 19.98 43.68
CA LYS E 38 -9.23 18.76 43.85
C LYS E 38 -9.85 17.85 44.90
N GLU E 39 -10.34 18.43 45.99
CA GLU E 39 -11.03 17.65 47.00
C GLU E 39 -12.30 17.01 46.43
N THR E 40 -13.04 17.77 45.61
CA THR E 40 -14.28 17.24 45.04
C THR E 40 -14.01 16.02 44.18
N VAL E 41 -12.96 16.08 43.35
CA VAL E 41 -12.61 14.93 42.51
C VAL E 41 -12.20 13.75 43.38
N ASP E 42 -11.36 14.02 44.39
CA ASP E 42 -10.92 12.94 45.28
C ASP E 42 -12.10 12.31 46.00
N LYS E 43 -13.13 13.10 46.31
CA LYS E 43 -14.34 12.54 46.92
C LYS E 43 -15.00 11.53 45.99
N LEU E 44 -15.12 11.88 44.70
CA LEU E 44 -15.83 11.01 43.77
C LEU E 44 -15.05 9.73 43.49
N LEU E 45 -13.76 9.86 43.18
CA LEU E 45 -13.00 8.68 42.77
C LEU E 45 -12.77 7.72 43.93
N LYS E 46 -12.59 8.23 45.14
CA LYS E 46 -12.37 7.37 46.29
C LYS E 46 -13.60 6.54 46.57
N GLY E 47 -13.42 5.23 46.73
CA GLY E 47 -14.52 4.33 46.96
C GLY E 47 -15.29 3.94 45.71
N TYR E 48 -14.86 4.41 44.54
CA TYR E 48 -15.54 4.09 43.29
C TYR E 48 -14.96 2.81 42.71
N ASP E 49 -15.83 1.85 42.42
CA ASP E 49 -15.42 0.57 41.85
C ASP E 49 -15.71 0.56 40.37
N ILE E 50 -14.68 0.23 39.57
CA ILE E 50 -14.82 0.21 38.12
C ILE E 50 -15.48 -1.07 37.61
N ARG E 51 -15.76 -2.03 38.48
CA ARG E 51 -16.38 -3.29 38.09
C ARG E 51 -17.89 -3.29 38.26
N LEU E 52 -18.47 -2.17 38.63
CA LEU E 52 -19.91 -2.07 38.87
C LEU E 52 -20.51 -1.02 37.94
N ARG E 53 -21.50 -1.44 37.15
CA ARG E 53 -22.22 -0.50 36.32
C ARG E 53 -23.09 0.40 37.19
N PRO E 54 -23.41 1.60 36.71
CA PRO E 54 -24.34 2.46 37.45
C PRO E 54 -25.67 1.75 37.66
N ASP E 55 -26.19 1.84 38.88
CA ASP E 55 -27.38 1.09 39.28
C ASP E 55 -27.20 -0.39 38.98
N PHE E 56 -26.24 -0.97 39.70
CA PHE E 56 -25.77 -2.33 39.40
C PHE E 56 -26.92 -3.33 39.36
N GLY E 57 -27.77 -3.32 40.39
CA GLY E 57 -28.88 -4.24 40.46
C GLY E 57 -30.22 -3.67 40.07
N GLY E 58 -30.30 -2.39 39.75
CA GLY E 58 -31.56 -1.76 39.47
C GLY E 58 -31.88 -1.72 37.99
N PRO E 59 -32.53 -0.65 37.54
CA PRO E 59 -32.89 -0.52 36.14
C PRO E 59 -31.65 -0.43 35.26
N PRO E 60 -31.77 -0.80 33.99
CA PRO E 60 -30.60 -0.74 33.10
C PRO E 60 -30.09 0.68 32.94
N VAL E 61 -28.79 0.79 32.73
CA VAL E 61 -28.14 2.09 32.57
C VAL E 61 -28.23 2.47 31.09
N CYS E 62 -29.14 3.40 30.78
CA CYS E 62 -29.27 3.85 29.41
C CYS E 62 -28.00 4.57 28.96
N VAL E 63 -27.60 4.32 27.73
CA VAL E 63 -26.41 4.94 27.16
C VAL E 63 -26.79 5.56 25.82
N GLY E 64 -26.58 6.86 25.70
CA GLY E 64 -26.84 7.57 24.46
C GLY E 64 -25.55 7.80 23.69
N MET E 65 -25.65 7.73 22.36
CA MET E 65 -24.51 7.88 21.49
C MET E 65 -24.81 8.88 20.40
N ASN E 66 -23.77 9.55 19.92
CA ASN E 66 -23.90 10.39 18.74
C ASN E 66 -22.54 10.47 18.05
N ILE E 67 -22.38 9.64 17.01
CA ILE E 67 -21.18 9.69 16.20
C ILE E 67 -21.05 11.06 15.56
N ASP E 68 -19.82 11.43 15.22
CA ASP E 68 -19.54 12.67 14.49
C ASP E 68 -18.46 12.33 13.47
N ILE E 69 -18.89 11.94 12.26
CA ILE E 69 -17.96 11.46 11.26
C ILE E 69 -17.05 12.59 10.81
N ALA E 70 -15.80 12.25 10.51
CA ALA E 70 -14.82 13.20 10.01
C ALA E 70 -14.50 12.98 8.54
N SER E 71 -14.17 11.75 8.15
CA SER E 71 -13.85 11.47 6.76
C SER E 71 -14.06 9.99 6.48
N ILE E 72 -14.19 9.67 5.20
CA ILE E 72 -14.33 8.31 4.71
C ILE E 72 -13.41 8.15 3.52
N ASP E 73 -12.68 7.04 3.48
CA ASP E 73 -11.77 6.77 2.38
C ASP E 73 -11.53 5.27 2.32
N MET E 74 -10.74 4.86 1.32
CA MET E 74 -10.35 3.46 1.15
C MET E 74 -11.56 2.54 1.05
N VAL E 75 -12.55 2.97 0.26
CA VAL E 75 -13.69 2.11 -0.02
C VAL E 75 -13.27 1.11 -1.09
N SER E 76 -12.77 -0.04 -0.65
CA SER E 76 -12.13 -1.00 -1.54
C SER E 76 -13.10 -2.12 -1.86
N GLU E 77 -13.38 -2.33 -3.15
CA GLU E 77 -14.15 -3.50 -3.56
C GLU E 77 -13.32 -4.77 -3.53
N VAL E 78 -12.00 -4.65 -3.52
CA VAL E 78 -11.14 -5.83 -3.47
C VAL E 78 -11.33 -6.59 -2.16
N ASN E 79 -11.36 -5.86 -1.04
CA ASN E 79 -11.57 -6.47 0.27
C ASN E 79 -12.97 -6.26 0.80
N MET E 80 -13.82 -5.50 0.10
CA MET E 80 -15.17 -5.21 0.55
C MET E 80 -15.17 -4.61 1.94
N ASP E 81 -14.42 -3.52 2.09
CA ASP E 81 -14.33 -2.83 3.37
C ASP E 81 -14.02 -1.36 3.12
N TYR E 82 -14.35 -0.54 4.11
CA TYR E 82 -14.13 0.89 4.04
C TYR E 82 -13.61 1.37 5.38
N THR E 83 -12.93 2.52 5.37
CA THR E 83 -12.33 3.10 6.55
C THR E 83 -12.90 4.49 6.79
N LEU E 84 -13.36 4.74 8.01
CA LEU E 84 -13.87 6.05 8.37
C LEU E 84 -13.30 6.46 9.73
N THR E 85 -13.25 7.77 9.94
CA THR E 85 -12.74 8.35 11.17
C THR E 85 -13.84 9.19 11.80
N MET E 86 -14.09 9.00 13.09
CA MET E 86 -15.25 9.59 13.73
C MET E 86 -14.92 10.03 15.14
N TYR E 87 -15.67 11.00 15.63
CA TYR E 87 -15.58 11.44 17.01
C TYR E 87 -16.67 10.75 17.84
N PHE E 88 -16.49 9.44 18.00
CA PHE E 88 -17.46 8.63 18.69
C PHE E 88 -17.65 9.09 20.13
N GLN E 89 -18.90 9.27 20.54
CA GLN E 89 -19.21 9.80 21.87
C GLN E 89 -20.31 8.98 22.51
N GLN E 90 -20.28 8.89 23.83
CA GLN E 90 -21.26 8.13 24.60
C GLN E 90 -21.67 8.92 25.83
N TYR E 91 -22.98 9.09 26.02
CA TYR E 91 -23.51 9.77 27.19
C TYR E 91 -24.25 8.78 28.07
N TRP E 92 -24.02 8.86 29.37
CA TRP E 92 -24.79 8.09 30.33
C TRP E 92 -24.75 8.80 31.68
N ARG E 93 -25.65 8.39 32.56
CA ARG E 93 -25.78 9.00 33.87
C ARG E 93 -25.34 8.04 34.95
N ASP E 94 -24.41 8.49 35.79
CA ASP E 94 -23.93 7.73 36.94
C ASP E 94 -24.12 8.59 38.18
N LYS E 95 -25.02 8.18 39.06
CA LYS E 95 -25.28 8.94 40.28
C LYS E 95 -24.14 8.86 41.28
N ARG E 96 -23.16 7.99 41.06
CA ARG E 96 -22.03 7.87 41.96
C ARG E 96 -21.00 8.97 41.78
N LEU E 97 -21.16 9.85 40.79
CA LEU E 97 -20.17 10.86 40.50
C LEU E 97 -20.74 12.28 40.49
N ALA E 98 -21.98 12.46 40.91
CA ALA E 98 -22.56 13.80 40.95
C ALA E 98 -21.87 14.64 42.02
N TYR E 99 -21.71 15.92 41.73
CA TYR E 99 -21.05 16.85 42.63
C TYR E 99 -21.91 18.10 42.79
N SER E 100 -21.71 18.80 43.90
CA SER E 100 -22.49 19.97 44.24
C SER E 100 -21.57 21.13 44.58
N GLY E 101 -22.11 22.34 44.40
CA GLY E 101 -21.38 23.55 44.71
C GLY E 101 -20.52 24.09 43.58
N ILE E 102 -20.38 23.35 42.49
CA ILE E 102 -19.56 23.80 41.36
C ILE E 102 -20.45 23.95 40.14
N PRO E 103 -20.77 25.17 39.72
CA PRO E 103 -21.65 25.37 38.56
C PRO E 103 -21.02 25.07 37.21
N LEU E 104 -19.85 24.47 37.17
CA LEU E 104 -19.17 24.17 35.92
C LEU E 104 -19.35 22.70 35.55
N ASN E 105 -18.88 22.36 34.35
CA ASN E 105 -18.80 20.97 33.89
C ASN E 105 -17.33 20.59 33.88
N LEU E 106 -16.91 19.80 34.86
CA LEU E 106 -15.51 19.41 34.96
C LEU E 106 -15.08 18.63 33.74
N THR E 107 -13.94 19.00 33.18
CA THR E 107 -13.36 18.31 32.03
C THR E 107 -12.03 17.71 32.50
N LEU E 108 -12.09 16.51 33.05
CA LEU E 108 -10.91 15.90 33.61
C LEU E 108 -9.95 15.46 32.51
N ASP E 109 -8.70 15.26 32.90
CA ASP E 109 -7.69 14.78 31.97
C ASP E 109 -8.08 13.39 31.45
N ASN E 110 -7.75 13.14 30.18
CA ASN E 110 -8.18 11.91 29.54
C ASN E 110 -7.68 10.66 30.23
N ARG E 111 -6.59 10.76 30.99
CA ARG E 111 -6.07 9.60 31.70
C ARG E 111 -6.97 9.15 32.83
N VAL E 112 -7.97 9.94 33.21
CA VAL E 112 -8.89 9.53 34.26
C VAL E 112 -9.85 8.44 33.81
N ALA E 113 -9.90 8.17 32.50
CA ALA E 113 -10.81 7.15 32.00
C ALA E 113 -10.47 5.77 32.53
N ASP E 114 -9.21 5.55 32.91
CA ASP E 114 -8.83 4.28 33.50
C ASP E 114 -9.40 4.07 34.88
N GLN E 115 -9.97 5.12 35.49
CA GLN E 115 -10.50 5.04 36.84
C GLN E 115 -12.01 5.22 36.89
N LEU E 116 -12.69 5.08 35.76
CA LEU E 116 -14.14 5.14 35.70
C LEU E 116 -14.68 3.87 35.07
N TRP E 117 -16.00 3.74 35.08
CA TRP E 117 -16.68 2.69 34.35
C TRP E 117 -17.15 3.25 33.01
N VAL E 118 -16.89 2.52 31.94
CA VAL E 118 -17.36 2.92 30.61
C VAL E 118 -18.01 1.70 29.96
N PRO E 119 -19.02 1.89 29.11
CA PRO E 119 -19.64 0.75 28.45
C PRO E 119 -18.63 0.01 27.59
N ASP E 120 -18.79 -1.31 27.54
CA ASP E 120 -17.92 -2.14 26.72
C ASP E 120 -18.42 -2.14 25.28
N THR E 121 -18.65 -0.96 24.72
CA THR E 121 -19.16 -0.85 23.37
C THR E 121 -18.10 -1.30 22.37
N TYR E 122 -18.49 -2.13 21.42
CA TYR E 122 -17.60 -2.54 20.35
C TYR E 122 -18.37 -2.57 19.04
N PHE E 123 -17.62 -2.46 17.95
CA PHE E 123 -18.19 -2.46 16.61
C PHE E 123 -18.14 -3.87 16.06
N LEU E 124 -19.28 -4.36 15.58
CA LEU E 124 -19.43 -5.78 15.30
C LEU E 124 -18.83 -6.19 13.96
N ASN E 125 -18.54 -5.25 13.07
CA ASN E 125 -18.02 -5.58 11.76
C ASN E 125 -16.81 -4.73 11.42
N ASP E 126 -15.88 -4.63 12.37
CA ASP E 126 -14.63 -3.91 12.16
C ASP E 126 -13.50 -4.91 11.97
N LYS E 127 -12.64 -4.62 11.00
CA LYS E 127 -11.47 -5.46 10.74
C LYS E 127 -10.21 -4.94 11.41
N LYS E 128 -10.12 -3.63 11.63
CA LYS E 128 -8.94 -3.03 12.25
C LYS E 128 -9.31 -1.63 12.69
N SER E 129 -9.10 -1.31 13.97
CA SER E 129 -9.44 0.00 14.49
C SER E 129 -8.48 0.37 15.60
N PHE E 130 -8.34 1.67 15.82
CA PHE E 130 -7.45 2.18 16.85
C PHE E 130 -7.87 3.60 17.21
N VAL E 131 -7.42 4.04 18.38
CA VAL E 131 -7.64 5.40 18.85
C VAL E 131 -6.37 6.19 18.61
N HIS E 132 -6.49 7.33 17.93
CA HIS E 132 -5.32 8.12 17.61
C HIS E 132 -4.63 8.63 18.87
N GLY E 133 -3.32 8.52 18.91
CA GLY E 133 -2.57 8.80 20.11
C GLY E 133 -1.71 10.05 20.09
N VAL E 134 -1.74 10.79 18.99
CA VAL E 134 -0.93 12.01 18.83
C VAL E 134 -1.82 13.22 19.05
N THR E 135 -1.41 14.13 19.92
CA THR E 135 -0.15 14.02 20.65
C THR E 135 -0.33 13.28 21.95
N VAL E 136 -1.58 13.17 22.40
CA VAL E 136 -1.95 12.31 23.51
C VAL E 136 -3.14 11.48 23.07
N LYS E 137 -3.41 10.41 23.81
CA LYS E 137 -4.50 9.52 23.45
C LYS E 137 -5.80 10.29 23.40
N ASN E 138 -6.39 10.40 22.22
CA ASN E 138 -7.54 11.28 22.00
C ASN E 138 -8.78 10.69 22.64
N ARG E 139 -9.17 11.25 23.79
CA ARG E 139 -10.44 10.94 24.41
C ARG E 139 -10.72 12.03 25.42
N MET E 140 -11.99 12.15 25.81
CA MET E 140 -12.40 13.16 26.76
C MET E 140 -13.32 12.56 27.79
N ILE E 141 -13.24 13.10 29.01
CA ILE E 141 -14.12 12.72 30.10
C ILE E 141 -14.66 14.01 30.70
N ARG E 142 -15.97 14.18 30.67
CA ARG E 142 -16.60 15.39 31.19
C ARG E 142 -17.69 14.97 32.17
N LEU E 143 -17.59 15.46 33.40
CA LEU E 143 -18.55 15.13 34.45
C LEU E 143 -19.44 16.33 34.70
N HIS E 144 -20.73 16.12 34.65
CA HIS E 144 -21.68 17.20 34.90
C HIS E 144 -22.19 17.12 36.33
N PRO E 145 -22.72 18.21 36.87
CA PRO E 145 -23.08 18.22 38.30
C PRO E 145 -24.13 17.19 38.67
N ASP E 146 -24.94 16.73 37.72
CA ASP E 146 -25.95 15.73 38.02
C ASP E 146 -25.39 14.31 37.93
N GLY E 147 -24.09 14.15 37.69
CA GLY E 147 -23.49 12.85 37.55
C GLY E 147 -23.41 12.33 36.13
N THR E 148 -24.03 13.01 35.18
CA THR E 148 -23.94 12.61 33.78
C THR E 148 -22.48 12.60 33.33
N VAL E 149 -22.10 11.60 32.56
CA VAL E 149 -20.73 11.44 32.09
C VAL E 149 -20.74 11.38 30.58
N LEU E 150 -19.88 12.16 29.96
CA LEU E 150 -19.64 12.12 28.51
C LEU E 150 -18.25 11.56 28.26
N TYR E 151 -18.17 10.57 27.38
CA TYR E 151 -16.93 9.85 27.12
C TYR E 151 -16.76 9.77 25.61
N GLY E 152 -15.97 10.68 25.05
CA GLY E 152 -15.73 10.72 23.63
C GLY E 152 -14.45 10.02 23.23
N LEU E 153 -14.39 9.60 21.98
CA LEU E 153 -13.20 8.98 21.43
C LEU E 153 -13.06 9.42 19.97
N ARG E 154 -11.84 9.37 19.48
CA ARG E 154 -11.57 9.62 18.07
C ARG E 154 -11.06 8.31 17.48
N ILE E 155 -11.98 7.54 16.91
CA ILE E 155 -11.73 6.17 16.47
C ILE E 155 -11.68 6.14 14.95
N THR E 156 -10.72 5.42 14.41
CA THR E 156 -10.63 5.17 12.97
C THR E 156 -10.70 3.68 12.75
N THR E 157 -11.79 3.22 12.16
CA THR E 157 -12.07 1.79 12.03
C THR E 157 -12.21 1.41 10.56
N THR E 158 -11.69 0.23 10.22
CA THR E 158 -11.81 -0.33 8.88
C THR E 158 -12.96 -1.33 8.90
N ALA E 159 -14.18 -0.81 8.88
CA ALA E 159 -15.35 -1.66 8.89
C ALA E 159 -15.46 -2.45 7.59
N ALA E 160 -16.05 -3.64 7.68
CA ALA E 160 -16.22 -4.51 6.53
C ALA E 160 -17.62 -4.35 5.97
N CYS E 161 -17.70 -4.13 4.65
CA CYS E 161 -18.97 -3.90 3.96
C CYS E 161 -19.02 -4.83 2.75
N MET E 162 -19.79 -5.91 2.86
CA MET E 162 -19.92 -6.84 1.75
C MET E 162 -20.67 -6.20 0.59
N MET E 163 -20.13 -6.33 -0.61
CA MET E 163 -20.66 -5.65 -1.78
C MET E 163 -21.15 -6.65 -2.81
N ASP E 164 -22.18 -6.24 -3.56
CA ASP E 164 -22.72 -7.03 -4.65
C ASP E 164 -22.47 -6.25 -5.94
N LEU E 165 -21.44 -6.66 -6.68
CA LEU E 165 -20.96 -5.92 -7.84
C LEU E 165 -21.42 -6.51 -9.16
N ARG E 166 -22.52 -7.25 -9.17
CA ARG E 166 -23.01 -7.80 -10.42
C ARG E 166 -23.44 -6.71 -11.40
N ARG E 167 -23.77 -5.52 -10.91
CA ARG E 167 -24.13 -4.41 -11.77
C ARG E 167 -23.02 -3.38 -11.89
N TYR E 168 -21.82 -3.71 -11.42
CA TYR E 168 -20.71 -2.77 -11.48
C TYR E 168 -20.41 -2.41 -12.93
N PRO E 169 -20.14 -1.14 -13.24
CA PRO E 169 -20.05 0.01 -12.34
C PRO E 169 -21.37 0.74 -12.14
N LEU E 170 -22.49 0.20 -12.58
CA LEU E 170 -23.78 0.83 -12.31
C LEU E 170 -24.40 0.29 -11.02
N ASP E 171 -23.62 0.30 -9.96
CA ASP E 171 -23.99 -0.35 -8.70
C ASP E 171 -24.32 0.68 -7.64
N GLU E 172 -25.00 0.21 -6.59
CA GLU E 172 -25.45 1.05 -5.48
C GLU E 172 -25.16 0.28 -4.18
N GLN E 173 -23.97 0.47 -3.63
CA GLN E 173 -23.57 -0.27 -2.45
C GLN E 173 -24.20 0.31 -1.20
N ASN E 174 -24.44 -0.56 -0.22
CA ASN E 174 -25.02 -0.18 1.06
C ASN E 174 -24.10 -0.67 2.15
N CYS E 175 -23.44 0.25 2.84
CA CYS E 175 -22.45 -0.07 3.85
C CYS E 175 -22.94 0.36 5.23
N THR E 176 -22.67 -0.48 6.22
CA THR E 176 -23.19 -0.29 7.57
C THR E 176 -22.05 -0.20 8.58
N LEU E 177 -22.43 -0.07 9.84
CA LEU E 177 -21.47 -0.10 10.95
C LEU E 177 -22.25 -0.54 12.19
N GLU E 178 -22.10 -1.80 12.56
CA GLU E 178 -22.90 -2.39 13.63
C GLU E 178 -22.23 -2.13 14.97
N ILE E 179 -22.99 -1.56 15.91
CA ILE E 179 -22.50 -1.22 17.23
C ILE E 179 -23.29 -2.04 18.25
N GLU E 180 -22.57 -2.68 19.18
CA GLU E 180 -23.22 -3.57 20.11
C GLU E 180 -22.40 -3.66 21.40
N SER E 181 -23.11 -3.85 22.50
CA SER E 181 -22.46 -4.18 23.76
C SER E 181 -21.91 -5.59 23.72
N TYR E 182 -20.77 -5.79 24.38
CA TYR E 182 -20.15 -7.11 24.34
C TYR E 182 -20.75 -8.05 25.38
N GLY E 183 -20.61 -7.71 26.66
CA GLY E 183 -21.00 -8.63 27.70
C GLY E 183 -22.16 -8.18 28.56
N TYR E 184 -23.17 -7.59 27.94
CA TYR E 184 -24.36 -7.17 28.68
C TYR E 184 -25.57 -7.36 27.80
N THR E 185 -26.72 -7.57 28.44
CA THR E 185 -27.99 -7.73 27.76
C THR E 185 -28.86 -6.51 28.00
N THR E 186 -30.04 -6.51 27.38
CA THR E 186 -30.97 -5.41 27.58
C THR E 186 -31.53 -5.37 29.00
N ASP E 187 -31.29 -6.39 29.80
CA ASP E 187 -31.64 -6.32 31.21
C ASP E 187 -30.72 -5.38 31.98
N ASP E 188 -29.53 -5.08 31.44
CA ASP E 188 -28.55 -4.27 32.15
C ASP E 188 -28.18 -2.99 31.42
N ILE E 189 -28.15 -2.99 30.08
CA ILE E 189 -27.67 -1.85 29.32
C ILE E 189 -28.59 -1.65 28.12
N GLU E 190 -28.83 -0.40 27.76
CA GLU E 190 -29.73 -0.06 26.67
C GLU E 190 -29.15 1.10 25.88
N PHE E 191 -28.84 0.87 24.61
CA PHE E 191 -28.32 1.92 23.75
C PHE E 191 -29.46 2.66 23.09
N TYR E 192 -29.22 3.93 22.78
CA TYR E 192 -30.17 4.73 22.03
C TYR E 192 -29.43 5.87 21.37
N TRP E 193 -29.97 6.35 20.25
CA TRP E 193 -29.35 7.44 19.53
C TRP E 193 -29.70 8.76 20.21
N ARG E 194 -28.70 9.44 20.76
CA ARG E 194 -28.94 10.71 21.41
C ARG E 194 -29.16 11.79 20.37
N GLY E 195 -30.23 12.57 20.54
CA GLY E 195 -30.58 13.59 19.58
C GLY E 195 -31.43 13.10 18.42
N GLY E 196 -31.87 11.85 18.44
CA GLY E 196 -32.74 11.36 17.39
C GLY E 196 -32.04 11.31 16.04
N ASP E 197 -32.74 11.81 15.02
CA ASP E 197 -32.23 11.71 13.66
C ASP E 197 -30.98 12.57 13.43
N LYS E 198 -30.70 13.50 14.34
CA LYS E 198 -29.51 14.33 14.23
C LYS E 198 -28.33 13.76 15.00
N ALA E 199 -28.41 12.49 15.41
CA ALA E 199 -27.33 11.89 16.18
C ALA E 199 -26.03 11.83 15.40
N VAL E 200 -26.11 11.50 14.11
CA VAL E 200 -24.93 11.42 13.26
C VAL E 200 -24.85 12.68 12.42
N THR E 201 -23.70 13.33 12.45
CA THR E 201 -23.48 14.57 11.72
C THR E 201 -22.28 14.41 10.79
N GLY E 202 -22.07 15.43 9.96
CA GLY E 202 -20.91 15.44 9.10
C GLY E 202 -20.95 14.47 7.95
N VAL E 203 -22.09 13.84 7.68
CA VAL E 203 -22.18 12.89 6.58
C VAL E 203 -22.06 13.60 5.25
N GLU E 204 -22.81 14.68 5.07
CA GLU E 204 -22.85 15.35 3.78
C GLU E 204 -21.51 15.99 3.43
N ARG E 205 -20.76 16.46 4.42
CA ARG E 205 -19.47 17.07 4.16
C ARG E 205 -18.45 16.09 3.61
N ILE E 206 -18.70 14.78 3.72
CA ILE E 206 -17.78 13.79 3.19
C ILE E 206 -17.79 13.85 1.66
N GLU E 207 -16.61 13.65 1.07
CA GLU E 207 -16.45 13.66 -0.38
C GLU E 207 -15.63 12.43 -0.77
N LEU E 208 -16.32 11.38 -1.21
CA LEU E 208 -15.61 10.21 -1.70
C LEU E 208 -15.08 10.46 -3.11
N PRO E 209 -13.99 9.80 -3.49
CA PRO E 209 -13.44 9.99 -4.83
C PRO E 209 -14.40 9.50 -5.91
N GLN E 210 -14.85 8.25 -5.80
CA GLN E 210 -15.65 7.61 -6.83
C GLN E 210 -16.97 7.08 -6.28
N PHE E 211 -17.61 7.87 -5.43
CA PHE E 211 -18.93 7.50 -4.93
C PHE E 211 -19.71 8.78 -4.66
N SER E 212 -20.95 8.61 -4.19
CA SER E 212 -21.80 9.74 -3.88
C SER E 212 -22.80 9.29 -2.81
N ILE E 213 -22.54 9.69 -1.57
CA ILE E 213 -23.43 9.28 -0.48
C ILE E 213 -24.81 9.87 -0.71
N VAL E 214 -25.81 9.00 -0.78
CA VAL E 214 -27.17 9.43 -1.05
C VAL E 214 -27.93 9.69 0.24
N GLU E 215 -27.88 8.76 1.19
CA GLU E 215 -28.59 8.93 2.44
C GLU E 215 -27.98 8.02 3.49
N HIS E 216 -28.31 8.30 4.74
CA HIS E 216 -27.92 7.46 5.86
C HIS E 216 -29.11 7.27 6.78
N ARG E 217 -29.10 6.16 7.51
CA ARG E 217 -30.19 5.82 8.41
C ARG E 217 -29.64 5.45 9.78
N LEU E 218 -30.49 5.57 10.78
CA LEU E 218 -30.18 5.18 12.15
C LEU E 218 -31.19 4.12 12.58
N VAL E 219 -30.68 2.99 13.07
CA VAL E 219 -31.53 1.88 13.51
C VAL E 219 -31.22 1.59 14.96
N SER E 220 -32.26 1.52 15.79
CA SER E 220 -32.14 1.20 17.20
C SER E 220 -33.04 -0.01 17.46
N ARG E 221 -32.43 -1.18 17.62
CA ARG E 221 -33.20 -2.41 17.76
C ARG E 221 -32.43 -3.37 18.66
N ASN E 222 -33.16 -4.36 19.18
CA ASN E 222 -32.60 -5.35 20.08
C ASN E 222 -32.47 -6.67 19.33
N VAL E 223 -31.26 -7.20 19.25
CA VAL E 223 -31.05 -8.54 18.71
C VAL E 223 -31.45 -9.54 19.78
N VAL E 224 -32.38 -10.43 19.44
CA VAL E 224 -32.99 -11.34 20.41
C VAL E 224 -32.38 -12.72 20.25
N PHE E 225 -31.78 -13.21 21.31
CA PHE E 225 -31.26 -14.57 21.39
C PHE E 225 -32.05 -15.35 22.43
N ALA E 226 -31.61 -16.59 22.70
CA ALA E 226 -32.26 -17.40 23.71
C ALA E 226 -32.08 -16.79 25.10
N THR E 227 -30.88 -16.31 25.41
CA THR E 227 -30.62 -15.75 26.73
C THR E 227 -31.41 -14.48 26.95
N GLY E 228 -31.33 -13.55 26.02
CA GLY E 228 -32.01 -12.28 26.15
C GLY E 228 -31.57 -11.33 25.06
N ALA E 229 -32.29 -10.22 24.97
CA ALA E 229 -32.04 -9.27 23.89
C ALA E 229 -30.71 -8.55 24.11
N TYR E 230 -29.94 -8.44 23.02
CA TYR E 230 -28.71 -7.66 23.03
C TYR E 230 -28.97 -6.34 22.33
N PRO E 231 -28.74 -5.20 22.97
CA PRO E 231 -28.98 -3.93 22.30
C PRO E 231 -28.03 -3.74 21.13
N ARG E 232 -28.52 -3.11 20.07
CA ARG E 232 -27.69 -2.86 18.91
C ARG E 232 -28.12 -1.55 18.26
N LEU E 233 -27.14 -0.78 17.84
CA LEU E 233 -27.36 0.42 17.04
C LEU E 233 -26.64 0.25 15.70
N SER E 234 -27.33 0.56 14.62
CA SER E 234 -26.77 0.43 13.28
C SER E 234 -26.79 1.78 12.59
N LEU E 235 -25.64 2.18 12.06
CA LEU E 235 -25.52 3.32 11.16
C LEU E 235 -25.19 2.79 9.77
N SER E 236 -25.95 3.22 8.77
CA SER E 236 -25.83 2.66 7.43
C SER E 236 -25.93 3.76 6.39
N PHE E 237 -24.97 3.79 5.48
CA PHE E 237 -24.99 4.71 4.35
C PHE E 237 -25.53 3.99 3.12
N ARG E 238 -25.70 4.74 2.03
CA ARG E 238 -26.11 4.16 0.75
C ARG E 238 -25.22 4.78 -0.32
N LEU E 239 -24.07 4.16 -0.55
CA LEU E 239 -23.13 4.69 -1.53
C LEU E 239 -23.65 4.45 -2.94
N LYS E 240 -23.35 5.39 -3.84
CA LYS E 240 -23.69 5.25 -5.24
C LYS E 240 -22.48 5.63 -6.07
N ARG E 241 -22.14 4.78 -7.03
CA ARG E 241 -20.92 4.96 -7.81
C ARG E 241 -21.16 5.91 -8.98
N ASN E 242 -20.22 6.82 -9.21
CA ASN E 242 -20.27 7.69 -10.37
C ASN E 242 -19.83 6.93 -11.61
N ILE E 243 -20.38 7.36 -12.76
CA ILE E 243 -20.15 6.66 -14.02
C ILE E 243 -19.28 7.46 -14.98
N GLY E 244 -18.95 8.71 -14.65
CA GLY E 244 -18.22 9.53 -15.59
C GLY E 244 -16.86 8.98 -15.96
N TYR E 245 -16.21 8.28 -15.03
CA TYR E 245 -14.89 7.73 -15.32
C TYR E 245 -14.97 6.66 -16.40
N PHE E 246 -15.91 5.74 -16.28
CA PHE E 246 -15.96 4.60 -17.19
C PHE E 246 -16.53 4.95 -18.55
N ILE E 247 -17.28 6.05 -18.66
CA ILE E 247 -17.79 6.45 -19.95
C ILE E 247 -16.65 6.81 -20.89
N LEU E 248 -15.69 7.59 -20.40
CA LEU E 248 -14.58 8.05 -21.22
C LEU E 248 -13.43 7.06 -21.28
N GLN E 249 -13.49 5.95 -20.56
CA GLN E 249 -12.36 5.04 -20.50
C GLN E 249 -12.69 3.64 -20.97
N THR E 250 -13.91 3.16 -20.79
CA THR E 250 -14.28 1.82 -21.19
C THR E 250 -15.33 1.79 -22.29
N TYR E 251 -16.44 2.50 -22.09
CA TYR E 251 -17.54 2.42 -23.05
C TYR E 251 -17.21 3.15 -24.33
N MET E 252 -16.68 4.38 -24.22
CA MET E 252 -16.33 5.11 -25.44
C MET E 252 -15.28 4.39 -26.27
N PRO E 253 -14.16 3.92 -25.72
CA PRO E 253 -13.20 3.20 -26.57
C PRO E 253 -13.80 1.99 -27.25
N SER E 254 -14.63 1.23 -26.54
CA SER E 254 -15.18 0.01 -27.11
C SER E 254 -16.22 0.32 -28.18
N ILE E 255 -17.00 1.39 -28.01
CA ILE E 255 -17.97 1.73 -29.04
C ILE E 255 -17.28 2.25 -30.29
N LEU E 256 -16.26 3.09 -30.10
CA LEU E 256 -15.54 3.63 -31.26
C LEU E 256 -14.84 2.52 -32.04
N ILE E 257 -14.24 1.56 -31.34
CA ILE E 257 -13.57 0.45 -32.01
C ILE E 257 -14.58 -0.36 -32.81
N THR E 258 -15.72 -0.66 -32.20
CA THR E 258 -16.71 -1.48 -32.88
C THR E 258 -17.24 -0.79 -34.13
N ILE E 259 -17.43 0.52 -34.07
CA ILE E 259 -17.89 1.24 -35.26
C ILE E 259 -16.84 1.17 -36.36
N LEU E 260 -15.56 1.21 -35.99
CA LEU E 260 -14.51 1.09 -36.99
C LEU E 260 -14.57 -0.26 -37.69
N SER E 261 -14.85 -1.32 -36.94
CA SER E 261 -14.94 -2.65 -37.55
C SER E 261 -16.02 -2.71 -38.60
N TRP E 262 -17.00 -1.81 -38.56
CA TRP E 262 -18.03 -1.80 -39.59
C TRP E 262 -17.57 -1.13 -40.87
N VAL E 263 -16.43 -0.42 -40.85
CA VAL E 263 -15.94 0.20 -42.06
C VAL E 263 -15.57 -0.85 -43.09
N SER E 264 -15.24 -2.06 -42.63
CA SER E 264 -14.88 -3.13 -43.55
C SER E 264 -15.98 -3.41 -44.55
N PHE E 265 -17.22 -3.12 -44.20
CA PHE E 265 -18.33 -3.45 -45.09
C PHE E 265 -18.51 -2.45 -46.23
N TRP E 266 -17.81 -1.32 -46.21
CA TRP E 266 -17.84 -0.37 -47.30
C TRP E 266 -16.60 -0.45 -48.17
N ILE E 267 -15.80 -1.51 -48.04
CA ILE E 267 -14.60 -1.72 -48.83
C ILE E 267 -14.81 -2.95 -49.69
N ASN E 268 -14.38 -2.89 -50.94
CA ASN E 268 -14.65 -3.97 -51.89
C ASN E 268 -14.07 -5.28 -51.37
N TYR E 269 -14.80 -6.37 -51.63
CA TYR E 269 -14.36 -7.68 -51.17
C TYR E 269 -13.01 -8.06 -51.75
N ASP E 270 -12.68 -7.53 -52.93
CA ASP E 270 -11.40 -7.83 -53.56
C ASP E 270 -10.23 -7.23 -52.81
N ALA E 271 -10.47 -6.29 -51.90
CA ALA E 271 -9.41 -5.69 -51.10
C ALA E 271 -9.07 -6.63 -49.94
N SER E 272 -8.45 -7.75 -50.30
CA SER E 272 -8.11 -8.75 -49.30
C SER E 272 -7.12 -8.19 -48.28
N ALA E 273 -6.15 -7.40 -48.74
CA ALA E 273 -5.17 -6.85 -47.83
C ALA E 273 -5.80 -5.86 -46.86
N ALA E 274 -6.61 -4.94 -47.39
CA ALA E 274 -7.12 -3.85 -46.57
C ALA E 274 -8.14 -4.34 -45.55
N ARG E 275 -9.11 -5.12 -45.98
CA ARG E 275 -10.21 -5.50 -45.09
C ARG E 275 -9.72 -6.44 -43.99
N VAL E 276 -8.86 -7.39 -44.33
CA VAL E 276 -8.33 -8.30 -43.31
C VAL E 276 -7.49 -7.53 -42.30
N ALA E 277 -6.62 -6.65 -42.78
CA ALA E 277 -5.79 -5.87 -41.87
C ALA E 277 -6.63 -4.97 -40.97
N LEU E 278 -7.66 -4.34 -41.53
CA LEU E 278 -8.54 -3.52 -40.71
C LEU E 278 -9.30 -4.36 -39.70
N GLY E 279 -9.84 -5.50 -40.15
CA GLY E 279 -10.65 -6.31 -39.26
C GLY E 279 -9.85 -6.88 -38.10
N ILE E 280 -8.68 -7.45 -38.39
CA ILE E 280 -7.93 -8.16 -37.35
C ILE E 280 -7.33 -7.20 -36.34
N THR E 281 -6.93 -6.00 -36.78
CA THR E 281 -6.32 -5.06 -35.84
C THR E 281 -7.32 -4.61 -34.79
N THR E 282 -8.58 -4.41 -35.20
CA THR E 282 -9.62 -4.07 -34.23
C THR E 282 -9.79 -5.19 -33.22
N VAL E 283 -9.80 -6.44 -33.67
CA VAL E 283 -9.87 -7.56 -32.76
C VAL E 283 -8.70 -7.51 -31.78
N LEU E 284 -7.51 -7.19 -32.29
CA LEU E 284 -6.38 -6.98 -31.40
C LEU E 284 -6.60 -5.76 -30.51
N THR E 285 -7.18 -4.70 -31.07
CA THR E 285 -7.40 -3.48 -30.30
C THR E 285 -8.38 -3.72 -29.16
N MET E 286 -9.46 -4.45 -29.43
CA MET E 286 -10.41 -4.78 -28.37
C MET E 286 -9.72 -5.60 -27.28
N THR E 287 -8.89 -6.55 -27.68
CA THR E 287 -8.15 -7.34 -26.69
C THR E 287 -7.23 -6.47 -25.87
N THR E 288 -6.58 -5.49 -26.50
CA THR E 288 -5.76 -4.55 -25.76
C THR E 288 -6.59 -3.78 -24.73
N ILE E 289 -7.79 -3.35 -25.14
CA ILE E 289 -8.64 -2.61 -24.21
C ILE E 289 -9.08 -3.51 -23.06
N ASN E 290 -9.51 -4.73 -23.36
CA ASN E 290 -10.01 -5.62 -22.32
C ASN E 290 -8.93 -5.93 -21.29
N THR E 291 -7.77 -6.37 -21.75
CA THR E 291 -6.72 -6.80 -20.83
C THR E 291 -6.25 -5.64 -19.97
N HIS E 292 -6.03 -4.48 -20.58
CA HIS E 292 -5.51 -3.34 -19.83
C HIS E 292 -6.56 -2.78 -18.88
N LEU E 293 -7.83 -2.80 -19.25
CA LEU E 293 -8.87 -2.41 -18.32
C LEU E 293 -8.96 -3.40 -17.16
N ARG E 294 -8.73 -4.68 -17.43
CA ARG E 294 -8.78 -5.68 -16.36
C ARG E 294 -7.75 -5.39 -15.28
N GLU E 295 -6.53 -5.00 -15.69
CA GLU E 295 -5.52 -4.64 -14.71
C GLU E 295 -5.87 -3.36 -13.98
N THR E 296 -6.51 -2.42 -14.66
CA THR E 296 -6.93 -1.18 -14.02
C THR E 296 -8.10 -1.40 -13.08
N LEU E 297 -9.10 -2.15 -13.53
CA LEU E 297 -10.25 -2.44 -12.69
C LEU E 297 -9.85 -3.35 -11.54
N PRO E 298 -10.53 -3.26 -10.40
CA PRO E 298 -10.19 -4.13 -9.27
C PRO E 298 -10.46 -5.59 -9.59
N LYS E 299 -9.65 -6.46 -8.98
CA LYS E 299 -9.75 -7.90 -9.20
C LYS E 299 -10.95 -8.43 -8.42
N ILE E 300 -12.05 -8.65 -9.12
CA ILE E 300 -13.27 -9.16 -8.49
C ILE E 300 -13.71 -10.39 -9.28
N PRO E 301 -13.16 -11.56 -9.00
CA PRO E 301 -13.34 -12.71 -9.90
C PRO E 301 -14.76 -13.26 -9.93
N TYR E 302 -15.69 -12.49 -10.50
CA TYR E 302 -16.96 -13.05 -10.96
C TYR E 302 -17.55 -12.06 -11.96
N VAL E 303 -18.52 -12.54 -12.73
CA VAL E 303 -19.00 -11.78 -13.89
C VAL E 303 -19.72 -10.53 -13.42
N LYS E 304 -19.36 -9.39 -14.00
CA LYS E 304 -19.94 -8.10 -13.70
C LYS E 304 -20.68 -7.57 -14.93
N ALA E 305 -21.19 -6.35 -14.84
CA ALA E 305 -21.87 -5.73 -15.97
C ALA E 305 -20.88 -5.21 -17.00
N ILE E 306 -19.74 -4.71 -16.55
CA ILE E 306 -18.75 -4.19 -17.48
C ILE E 306 -18.19 -5.31 -18.33
N ASP E 307 -18.02 -6.49 -17.75
CA ASP E 307 -17.47 -7.62 -18.50
C ASP E 307 -18.40 -8.05 -19.62
N MET E 308 -19.71 -8.04 -19.38
CA MET E 308 -20.64 -8.41 -20.44
C MET E 308 -20.56 -7.44 -21.60
N TYR E 309 -20.42 -6.15 -21.31
CA TYR E 309 -20.33 -5.18 -22.40
C TYR E 309 -19.04 -5.36 -23.18
N LEU E 310 -17.91 -5.47 -22.49
CA LEU E 310 -16.64 -5.68 -23.18
C LEU E 310 -16.66 -6.98 -23.96
N MET E 311 -17.18 -8.05 -23.36
CA MET E 311 -17.31 -9.30 -24.09
C MET E 311 -18.33 -9.18 -25.20
N GLY E 312 -19.39 -8.41 -24.95
CA GLY E 312 -20.39 -8.21 -26.00
C GLY E 312 -19.81 -7.51 -27.20
N CYS E 313 -18.97 -6.51 -26.98
CA CYS E 313 -18.33 -5.83 -28.10
C CYS E 313 -17.34 -6.75 -28.81
N PHE E 314 -16.60 -7.56 -28.04
CA PHE E 314 -15.61 -8.45 -28.64
C PHE E 314 -16.25 -9.40 -29.64
N VAL E 315 -17.49 -9.81 -29.40
CA VAL E 315 -18.15 -10.69 -30.35
C VAL E 315 -18.47 -9.93 -31.63
N PHE E 316 -18.84 -8.66 -31.52
CA PHE E 316 -19.23 -7.90 -32.71
C PHE E 316 -18.05 -7.66 -33.64
N VAL E 317 -16.87 -7.38 -33.09
CA VAL E 317 -15.70 -7.23 -33.95
C VAL E 317 -15.28 -8.59 -34.51
N PHE E 318 -15.42 -9.65 -33.71
CA PHE E 318 -15.09 -10.98 -34.20
C PHE E 318 -15.99 -11.37 -35.36
N LEU E 319 -17.29 -11.08 -35.26
CA LEU E 319 -18.19 -11.44 -36.35
C LEU E 319 -17.93 -10.59 -37.58
N ALA E 320 -17.50 -9.34 -37.41
CA ALA E 320 -17.24 -8.50 -38.57
C ALA E 320 -16.13 -9.07 -39.43
N LEU E 321 -15.03 -9.47 -38.80
CA LEU E 321 -13.96 -10.13 -39.54
C LEU E 321 -14.44 -11.46 -40.11
N LEU E 322 -15.20 -12.22 -39.33
CA LEU E 322 -15.72 -13.49 -39.81
C LEU E 322 -16.69 -13.28 -40.97
N GLU E 323 -17.34 -12.12 -41.03
CA GLU E 323 -18.26 -11.86 -42.13
C GLU E 323 -17.51 -11.78 -43.46
N TYR E 324 -16.36 -11.13 -43.48
CA TYR E 324 -15.59 -11.04 -44.72
C TYR E 324 -15.12 -12.42 -45.16
N ALA E 325 -14.68 -13.25 -44.21
CA ALA E 325 -14.23 -14.60 -44.55
C ALA E 325 -15.30 -15.37 -45.28
N PHE E 326 -16.56 -15.11 -44.96
CA PHE E 326 -17.63 -15.74 -45.73
C PHE E 326 -17.86 -15.06 -47.07
N VAL E 327 -17.61 -13.75 -47.16
CA VAL E 327 -17.75 -13.06 -48.44
C VAL E 327 -16.66 -13.46 -49.40
N ASN E 328 -15.42 -13.54 -48.91
CA ASN E 328 -14.31 -13.90 -49.78
C ASN E 328 -14.45 -15.31 -50.33
N TYR E 329 -14.88 -16.25 -49.49
CA TYR E 329 -15.02 -17.63 -49.93
C TYR E 329 -16.08 -17.78 -51.01
N ILE E 330 -17.24 -17.14 -50.81
CA ILE E 330 -18.33 -17.28 -51.78
C ILE E 330 -17.93 -16.71 -53.12
N PHE E 331 -17.28 -15.55 -53.13
CA PHE E 331 -16.86 -14.95 -54.39
C PHE E 331 -15.79 -15.78 -55.07
N PHE E 332 -14.85 -16.35 -54.30
CA PHE E 332 -13.74 -17.10 -54.87
C PHE E 332 -13.97 -18.60 -54.84
N GLY E 333 -14.18 -19.17 -53.66
CA GLY E 333 -14.31 -20.62 -53.55
C GLY E 333 -15.55 -21.15 -54.24
N ARG E 334 -16.68 -20.47 -54.07
CA ARG E 334 -17.92 -20.87 -54.71
C ARG E 334 -18.28 -19.99 -55.90
N GLY E 335 -17.33 -19.20 -56.40
CA GLY E 335 -17.59 -18.36 -57.55
C GLY E 335 -17.05 -18.94 -58.85
N VAL E 445 -22.13 -10.97 -55.69
CA VAL E 445 -22.14 -11.35 -54.28
C VAL E 445 -21.98 -10.12 -53.40
N ASN E 446 -22.37 -8.96 -53.93
CA ASN E 446 -22.37 -7.72 -53.16
C ASN E 446 -23.45 -7.71 -52.09
N ALA E 447 -24.44 -8.62 -52.17
CA ALA E 447 -25.58 -8.56 -51.27
C ALA E 447 -25.15 -8.80 -49.82
N ILE E 448 -24.30 -9.80 -49.59
CA ILE E 448 -23.94 -10.16 -48.22
C ILE E 448 -23.28 -8.98 -47.52
N ASP E 449 -22.35 -8.31 -48.19
CA ASP E 449 -21.79 -7.09 -47.63
C ASP E 449 -22.86 -6.02 -47.51
N ARG E 450 -23.72 -5.88 -48.53
CA ARG E 450 -24.76 -4.87 -48.48
C ARG E 450 -25.73 -5.13 -47.33
N TRP E 451 -26.15 -6.38 -47.19
CA TRP E 451 -27.07 -6.73 -46.10
C TRP E 451 -26.42 -6.56 -44.75
N SER E 452 -25.11 -6.73 -44.66
CA SER E 452 -24.42 -6.55 -43.39
C SER E 452 -24.21 -5.08 -43.04
N ARG E 453 -24.32 -4.17 -44.02
CA ARG E 453 -24.15 -2.76 -43.73
C ARG E 453 -25.26 -2.22 -42.84
N ILE E 454 -26.38 -2.91 -42.76
CA ILE E 454 -27.51 -2.48 -41.95
C ILE E 454 -27.63 -3.30 -40.67
N VAL E 455 -27.44 -4.62 -40.77
CA VAL E 455 -27.70 -5.49 -39.63
C VAL E 455 -26.73 -5.19 -38.49
N PHE E 456 -25.45 -5.08 -38.79
CA PHE E 456 -24.47 -4.86 -37.73
C PHE E 456 -24.72 -3.56 -36.98
N PRO E 457 -24.91 -2.40 -37.61
CA PRO E 457 -25.30 -1.22 -36.83
C PRO E 457 -26.61 -1.40 -36.11
N PHE E 458 -27.57 -2.08 -36.73
CA PHE E 458 -28.87 -2.30 -36.12
C PHE E 458 -28.74 -3.17 -34.88
N THR E 459 -28.07 -4.31 -35.03
CA THR E 459 -27.96 -5.24 -33.91
C THR E 459 -27.21 -4.62 -32.74
N PHE E 460 -26.08 -3.95 -33.02
CA PHE E 460 -25.31 -3.37 -31.94
C PHE E 460 -26.09 -2.27 -31.23
N SER E 461 -26.87 -1.50 -31.97
CA SER E 461 -27.76 -0.53 -31.34
C SER E 461 -28.79 -1.22 -30.47
N LEU E 462 -29.33 -2.34 -30.95
CA LEU E 462 -30.26 -3.12 -30.14
C LEU E 462 -29.59 -3.67 -28.90
N PHE E 463 -28.34 -4.13 -29.03
CA PHE E 463 -27.61 -4.65 -27.88
C PHE E 463 -27.44 -3.59 -26.81
N ASN E 464 -27.12 -2.36 -27.21
CA ASN E 464 -27.01 -1.27 -26.25
C ASN E 464 -28.36 -0.97 -25.61
N LEU E 465 -29.43 -1.00 -26.40
CA LEU E 465 -30.75 -0.70 -25.85
C LEU E 465 -31.14 -1.70 -24.78
N VAL E 466 -30.89 -2.98 -25.02
CA VAL E 466 -31.17 -4.00 -24.01
C VAL E 466 -30.27 -3.81 -22.80
N TYR E 467 -28.97 -3.56 -23.04
CA TYR E 467 -28.01 -3.50 -21.94
C TYR E 467 -28.32 -2.33 -21.00
N TRP E 468 -28.45 -1.13 -21.56
CA TRP E 468 -28.59 0.04 -20.70
C TRP E 468 -29.89 0.00 -19.90
N LEU E 469 -30.99 -0.41 -20.53
CA LEU E 469 -32.25 -0.49 -19.80
C LEU E 469 -32.18 -1.51 -18.67
N TYR E 470 -31.60 -2.67 -18.95
CA TYR E 470 -31.52 -3.71 -17.92
C TYR E 470 -30.66 -3.27 -16.74
N TYR E 471 -29.57 -2.57 -17.01
CA TYR E 471 -28.63 -2.18 -15.98
C TYR E 471 -28.87 -0.78 -15.45
N VAL E 472 -29.95 -0.12 -15.85
CA VAL E 472 -30.31 1.17 -15.29
C VAL E 472 -31.79 1.18 -14.88
N GLN F 1 -26.16 27.34 -15.00
CA GLN F 1 -25.05 28.29 -14.84
C GLN F 1 -24.72 28.48 -13.37
N VAL F 2 -23.43 28.62 -13.07
CA VAL F 2 -22.98 28.76 -11.69
C VAL F 2 -23.14 30.22 -11.26
N GLN F 3 -24.30 30.54 -10.69
CA GLN F 3 -24.62 31.88 -10.22
C GLN F 3 -24.74 31.86 -8.71
N LEU F 4 -23.96 32.69 -8.03
CA LEU F 4 -24.02 32.82 -6.58
C LEU F 4 -24.97 33.96 -6.25
N GLN F 5 -26.13 33.62 -5.68
CA GLN F 5 -27.16 34.58 -5.36
C GLN F 5 -27.23 34.80 -3.86
N GLU F 6 -27.36 36.06 -3.46
CA GLU F 6 -27.44 36.46 -2.06
C GLU F 6 -28.80 37.09 -1.80
N SER F 7 -29.51 36.59 -0.80
CA SER F 7 -30.84 37.04 -0.45
C SER F 7 -30.81 37.82 0.85
N GLY F 8 -31.99 38.23 1.33
CA GLY F 8 -32.07 38.96 2.57
C GLY F 8 -31.61 40.41 2.41
N GLY F 9 -31.33 41.02 3.56
CA GLY F 9 -30.85 42.39 3.58
C GLY F 9 -31.97 43.41 3.46
N GLY F 10 -31.56 44.67 3.37
CA GLY F 10 -32.50 45.76 3.24
C GLY F 10 -32.18 46.94 4.14
N LEU F 11 -33.22 47.63 4.61
CA LEU F 11 -33.07 48.77 5.52
C LEU F 11 -33.54 48.35 6.90
N VAL F 12 -32.70 48.60 7.91
CA VAL F 12 -33.01 48.26 9.29
C VAL F 12 -32.13 49.11 10.19
N GLN F 13 -32.65 49.44 11.38
CA GLN F 13 -31.90 50.23 12.35
C GLN F 13 -30.69 49.47 12.86
N SER F 423 -29.92 42.99 13.93
CA SER F 423 -30.31 41.59 13.80
C SER F 423 -30.78 41.29 12.38
N LEU F 424 -29.82 41.05 11.48
CA LEU F 424 -30.11 40.76 10.09
C LEU F 424 -29.41 39.46 9.70
N ARG F 425 -30.16 38.57 9.04
CA ARG F 425 -29.62 37.31 8.55
C ARG F 425 -29.59 37.36 7.03
N VAL F 426 -28.41 37.22 6.46
CA VAL F 426 -28.22 37.28 5.01
C VAL F 426 -27.70 35.92 4.54
N SER F 427 -28.41 35.32 3.61
CA SER F 427 -28.07 34.00 3.09
C SER F 427 -27.40 34.12 1.73
N CYS F 428 -26.83 33.01 1.27
CA CYS F 428 -26.16 32.96 -0.04
C CYS F 428 -26.36 31.55 -0.59
N ALA F 429 -27.38 31.40 -1.42
CA ALA F 429 -27.67 30.12 -2.06
C ALA F 429 -26.81 29.95 -3.30
N ALA F 430 -26.17 28.80 -3.42
CA ALA F 430 -25.28 28.50 -4.55
C ALA F 430 -25.95 27.45 -5.44
N SER F 431 -25.99 27.73 -6.73
CA SER F 431 -26.58 26.83 -7.71
C SER F 431 -25.64 26.68 -8.89
N GLY F 432 -25.70 25.51 -9.52
CA GLY F 432 -24.85 25.21 -10.66
C GLY F 432 -23.51 24.60 -10.30
N ARG F 433 -23.17 24.51 -9.02
CA ARG F 433 -21.90 23.93 -8.60
C ARG F 433 -22.06 23.41 -7.18
N THR F 434 -21.32 22.35 -6.87
CA THR F 434 -21.33 21.76 -5.53
C THR F 434 -20.08 22.22 -4.79
N PHE F 435 -20.28 23.00 -3.73
CA PHE F 435 -19.18 23.53 -2.93
C PHE F 435 -19.03 22.79 -1.61
N THR F 436 -19.21 21.46 -1.62
CA THR F 436 -19.07 20.68 -0.40
C THR F 436 -17.66 20.80 0.17
N THR F 437 -16.65 20.86 -0.69
CA THR F 437 -15.26 20.99 -0.27
C THR F 437 -14.66 22.30 -0.75
N TYR F 438 -15.42 23.39 -0.63
CA TYR F 438 -14.93 24.71 -1.00
C TYR F 438 -15.32 25.70 0.09
N ILE F 439 -14.54 26.78 0.16
CA ILE F 439 -14.69 27.78 1.21
C ILE F 439 -15.70 28.82 0.74
N MET F 440 -16.92 28.76 1.30
CA MET F 440 -17.98 29.70 0.96
C MET F 440 -17.87 30.91 1.87
N ALA F 441 -16.92 31.78 1.55
CA ALA F 441 -16.60 32.92 2.39
C ALA F 441 -17.60 34.07 2.17
N TRP F 442 -17.35 35.18 2.86
CA TRP F 442 -18.15 36.38 2.72
C TRP F 442 -17.21 37.58 2.62
N PHE F 443 -17.71 38.65 2.00
CA PHE F 443 -16.93 39.86 1.84
C PHE F 443 -17.87 41.07 1.88
N ARG F 444 -17.28 42.22 2.18
CA ARG F 444 -17.99 43.49 2.16
C ARG F 444 -17.19 44.48 1.33
N GLN F 445 -17.90 45.28 0.53
CA GLN F 445 -17.26 46.30 -0.31
C GLN F 445 -17.85 47.66 0.03
N ALA F 446 -17.08 48.47 0.75
CA ALA F 446 -17.49 49.83 1.02
C ALA F 446 -17.47 50.65 -0.27
N PRO F 447 -18.28 51.70 -0.36
CA PRO F 447 -18.32 52.48 -1.60
C PRO F 447 -17.03 53.25 -1.83
N GLY F 448 -16.21 52.77 -2.76
CA GLY F 448 -15.00 53.45 -3.16
C GLY F 448 -13.79 53.21 -2.27
N LYS F 449 -13.97 52.61 -1.10
CA LYS F 449 -12.85 52.46 -0.17
C LYS F 449 -11.99 51.25 -0.51
N GLU F 450 -12.57 50.05 -0.38
CA GLU F 450 -11.84 48.80 -0.59
C GLU F 450 -12.77 47.61 -0.45
N ARG F 451 -12.24 46.41 -0.65
CA ARG F 451 -12.96 45.17 -0.37
C ARG F 451 -12.33 44.52 0.84
N GLU F 452 -13.17 44.12 1.81
CA GLU F 452 -12.72 43.67 3.11
C GLU F 452 -13.26 42.28 3.41
N PHE F 453 -12.44 41.47 4.08
CA PHE F 453 -12.85 40.14 4.49
C PHE F 453 -13.84 40.21 5.64
N LEU F 454 -14.81 39.30 5.64
CA LEU F 454 -15.80 39.21 6.70
C LEU F 454 -15.77 37.88 7.44
N ALA F 455 -15.89 36.77 6.73
CA ALA F 455 -15.98 35.46 7.36
C ALA F 455 -15.69 34.38 6.32
N ALA F 456 -15.57 33.15 6.81
CA ALA F 456 -15.35 32.01 5.94
C ALA F 456 -15.73 30.74 6.71
N MET F 457 -15.91 29.66 5.96
CA MET F 457 -16.18 28.36 6.57
C MET F 457 -15.81 27.27 5.56
N ASP F 458 -14.71 26.57 5.81
CA ASP F 458 -14.26 25.52 4.91
C ASP F 458 -15.04 24.24 5.18
N GLN F 459 -14.56 23.13 4.63
CA GLN F 459 -15.25 21.85 4.79
C GLN F 459 -15.35 21.45 6.26
N GLY F 460 -14.26 21.62 7.00
CA GLY F 460 -14.23 21.18 8.38
C GLY F 460 -14.92 22.10 9.36
N ARG F 461 -15.86 22.90 8.88
CA ARG F 461 -16.70 23.79 9.68
C ARG F 461 -15.90 24.86 10.41
N ILE F 462 -14.62 25.04 10.09
CA ILE F 462 -13.81 26.04 10.76
C ILE F 462 -14.30 27.42 10.37
N GLN F 463 -14.59 28.25 11.37
CA GLN F 463 -15.12 29.58 11.13
C GLN F 463 -14.02 30.61 11.34
N TYR F 464 -13.82 31.47 10.34
CA TYR F 464 -12.87 32.55 10.41
C TYR F 464 -13.62 33.88 10.45
N TYR F 465 -13.04 34.88 11.09
CA TYR F 465 -13.68 36.17 11.23
C TYR F 465 -12.65 37.29 11.12
N GLY F 466 -13.12 38.46 10.72
CA GLY F 466 -12.26 39.62 10.62
C GLY F 466 -12.18 40.35 11.95
N ASP F 467 -10.95 40.78 12.29
CA ASP F 467 -10.73 41.44 13.57
C ASP F 467 -11.48 42.75 13.68
N SER F 468 -11.85 43.36 12.56
CA SER F 468 -12.59 44.62 12.61
C SER F 468 -13.95 44.45 13.26
N VAL F 469 -14.67 43.38 12.89
CA VAL F 469 -16.01 43.14 13.42
C VAL F 469 -16.09 41.77 14.07
N ARG F 470 -14.98 41.31 14.65
CA ARG F 470 -14.97 40.03 15.33
C ARG F 470 -15.95 40.02 16.49
N GLY F 471 -16.70 38.93 16.63
CA GLY F 471 -17.70 38.81 17.66
C GLY F 471 -19.03 39.45 17.37
N ARG F 472 -19.21 40.01 16.16
CA ARG F 472 -20.46 40.65 15.79
C ARG F 472 -21.21 39.92 14.68
N PHE F 473 -20.49 39.23 13.79
CA PHE F 473 -21.10 38.57 12.64
C PHE F 473 -20.94 37.06 12.79
N THR F 474 -22.03 36.34 12.54
CA THR F 474 -22.04 34.88 12.62
C THR F 474 -22.26 34.30 11.23
N ILE F 475 -21.44 33.31 10.87
CA ILE F 475 -21.49 32.68 9.56
C ILE F 475 -21.88 31.22 9.74
N SER F 476 -22.84 30.76 8.96
CA SER F 476 -23.28 29.37 9.00
C SER F 476 -23.48 28.85 7.59
N ARG F 477 -23.14 27.59 7.37
CA ARG F 477 -23.30 26.94 6.07
C ARG F 477 -24.24 25.76 6.20
N ASP F 478 -25.19 25.66 5.27
CA ASP F 478 -26.05 24.48 5.15
C ASP F 478 -25.43 23.61 4.06
N TYR F 479 -24.57 22.68 4.49
CA TYR F 479 -23.87 21.84 3.54
C TYR F 479 -24.82 21.03 2.66
N ALA F 480 -25.99 20.66 3.20
CA ALA F 480 -26.97 19.95 2.39
C ALA F 480 -27.50 20.83 1.26
N LYS F 481 -27.78 22.10 1.56
CA LYS F 481 -28.31 23.03 0.57
C LYS F 481 -27.22 23.77 -0.20
N ASN F 482 -25.95 23.53 0.14
CA ASN F 482 -24.83 24.20 -0.51
C ASN F 482 -24.97 25.72 -0.43
N SER F 483 -25.37 26.21 0.75
CA SER F 483 -25.59 27.63 0.96
C SER F 483 -24.92 28.08 2.24
N VAL F 484 -24.45 29.32 2.24
CA VAL F 484 -23.78 29.92 3.40
C VAL F 484 -24.63 31.10 3.88
N ASP F 485 -24.94 31.12 5.16
CA ASP F 485 -25.79 32.16 5.75
C ASP F 485 -24.95 33.01 6.70
N LEU F 486 -24.98 34.32 6.48
CA LEU F 486 -24.23 35.28 7.28
C LEU F 486 -25.19 36.07 8.16
N GLN F 487 -24.90 36.13 9.45
CA GLN F 487 -25.74 36.82 10.42
C GLN F 487 -25.10 38.14 10.80
N LEU F 488 -25.88 39.22 10.76
CA LEU F 488 -25.42 40.56 11.09
C LEU F 488 -26.04 40.96 12.42
N ASP F 489 -25.19 41.19 13.43
CA ASP F 489 -25.64 41.60 14.76
C ASP F 489 -24.84 42.81 15.21
N GLY F 490 -25.47 43.66 16.01
CA GLY F 490 -24.84 44.88 16.46
C GLY F 490 -24.53 45.83 15.31
N LEU F 491 -25.51 46.02 14.44
CA LEU F 491 -25.30 46.83 13.25
C LEU F 491 -25.00 48.28 13.60
N ARG F 492 -24.13 48.89 12.81
CA ARG F 492 -23.69 50.27 12.98
C ARG F 492 -23.79 50.99 11.63
N PRO F 493 -23.91 52.32 11.64
CA PRO F 493 -23.96 53.05 10.36
C PRO F 493 -22.74 52.83 9.49
N GLU F 494 -21.59 52.50 10.08
CA GLU F 494 -20.39 52.22 9.31
C GLU F 494 -20.49 50.94 8.48
N ASP F 495 -21.50 50.11 8.74
CA ASP F 495 -21.65 48.84 8.06
C ASP F 495 -22.47 48.93 6.78
N THR F 496 -22.91 50.14 6.41
CA THR F 496 -23.71 50.31 5.20
C THR F 496 -22.85 50.14 3.96
N ALA F 497 -22.84 48.93 3.41
CA ALA F 497 -22.06 48.65 2.21
C ALA F 497 -22.62 47.41 1.54
N VAL F 498 -22.26 47.24 0.26
CA VAL F 498 -22.71 46.08 -0.48
C VAL F 498 -21.93 44.85 -0.02
N TYR F 499 -22.63 43.82 0.40
CA TYR F 499 -22.02 42.59 0.87
C TYR F 499 -21.97 41.56 -0.24
N TYR F 500 -20.82 40.91 -0.38
CA TYR F 500 -20.59 39.94 -1.45
C TYR F 500 -20.27 38.58 -0.88
N CYS F 501 -20.81 37.54 -1.51
CA CYS F 501 -20.59 36.15 -1.13
C CYS F 501 -19.73 35.48 -2.19
N ALA F 502 -18.56 34.98 -1.80
CA ALA F 502 -17.61 34.41 -2.74
C ALA F 502 -17.24 33.00 -2.31
N ALA F 503 -16.90 32.17 -3.29
CA ALA F 503 -16.51 30.79 -3.06
C ALA F 503 -15.24 30.48 -3.83
N GLY F 504 -14.44 29.58 -3.28
CA GLY F 504 -13.19 29.19 -3.92
C GLY F 504 -12.39 28.29 -3.01
N ALA F 505 -11.21 27.93 -3.50
CA ALA F 505 -10.29 27.10 -2.74
C ALA F 505 -9.37 27.91 -1.84
N GLY F 506 -9.42 29.23 -1.93
CA GLY F 506 -8.60 30.07 -1.07
C GLY F 506 -7.11 29.91 -1.26
N PHE F 507 -6.67 29.76 -2.51
CA PHE F 507 -5.25 29.64 -2.79
C PHE F 507 -4.54 30.95 -2.46
N TRP F 508 -3.29 30.83 -1.99
CA TRP F 508 -2.53 31.97 -1.48
C TRP F 508 -3.28 32.68 -0.36
N GLY F 509 -3.87 31.89 0.52
CA GLY F 509 -4.64 32.44 1.63
C GLY F 509 -6.11 32.60 1.28
N LEU F 510 -6.95 32.44 2.30
CA LEU F 510 -8.40 32.56 2.12
C LEU F 510 -8.94 33.93 2.52
N ARG F 511 -8.08 34.86 2.89
CA ARG F 511 -8.49 36.22 3.20
C ARG F 511 -8.23 37.19 2.05
N THR F 512 -7.86 36.69 0.88
CA THR F 512 -7.63 37.50 -0.31
C THR F 512 -8.76 37.30 -1.29
N ALA F 513 -9.24 38.41 -1.88
CA ALA F 513 -10.37 38.34 -2.79
C ALA F 513 -10.04 37.52 -4.03
N SER F 514 -8.83 37.66 -4.55
CA SER F 514 -8.43 36.95 -5.76
C SER F 514 -8.36 35.44 -5.57
N SER F 515 -8.39 34.95 -4.33
CA SER F 515 -8.28 33.52 -4.09
C SER F 515 -9.55 32.75 -4.43
N TYR F 516 -10.69 33.45 -4.57
CA TYR F 516 -11.96 32.80 -4.79
C TYR F 516 -12.36 32.93 -6.25
N HIS F 517 -12.67 31.79 -6.88
CA HIS F 517 -13.02 31.79 -8.29
C HIS F 517 -14.41 32.38 -8.50
N TYR F 518 -15.43 31.75 -7.93
CA TYR F 518 -16.80 32.19 -8.12
C TYR F 518 -17.13 33.33 -7.16
N TRP F 519 -17.93 34.29 -7.64
CA TRP F 519 -18.29 35.45 -6.86
C TRP F 519 -19.78 35.71 -6.99
N GLY F 520 -20.36 36.27 -5.91
CA GLY F 520 -21.77 36.55 -5.89
C GLY F 520 -22.13 37.90 -6.49
N GLN F 521 -23.42 38.05 -6.78
CA GLN F 521 -23.91 39.31 -7.34
C GLN F 521 -23.76 40.46 -6.35
N GLY F 522 -24.06 40.20 -5.08
CA GLY F 522 -23.94 41.22 -4.05
C GLY F 522 -25.27 41.83 -3.70
N THR F 523 -25.40 42.19 -2.42
CA THR F 523 -26.62 42.82 -1.91
C THR F 523 -26.24 43.99 -1.03
N GLN F 524 -26.92 45.12 -1.23
CA GLN F 524 -26.65 46.35 -0.50
C GLN F 524 -27.59 46.46 0.70
N VAL F 525 -27.01 46.74 1.87
CA VAL F 525 -27.77 46.90 3.11
C VAL F 525 -27.55 48.31 3.62
N THR F 526 -28.64 49.02 3.88
CA THR F 526 -28.59 50.39 4.37
C THR F 526 -28.86 50.40 5.87
N VAL F 527 -27.94 50.99 6.62
CA VAL F 527 -28.04 51.07 8.07
C VAL F 527 -28.03 52.54 8.47
N SER F 528 -29.04 52.96 9.23
CA SER F 528 -29.14 54.33 9.70
C SER F 528 -29.53 54.32 11.17
N SER F 529 -29.01 55.31 11.91
CA SER F 529 -29.31 55.44 13.33
C SER F 529 -29.20 56.89 13.78
C1 NAG G . 9.14 3.69 22.16
C2 NAG G . 9.34 2.96 23.49
C3 NAG G . 9.03 1.47 23.32
C4 NAG G . 7.62 1.31 22.77
C5 NAG G . 7.46 2.12 21.48
C6 NAG G . 6.04 2.11 20.96
C7 NAG G . 10.95 3.75 25.15
C8 NAG G . 12.40 3.87 25.52
N2 NAG G . 10.69 3.15 23.99
O3 NAG G . 9.16 0.83 24.58
O4 NAG G . 7.35 -0.06 22.48
O5 NAG G . 7.79 3.49 21.71
O6 NAG G . 5.91 2.91 19.80
O7 NAG G . 10.05 4.17 25.88
C1 NAG G . 6.64 -0.68 23.58
C2 NAG G . 5.73 -1.78 23.06
C3 NAG G . 5.04 -2.49 24.22
C4 NAG G . 6.05 -2.96 25.25
C5 NAG G . 6.93 -1.79 25.68
C6 NAG G . 8.04 -2.18 26.63
C7 NAG G . 4.96 -1.12 20.82
C8 NAG G . 3.83 -0.51 20.03
N2 NAG G . 4.74 -1.23 22.14
O3 NAG G . 4.30 -3.61 23.71
O4 NAG G . 5.35 -3.44 26.39
O5 NAG G . 7.57 -1.22 24.52
O6 NAG G . 8.79 -1.05 27.05
O7 NAG G . 6.00 -1.49 20.29
C1 BMA G . 5.80 -4.76 26.79
C2 BMA G . 5.24 -5.02 28.18
C3 BMA G . 5.64 -6.41 28.67
C4 BMA G . 5.23 -7.45 27.65
C5 BMA G . 5.81 -7.10 26.29
C6 BMA G . 5.41 -8.04 25.19
O2 BMA G . 3.81 -4.90 28.16
O3 BMA G . 5.02 -6.67 29.93
O4 BMA G . 5.71 -8.74 28.04
O5 BMA G . 5.36 -5.79 25.90
O6 BMA G . 4.79 -7.35 24.11
C1 MAN G . 5.96 -7.28 30.85
C2 MAN G . 5.21 -7.58 32.14
C3 MAN G . 4.83 -6.30 32.85
C4 MAN G . 6.06 -5.43 33.07
C5 MAN G . 6.76 -5.18 31.74
C6 MAN G . 8.06 -4.41 31.88
O2 MAN G . 6.01 -8.39 33.00
O3 MAN G . 4.22 -6.59 34.11
O4 MAN G . 5.68 -4.17 33.63
O5 MAN G . 7.10 -6.44 31.13
O6 MAN G . 7.83 -3.12 32.42
C1 MAN G . 6.22 -9.69 32.42
C2 MAN G . 6.64 -10.68 33.51
C3 MAN G . 6.76 -12.11 32.99
C4 MAN G . 5.62 -12.51 32.06
C5 MAN G . 5.38 -11.42 31.03
C6 MAN G . 4.20 -11.72 30.12
O2 MAN G . 5.89 -10.55 34.72
O3 MAN G . 6.83 -13.03 34.09
O4 MAN G . 5.92 -13.73 31.40
O5 MAN G . 5.09 -10.18 31.70
O6 MAN G . 3.01 -11.89 30.88
C1 MAN G . 4.46 -10.76 34.66
C2 MAN G . 4.06 -11.64 35.83
C3 MAN G . 2.56 -11.91 35.79
C4 MAN G . 1.79 -10.60 35.72
C5 MAN G . 2.28 -9.76 34.55
C6 MAN G . 1.66 -8.38 34.51
O2 MAN G . 4.39 -10.99 37.06
O3 MAN G . 2.16 -12.65 36.94
O4 MAN G . 0.40 -10.87 35.53
O5 MAN G . 3.71 -9.55 34.68
O6 MAN G . 1.96 -7.63 35.68
C1 MAN G . 3.83 -8.24 23.51
C2 MAN G . 3.42 -7.70 22.16
C3 MAN G . 2.72 -6.36 22.31
C4 MAN G . 1.56 -6.49 23.28
C5 MAN G . 2.03 -7.11 24.59
C6 MAN G . 0.90 -7.41 25.56
O2 MAN G . 2.54 -8.61 21.51
O3 MAN G . 2.26 -5.94 21.03
O4 MAN G . 0.99 -5.21 23.54
O5 MAN G . 2.68 -8.36 24.34
O6 MAN G . 1.29 -8.32 26.57
C1 MAN G . 0.06 -8.59 27.30
C2 MAN G . 0.31 -8.68 28.81
C3 MAN G . 1.16 -9.91 29.13
C4 MAN G . 0.50 -11.18 28.59
C5 MAN G . 0.22 -11.02 27.10
C6 MAN G . -0.66 -12.13 26.57
O2 MAN G . -0.95 -8.75 29.47
O3 MAN G . 1.35 -10.01 30.53
O4 MAN G . 1.34 -12.32 28.85
O5 MAN G . -0.54 -9.82 26.85
O6 MAN G . -1.97 -12.07 27.11
C1 MAN G . -1.47 -7.43 29.77
C2 MAN G . -2.60 -7.60 30.81
C3 MAN G . -3.82 -8.26 30.17
C4 MAN G . -4.25 -7.48 28.94
C5 MAN G . -3.07 -7.36 27.97
C6 MAN G . -3.40 -6.53 26.75
O2 MAN G . -2.96 -6.33 31.34
O3 MAN G . -4.89 -8.30 31.11
O4 MAN G . -5.32 -8.18 28.28
O5 MAN G . -1.97 -6.72 28.63
O6 MAN G . -2.29 -6.49 25.85
C1 MAN G . 3.20 -5.03 20.42
C2 MAN G . 2.45 -4.26 19.34
C3 MAN G . 2.04 -5.21 18.22
C4 MAN G . 3.27 -5.89 17.66
C5 MAN G . 4.02 -6.62 18.78
C6 MAN G . 5.33 -7.22 18.32
O2 MAN G . 3.30 -3.25 18.81
O3 MAN G . 1.36 -4.49 17.19
O4 MAN G . 2.90 -6.83 16.67
O5 MAN G . 4.34 -5.69 19.83
O6 MAN G . 5.97 -7.93 19.36
C1 NAG H . 37.37 -5.16 29.33
C2 NAG H . 38.54 -6.06 28.98
C3 NAG H . 39.78 -5.21 28.68
C4 NAG H . 39.46 -4.18 27.62
C5 NAG H . 38.25 -3.35 28.04
C6 NAG H . 37.80 -2.36 27.00
C7 NAG H . 38.56 -8.31 29.96
C8 NAG H . 38.90 -9.14 31.16
N2 NAG H . 38.81 -7.00 30.05
O3 NAG H . 40.84 -6.06 28.24
O4 NAG H . 40.58 -3.32 27.42
O5 NAG H . 37.14 -4.22 28.28
O6 NAG H . 37.44 -3.01 25.78
O7 NAG H . 38.09 -8.80 28.94
C1 NAG H . 40.98 -3.36 26.03
C2 NAG H . 42.33 -2.66 25.89
C3 NAG H . 42.79 -2.71 24.44
C4 NAG H . 42.79 -4.14 23.93
C5 NAG H . 41.41 -4.77 24.15
C6 NAG H . 41.36 -6.23 23.77
C7 NAG H . 42.58 -0.96 27.63
C8 NAG H . 42.46 0.51 27.96
N2 NAG H . 42.26 -1.30 26.38
O3 NAG H . 44.10 -2.15 24.34
O4 NAG H . 43.10 -4.16 22.54
O5 NAG H . 41.07 -4.69 25.54
O6 NAG H . 42.24 -7.00 24.57
O7 NAG H . 42.95 -1.78 28.46
C1 NAG I . 26.71 14.52 0.97
C2 NAG I . 28.19 14.14 1.03
C3 NAG I . 28.79 14.59 2.36
C4 NAG I . 28.53 16.07 2.58
C5 NAG I . 27.03 16.37 2.43
C6 NAG I . 26.72 17.85 2.50
C7 NAG I . 29.55 12.18 0.47
C8 NAG I . 29.56 10.68 0.33
N2 NAG I . 28.38 12.72 0.84
O3 NAG I . 30.20 14.35 2.35
O4 NAG I . 28.92 16.43 3.90
O5 NAG I . 26.57 15.92 1.16
O6 NAG I . 27.46 18.57 1.52
O7 NAG I . 30.54 12.86 0.27
C1 NAG I . 29.97 17.40 3.90
C2 NAG I . 29.76 18.27 5.14
C3 NAG I . 30.87 19.29 5.27
C4 NAG I . 32.22 18.59 5.26
C5 NAG I . 32.33 17.75 3.99
C6 NAG I . 33.61 16.94 3.92
C7 NAG I . 27.66 19.06 6.14
C8 NAG I . 26.36 19.76 5.91
N2 NAG I . 28.46 18.93 5.08
O3 NAG I . 30.71 20.00 6.49
O4 NAG I . 33.28 19.55 5.29
O5 NAG I . 31.26 16.80 3.95
O6 NAG I . 33.68 15.97 4.95
O7 NAG I . 27.98 18.63 7.25
C1 BMA I . 34.04 19.35 6.50
C2 BMA I . 35.40 20.02 6.30
C3 BMA I . 36.24 19.84 7.55
C4 BMA I . 35.50 20.36 8.77
C5 BMA I . 34.12 19.73 8.85
C6 BMA I . 33.27 20.34 9.96
O2 BMA I . 35.22 21.40 6.02
O3 BMA I . 37.48 20.52 7.40
O4 BMA I . 36.22 20.09 9.96
O5 BMA I . 33.40 19.94 7.63
O6 BMA I . 33.38 21.75 9.91
C1 MAN I . 32.71 22.36 11.03
C2 MAN I . 32.70 23.86 10.77
C3 MAN I . 34.13 24.39 10.78
C4 MAN I . 34.79 24.04 12.10
C5 MAN I . 34.73 22.54 12.32
C6 MAN I . 35.25 22.11 13.68
O2 MAN I . 31.92 24.51 11.76
O3 MAN I . 34.13 25.80 10.56
O4 MAN I . 36.16 24.45 12.07
O5 MAN I . 33.36 22.09 12.27
O6 MAN I . 36.62 22.50 13.85
C1 MAN I . 34.53 26.01 9.19
C2 MAN I . 35.19 27.38 9.08
C3 MAN I . 34.17 28.48 9.36
C4 MAN I . 32.94 28.30 8.48
C5 MAN I . 32.38 26.89 8.63
C6 MAN I . 31.22 26.60 7.69
O2 MAN I . 35.72 27.54 7.77
O3 MAN I . 34.75 29.76 9.15
O4 MAN I . 31.93 29.24 8.84
O5 MAN I . 33.41 25.93 8.31
O6 MAN I . 30.75 25.28 7.86
C1 MAN I . 38.47 19.61 6.89
C2 MAN I . 39.82 19.99 7.45
C3 MAN I . 40.24 21.36 6.94
C4 MAN I . 40.18 21.41 5.42
C5 MAN I . 38.80 20.97 4.94
C6 MAN I . 38.70 20.88 3.44
O2 MAN I . 40.80 19.02 7.07
O3 MAN I . 41.56 21.67 7.39
O4 MAN I . 40.44 22.72 4.96
O5 MAN I . 38.50 19.66 5.46
O6 MAN I . 38.96 22.14 2.83
C1 NAG J . -6.73 -2.63 25.35
C2 NAG J . -5.22 -2.48 25.54
C3 NAG J . -4.87 -2.65 27.02
C4 NAG J . -5.70 -1.69 27.87
C5 NAG J . -7.19 -1.86 27.55
C6 NAG J . -8.06 -0.85 28.26
C7 NAG J . -3.70 -3.08 23.72
C8 NAG J . -3.02 -4.21 22.98
N2 NAG J . -4.49 -3.44 24.73
O3 NAG J . -3.49 -2.39 27.21
O4 NAG J . -5.52 -1.99 29.25
O5 NAG J . -7.41 -1.67 26.14
O6 NAG J . -7.78 0.48 27.84
O7 NAG J . -3.54 -1.91 23.41
C1 NAG J . -4.67 -1.01 29.85
C2 NAG J . -5.06 -0.85 31.33
C3 NAG J . -4.15 0.15 32.01
C4 NAG J . -2.70 -0.28 31.84
C5 NAG J . -2.39 -0.44 30.35
C6 NAG J . -0.99 -0.96 30.09
C7 NAG J . -7.25 -0.88 32.43
C8 NAG J . -8.66 -0.37 32.41
N2 NAG J . -6.46 -0.45 31.44
O3 NAG J . -4.47 0.22 33.40
O4 NAG J . -1.82 0.68 32.41
O5 NAG J . -3.29 -1.39 29.77
O6 NAG J . -0.76 -1.15 28.70
O7 NAG J . -6.85 -1.64 33.32
C1 BMA J . -1.21 0.08 33.56
C2 BMA J . 0.16 0.72 33.80
C3 BMA J . 0.81 0.12 35.03
C4 BMA J . -0.11 0.22 36.23
C5 BMA J . -1.47 -0.37 35.90
C6 BMA J . -2.48 -0.19 37.01
O2 BMA J . 0.00 2.13 33.96
O3 BMA J . 2.06 0.78 35.30
O4 BMA J . 0.45 -0.46 37.34
O5 BMA J . -2.01 0.25 34.73
O6 BMA J . -2.75 1.19 37.25
C1 MAN J . 2.94 0.63 34.18
C2 MAN J . 4.22 -0.06 34.65
C3 MAN J . 4.97 0.83 35.63
C4 MAN J . 5.20 2.21 35.04
C5 MAN J . 3.87 2.80 34.57
C6 MAN J . 4.04 4.13 33.86
O2 MAN J . 5.05 -0.35 33.52
O3 MAN J . 6.22 0.23 35.98
O4 MAN J . 5.77 3.08 36.03
O5 MAN J . 3.26 1.90 33.62
O6 MAN J . 2.77 4.67 33.48
C1 MAN J . -2.78 1.41 38.67
C2 MAN J . -3.96 2.33 38.98
C3 MAN J . -3.74 3.71 38.37
C4 MAN J . -2.40 4.26 38.80
C5 MAN J . -1.28 3.26 38.50
C6 MAN J . 0.06 3.72 39.01
O2 MAN J . -4.11 2.45 40.39
O3 MAN J . -4.80 4.58 38.74
O4 MAN J . -2.13 5.48 38.11
O5 MAN J . -1.57 2.01 39.13
O6 MAN J . 0.04 3.88 40.43
C1 NAG K . -22.88 21.59 31.20
C2 NAG K . -23.08 23.07 30.92
C3 NAG K . -24.57 23.38 30.78
C4 NAG K . -25.19 22.48 29.72
C5 NAG K . -24.89 21.01 30.04
C6 NAG K . -25.37 20.07 28.97
C7 NAG K . -21.99 25.10 31.74
C8 NAG K . -21.41 25.81 32.93
N2 NAG K . -22.48 23.88 31.97
O3 NAG K . -24.73 24.74 30.41
O4 NAG K . -26.59 22.68 29.67
O5 NAG K . -23.48 20.82 30.16
O6 NAG K . -24.73 20.33 27.73
O7 NAG K . -22.00 25.62 30.62
C1 NAG K . -26.95 23.20 28.38
C2 NAG K . -28.38 22.80 28.06
C3 NAG K . -28.80 23.37 26.71
C4 NAG K . -28.60 24.87 26.71
C5 NAG K . -27.16 25.21 27.09
C6 NAG K . -26.93 26.69 27.21
C7 NAG K . -29.00 20.67 29.13
C8 NAG K . -29.09 19.18 28.97
N2 NAG K . -28.53 21.34 28.07
O3 NAG K . -30.17 23.05 26.46
O4 NAG K . -28.88 25.40 25.41
O5 NAG K . -26.84 24.63 28.36
O6 NAG K . -27.74 27.26 28.23
O7 NAG K . -29.35 21.24 30.16
C1 NAG L . -28.63 -1.37 4.20
C2 NAG L . -29.70 -0.28 4.32
C3 NAG L . -30.31 -0.29 5.71
C4 NAG L . -30.80 -1.69 6.07
C5 NAG L . -29.68 -2.70 5.87
C6 NAG L . -30.12 -4.13 6.09
C7 NAG L . -29.86 2.13 3.84
C8 NAG L . -29.08 3.39 3.56
N2 NAG L . -29.12 1.03 4.02
O3 NAG L . -31.40 0.62 5.76
O4 NAG L . -31.19 -1.72 7.43
O5 NAG L . -29.20 -2.63 4.52
O6 NAG L . -31.17 -4.49 5.21
O7 NAG L . -31.08 2.11 3.89
C1 NAG L . -32.61 -1.84 7.57
C2 NAG L . -32.87 -2.46 8.93
C3 NAG L . -34.37 -2.58 9.17
C4 NAG L . -35.03 -1.22 9.01
C5 NAG L . -34.70 -0.65 7.63
C6 NAG L . -35.24 0.73 7.42
C7 NAG L . -31.71 -4.23 10.17
C8 NAG L . -31.07 -5.58 10.11
N2 NAG L . -32.24 -3.76 9.04
O3 NAG L . -34.61 -3.08 10.49
O4 NAG L . -36.45 -1.32 9.15
O5 NAG L . -33.27 -0.57 7.48
O6 NAG L . -34.80 1.62 8.44
O7 NAG L . -31.74 -3.57 11.22
C1 BMA L . -36.82 -0.65 10.37
C2 BMA L . -38.32 -0.42 10.35
C3 BMA L . -38.78 0.26 11.63
C4 BMA L . -38.28 -0.52 12.85
C5 BMA L . -36.78 -0.78 12.76
C6 BMA L . -36.29 -1.69 13.85
O2 BMA L . -39.00 -1.68 10.21
O3 BMA L . -40.20 0.33 11.68
O4 BMA L . -38.56 0.22 14.04
O5 BMA L . -36.48 -1.42 11.52
O6 BMA L . -37.12 -2.85 13.93
C1 MAN L . -37.05 -3.41 15.26
C2 MAN L . -37.79 -4.74 15.23
C3 MAN L . -39.28 -4.51 14.99
C4 MAN L . -39.84 -3.55 16.02
C5 MAN L . -39.03 -2.26 16.01
C6 MAN L . -39.45 -1.28 17.09
O2 MAN L . -37.60 -5.42 16.46
O3 MAN L . -39.99 -5.74 15.01
O4 MAN L . -41.20 -3.26 15.73
O5 MAN L . -37.64 -2.54 16.24
O6 MAN L . -38.70 -0.08 17.02
C1 MAN L . -40.67 -5.86 13.75
C2 MAN L . -42.02 -6.52 14.00
C3 MAN L . -41.82 -7.94 14.52
C4 MAN L . -40.92 -8.73 13.57
C5 MAN L . -39.62 -7.97 13.34
C6 MAN L . -38.73 -8.63 12.31
O2 MAN L . -42.78 -6.54 12.80
O3 MAN L . -43.08 -8.60 14.65
O4 MAN L . -40.62 -10.01 14.13
O5 MAN L . -39.91 -6.65 12.84
O6 MAN L . -38.36 -9.95 12.71
C1 MAN L . -40.68 1.17 10.62
C2 MAN L . -41.02 2.53 11.20
C3 MAN L . -42.16 2.40 12.20
C4 MAN L . -43.35 1.70 11.56
C5 MAN L . -42.90 0.37 10.96
C6 MAN L . -44.01 -0.34 10.20
O2 MAN L . -41.39 3.43 10.15
O3 MAN L . -42.55 3.68 12.67
O4 MAN L . -44.36 1.45 12.53
O5 MAN L . -41.84 0.60 10.02
O6 MAN L . -43.55 -1.58 9.68
C1 NAG M . 24.54 -30.56 12.79
C2 NAG M . 26.04 -30.61 13.08
C3 NAG M . 26.46 -32.04 13.42
C4 NAG M . 25.62 -32.55 14.57
C5 NAG M . 24.14 -32.45 14.22
C6 NAG M . 23.23 -32.87 15.35
C7 NAG M . 28.03 -29.62 12.05
C8 NAG M . 28.68 -29.16 10.77
N2 NAG M . 26.80 -30.11 11.94
O3 NAG M . 27.84 -32.05 13.77
O4 NAG M . 25.95 -33.91 14.84
O5 NAG M . 23.82 -31.09 13.91
O6 NAG M . 21.88 -33.00 14.92
O7 NAG M . 28.61 -29.56 13.13
C1 D10 N . 11.17 -24.29 -40.16
C2 D10 N . 10.35 -23.26 -40.90
C3 D10 N . 9.40 -23.89 -41.90
C4 D10 N . 8.64 -22.89 -42.76
C5 D10 N . 7.83 -23.53 -43.86
C6 D10 N . 8.66 -24.44 -44.76
C7 D10 N . 7.85 -25.22 -45.78
C8 D10 N . 8.69 -26.19 -46.59
C9 D10 N . 7.91 -27.02 -47.58
C10 D10 N . 8.77 -28.00 -48.34
#